data_2XTD
# 
_entry.id   2XTD 
# 
_audit_conform.dict_name       mmcif_pdbx.dic 
_audit_conform.dict_version    5.383 
_audit_conform.dict_location   http://mmcif.pdb.org/dictionaries/ascii/mmcif_pdbx.dic 
# 
loop_
_database_2.database_id 
_database_2.database_code 
_database_2.pdbx_database_accession 
_database_2.pdbx_DOI 
PDB   2XTD         pdb_00002xtd 10.2210/pdb2xtd/pdb 
PDBE  EBI-45694    ?            ?                   
WWPDB D_1290045694 ?            ?                   
# 
loop_
_pdbx_database_related.db_name 
_pdbx_database_related.db_id 
_pdbx_database_related.content_type 
_pdbx_database_related.details 
PDB 2XTC unspecified 'STRUCTURE OF THE TBL1 TETRAMERISATION DOMAIN' 
PDB 2XTE unspecified 'STRUCTURE OF THE TBL1 TETRAMERISATION DOMAIN' 
# 
_pdbx_database_status.status_code                     REL 
_pdbx_database_status.entry_id                        2XTD 
_pdbx_database_status.deposit_site                    PDBE 
_pdbx_database_status.process_site                    PDBE 
_pdbx_database_status.SG_entry                        . 
_pdbx_database_status.recvd_initial_deposition_date   2010-10-06 
_pdbx_database_status.pdb_format_compatible           Y 
_pdbx_database_status.status_code_sf                  REL 
_pdbx_database_status.status_code_mr                  ? 
_pdbx_database_status.status_code_cs                  ? 
_pdbx_database_status.methods_development_category    ? 
_pdbx_database_status.status_code_nmr_data            ? 
# 
loop_
_audit_author.name 
_audit_author.pdbx_ordinal 
'Oberoi, J.'      1 
'Fairall, L.'     2 
'Watson, P.J.'    3 
'Greenwood, J.A.' 4 
'Schwabe, J.W.R.' 5 
# 
_citation.id                        primary 
_citation.title                     'Structural Basis for the Assembly of the Smrt/Ncor Core Transcriptional Repression Machinery.' 
_citation.journal_abbrev            Nat.Struct.Mol.Biol. 
_citation.journal_volume            18 
_citation.page_first                177 
_citation.page_last                 ? 
_citation.year                      2011 
_citation.journal_id_ASTM           ? 
_citation.country                   US 
_citation.journal_id_ISSN           1545-9993 
_citation.journal_id_CSD            ? 
_citation.book_publisher            ? 
_citation.pdbx_database_id_PubMed   21240272 
_citation.pdbx_database_id_DOI      10.1038/NSMB.1983 
# 
loop_
_citation_author.citation_id 
_citation_author.name 
_citation_author.ordinal 
_citation_author.identifier_ORCID 
primary 'Oberoi, J.'         1  ? 
primary 'Fairall, L.'        2  ? 
primary 'Watson, P.J.'       3  ? 
primary 'Yang, J.C.'         4  ? 
primary 'Czimmerer, Z.'      5  ? 
primary 'Kampmann, T.'       6  ? 
primary 'Goult, B.T.'        7  ? 
primary 'Greenwood, J.A.'    8  ? 
primary 'Gooch, J.T.'        9  ? 
primary 'Kallenberger, B.C.' 10 ? 
primary 'Nagy, L.'           11 ? 
primary 'Neuhaus, D.'        12 ? 
primary 'Schwabe, J.W.R.'    13 ? 
# 
_cell.entry_id           2XTD 
_cell.length_a           47.886 
_cell.length_b           47.886 
_cell.length_c           153.811 
_cell.angle_alpha        90.00 
_cell.angle_beta         90.00 
_cell.angle_gamma        120.00 
_cell.Z_PDB              12 
_cell.pdbx_unique_axis   ? 
# 
_symmetry.entry_id                         2XTD 
_symmetry.space_group_name_H-M             'P 32 1 2' 
_symmetry.pdbx_full_space_group_name_H-M   ? 
_symmetry.cell_setting                     ? 
_symmetry.Int_Tables_number                153 
# 
_entity.id                         1 
_entity.type                       polymer 
_entity.src_method                 man 
_entity.pdbx_description           'TBL1 F-BOX-LIKE/WD REPEAT-CONTAINING PROTEIN TBL1X' 
_entity.formula_weight             7783.602 
_entity.pdbx_number_of_molecules   2 
_entity.pdbx_ec                    ? 
_entity.pdbx_mutation              ? 
_entity.pdbx_fragment              'N-TERMINAL TETRAMERISATION DOMAIN, RESIDUES 1-71' 
_entity.details                    'ISOFORM 2' 
# 
_entity_name_com.entity_id   1 
_entity_name_com.name        'TRANSDUCIN BETA-LIKE PROTEIN 1X, TBL1, TRANSDUCIN -BETA-LIKE PROTEIN1\,X-LINKED, SMAP55' 
# 
_entity_poly.entity_id                      1 
_entity_poly.type                           'polypeptide(L)' 
_entity_poly.nstd_linkage                   no 
_entity_poly.nstd_monomer                   no 
_entity_poly.pdbx_seq_one_letter_code       MSITSDEVNFLVYRYLQESGFSHSAFTFGIESHISQSNINGTLVPPAALISILQKGLQYVEAEISINEDGT 
_entity_poly.pdbx_seq_one_letter_code_can   MSITSDEVNFLVYRYLQESGFSHSAFTFGIESHISQSNINGTLVPPAALISILQKGLQYVEAEISINEDGT 
_entity_poly.pdbx_strand_id                 A,B 
_entity_poly.pdbx_target_identifier         ? 
# 
loop_
_entity_poly_seq.entity_id 
_entity_poly_seq.num 
_entity_poly_seq.mon_id 
_entity_poly_seq.hetero 
1 1  MET n 
1 2  SER n 
1 3  ILE n 
1 4  THR n 
1 5  SER n 
1 6  ASP n 
1 7  GLU n 
1 8  VAL n 
1 9  ASN n 
1 10 PHE n 
1 11 LEU n 
1 12 VAL n 
1 13 TYR n 
1 14 ARG n 
1 15 TYR n 
1 16 LEU n 
1 17 GLN n 
1 18 GLU n 
1 19 SER n 
1 20 GLY n 
1 21 PHE n 
1 22 SER n 
1 23 HIS n 
1 24 SER n 
1 25 ALA n 
1 26 PHE n 
1 27 THR n 
1 28 PHE n 
1 29 GLY n 
1 30 ILE n 
1 31 GLU n 
1 32 SER n 
1 33 HIS n 
1 34 ILE n 
1 35 SER n 
1 36 GLN n 
1 37 SER n 
1 38 ASN n 
1 39 ILE n 
1 40 ASN n 
1 41 GLY n 
1 42 THR n 
1 43 LEU n 
1 44 VAL n 
1 45 PRO n 
1 46 PRO n 
1 47 ALA n 
1 48 ALA n 
1 49 LEU n 
1 50 ILE n 
1 51 SER n 
1 52 ILE n 
1 53 LEU n 
1 54 GLN n 
1 55 LYS n 
1 56 GLY n 
1 57 LEU n 
1 58 GLN n 
1 59 TYR n 
1 60 VAL n 
1 61 GLU n 
1 62 ALA n 
1 63 GLU n 
1 64 ILE n 
1 65 SER n 
1 66 ILE n 
1 67 ASN n 
1 68 GLU n 
1 69 ASP n 
1 70 GLY n 
1 71 THR n 
# 
_entity_src_gen.entity_id                          1 
_entity_src_gen.pdbx_src_id                        1 
_entity_src_gen.pdbx_alt_source_flag               sample 
_entity_src_gen.pdbx_seq_type                      ? 
_entity_src_gen.pdbx_beg_seq_num                   ? 
_entity_src_gen.pdbx_end_seq_num                   ? 
_entity_src_gen.gene_src_common_name               HUMAN 
_entity_src_gen.gene_src_genus                     ? 
_entity_src_gen.pdbx_gene_src_gene                 ? 
_entity_src_gen.gene_src_species                   ? 
_entity_src_gen.gene_src_strain                    ? 
_entity_src_gen.gene_src_tissue                    ? 
_entity_src_gen.gene_src_tissue_fraction           ? 
_entity_src_gen.gene_src_details                   ? 
_entity_src_gen.pdbx_gene_src_fragment             ? 
_entity_src_gen.pdbx_gene_src_scientific_name      'HOMO SAPIENS' 
_entity_src_gen.pdbx_gene_src_ncbi_taxonomy_id     9606 
_entity_src_gen.pdbx_gene_src_variant              ? 
_entity_src_gen.pdbx_gene_src_cell_line            ? 
_entity_src_gen.pdbx_gene_src_atcc                 ? 
_entity_src_gen.pdbx_gene_src_organ                ? 
_entity_src_gen.pdbx_gene_src_organelle            ? 
_entity_src_gen.pdbx_gene_src_cell                 ? 
_entity_src_gen.pdbx_gene_src_cellular_location    ? 
_entity_src_gen.host_org_common_name               ? 
_entity_src_gen.pdbx_host_org_scientific_name      'ESCHERICHIA COLI' 
_entity_src_gen.pdbx_host_org_ncbi_taxonomy_id     469008 
_entity_src_gen.host_org_genus                     ? 
_entity_src_gen.pdbx_host_org_gene                 ? 
_entity_src_gen.pdbx_host_org_organ                ? 
_entity_src_gen.host_org_species                   ? 
_entity_src_gen.pdbx_host_org_tissue               ? 
_entity_src_gen.pdbx_host_org_tissue_fraction      ? 
_entity_src_gen.pdbx_host_org_strain               'BL21(DE3)' 
_entity_src_gen.pdbx_host_org_variant              ? 
_entity_src_gen.pdbx_host_org_cell_line            ? 
_entity_src_gen.pdbx_host_org_atcc                 ? 
_entity_src_gen.pdbx_host_org_culture_collection   ? 
_entity_src_gen.pdbx_host_org_cell                 ? 
_entity_src_gen.pdbx_host_org_organelle            ? 
_entity_src_gen.pdbx_host_org_cellular_location    ? 
_entity_src_gen.pdbx_host_org_vector_type          PLASMID 
_entity_src_gen.pdbx_host_org_vector               ? 
_entity_src_gen.host_org_details                   ? 
_entity_src_gen.expression_system_id               ? 
_entity_src_gen.plasmid_name                       PET-DUET 
_entity_src_gen.plasmid_details                    ? 
_entity_src_gen.pdbx_description                   ? 
# 
_struct_ref.id                         1 
_struct_ref.db_name                    UNP 
_struct_ref.db_code                    TBL1X_HUMAN 
_struct_ref.entity_id                  1 
_struct_ref.pdbx_seq_one_letter_code   ? 
_struct_ref.pdbx_align_begin           ? 
_struct_ref.pdbx_db_accession          O60907 
_struct_ref.pdbx_db_isoform            ? 
# 
loop_
_struct_ref_seq.align_id 
_struct_ref_seq.ref_id 
_struct_ref_seq.pdbx_PDB_id_code 
_struct_ref_seq.pdbx_strand_id 
_struct_ref_seq.seq_align_beg 
_struct_ref_seq.pdbx_seq_align_beg_ins_code 
_struct_ref_seq.seq_align_end 
_struct_ref_seq.pdbx_seq_align_end_ins_code 
_struct_ref_seq.pdbx_db_accession 
_struct_ref_seq.db_align_beg 
_struct_ref_seq.pdbx_db_align_beg_ins_code 
_struct_ref_seq.db_align_end 
_struct_ref_seq.pdbx_db_align_end_ins_code 
_struct_ref_seq.pdbx_auth_seq_align_beg 
_struct_ref_seq.pdbx_auth_seq_align_end 
1 1 2XTD A 1 ? 71 ? O60907 1 ? 71 ? 1 71 
2 1 2XTD B 1 ? 71 ? O60907 1 ? 71 ? 1 71 
# 
loop_
_chem_comp.id 
_chem_comp.type 
_chem_comp.mon_nstd_flag 
_chem_comp.name 
_chem_comp.pdbx_synonyms 
_chem_comp.formula 
_chem_comp.formula_weight 
ALA 'L-peptide linking' y ALANINE         ? 'C3 H7 N O2'     89.093  
ARG 'L-peptide linking' y ARGININE        ? 'C6 H15 N4 O2 1' 175.209 
ASN 'L-peptide linking' y ASPARAGINE      ? 'C4 H8 N2 O3'    132.118 
ASP 'L-peptide linking' y 'ASPARTIC ACID' ? 'C4 H7 N O4'     133.103 
GLN 'L-peptide linking' y GLUTAMINE       ? 'C5 H10 N2 O3'   146.144 
GLU 'L-peptide linking' y 'GLUTAMIC ACID' ? 'C5 H9 N O4'     147.129 
GLY 'peptide linking'   y GLYCINE         ? 'C2 H5 N O2'     75.067  
HIS 'L-peptide linking' y HISTIDINE       ? 'C6 H10 N3 O2 1' 156.162 
ILE 'L-peptide linking' y ISOLEUCINE      ? 'C6 H13 N O2'    131.173 
LEU 'L-peptide linking' y LEUCINE         ? 'C6 H13 N O2'    131.173 
LYS 'L-peptide linking' y LYSINE          ? 'C6 H15 N2 O2 1' 147.195 
MET 'L-peptide linking' y METHIONINE      ? 'C5 H11 N O2 S'  149.211 
PHE 'L-peptide linking' y PHENYLALANINE   ? 'C9 H11 N O2'    165.189 
PRO 'L-peptide linking' y PROLINE         ? 'C5 H9 N O2'     115.130 
SER 'L-peptide linking' y SERINE          ? 'C3 H7 N O3'     105.093 
THR 'L-peptide linking' y THREONINE       ? 'C4 H9 N O3'     119.119 
TYR 'L-peptide linking' y TYROSINE        ? 'C9 H11 N O3'    181.189 
VAL 'L-peptide linking' y VALINE          ? 'C5 H11 N O2'    117.146 
# 
_exptl.entry_id          2XTD 
_exptl.method            'X-RAY DIFFRACTION' 
_exptl.crystals_number   1 
# 
_exptl_crystal.id                    1 
_exptl_crystal.density_meas          ? 
_exptl_crystal.density_Matthews      3.27 
_exptl_crystal.density_percent_sol   62.39 
_exptl_crystal.description           NONE 
# 
_exptl_crystal_grow.crystal_id      1 
_exptl_crystal_grow.method          ? 
_exptl_crystal_grow.temp            ? 
_exptl_crystal_grow.temp_details    ? 
_exptl_crystal_grow.pH              4.5 
_exptl_crystal_grow.pdbx_pH_range   ? 
_exptl_crystal_grow.pdbx_details    '15% MPD, 0.05 M SODIUM ACETATE PH 4.5' 
# 
_diffrn.id                     1 
_diffrn.ambient_temp           100 
_diffrn.ambient_temp_details   ? 
_diffrn.crystal_id             1 
# 
_diffrn_detector.diffrn_id              1 
_diffrn_detector.detector               CCD 
_diffrn_detector.type                   'ADSC QUANTUM 4' 
_diffrn_detector.pdbx_collection_date   2008-08-26 
_diffrn_detector.details                ? 
# 
_diffrn_radiation.diffrn_id                        1 
_diffrn_radiation.wavelength_id                    1 
_diffrn_radiation.pdbx_monochromatic_or_laue_m_l   M 
_diffrn_radiation.monochromator                    ? 
_diffrn_radiation.pdbx_diffrn_protocol             'SINGLE WAVELENGTH' 
_diffrn_radiation.pdbx_scattering_type             x-ray 
# 
_diffrn_radiation_wavelength.id           1 
_diffrn_radiation_wavelength.wavelength   0.934 
_diffrn_radiation_wavelength.wt           1.0 
# 
_diffrn_source.diffrn_id                   1 
_diffrn_source.source                      SYNCHROTRON 
_diffrn_source.type                        'ESRF BEAMLINE ID14-2' 
_diffrn_source.pdbx_synchrotron_site       ESRF 
_diffrn_source.pdbx_synchrotron_beamline   ID14-2 
_diffrn_source.pdbx_wavelength             0.934 
_diffrn_source.pdbx_wavelength_list        ? 
# 
_reflns.pdbx_diffrn_id               1 
_reflns.pdbx_ordinal                 1 
_reflns.entry_id                     2XTD 
_reflns.observed_criterion_sigma_I   0.0 
_reflns.observed_criterion_sigma_F   ? 
_reflns.d_resolution_low             51.00 
_reflns.d_resolution_high            3.20 
_reflns.number_obs                   3503 
_reflns.number_all                   ? 
_reflns.percent_possible_obs         99.8 
_reflns.pdbx_Rmerge_I_obs            0.06 
_reflns.pdbx_Rsym_value              ? 
_reflns.pdbx_netI_over_sigmaI        20.20 
_reflns.B_iso_Wilson_estimate        ? 
_reflns.pdbx_redundancy              6.7 
# 
_reflns_shell.pdbx_diffrn_id         1 
_reflns_shell.pdbx_ordinal           1 
_reflns_shell.d_res_high             3.20 
_reflns_shell.d_res_low              3.37 
_reflns_shell.percent_possible_all   100.0 
_reflns_shell.Rmerge_I_obs           0.43 
_reflns_shell.pdbx_Rsym_value        ? 
_reflns_shell.meanI_over_sigI_obs    5.10 
_reflns_shell.pdbx_redundancy        6.8 
# 
_refine.pdbx_refine_id                           'X-RAY DIFFRACTION' 
_refine.entry_id                                 2XTD 
_refine.pdbx_diffrn_id                           1 
_refine.pdbx_TLS_residual_ADP_flag               ? 
_refine.ls_number_reflns_obs                     3339 
_refine.ls_number_reflns_all                     ? 
_refine.pdbx_ls_sigma_I                          ? 
_refine.pdbx_ls_sigma_F                          . 
_refine.pdbx_data_cutoff_high_absF               ? 
_refine.pdbx_data_cutoff_low_absF                ? 
_refine.pdbx_data_cutoff_high_rms_absF           ? 
_refine.ls_d_res_low                             51.30 
_refine.ls_d_res_high                            3.20 
_refine.ls_percent_reflns_obs                    99.74 
_refine.ls_R_factor_obs                          0.28001 
_refine.ls_R_factor_all                          ? 
_refine.ls_R_factor_R_work                       0.27830 
_refine.ls_R_factor_R_free                       0.31530 
_refine.ls_R_factor_R_free_error                 ? 
_refine.ls_R_factor_R_free_error_details         ? 
_refine.ls_percent_reflns_R_free                 4.6 
_refine.ls_number_reflns_R_free                  162 
_refine.ls_number_parameters                     ? 
_refine.ls_number_restraints                     ? 
_refine.occupancy_min                            ? 
_refine.occupancy_max                            ? 
_refine.correlation_coeff_Fo_to_Fc               0.904 
_refine.correlation_coeff_Fo_to_Fc_free          0.846 
_refine.B_iso_mean                               106.270 
_refine.aniso_B[1][1]                            2.64 
_refine.aniso_B[2][2]                            2.64 
_refine.aniso_B[3][3]                            -3.96 
_refine.aniso_B[1][2]                            1.32 
_refine.aniso_B[1][3]                            0.00 
_refine.aniso_B[2][3]                            0.00 
_refine.solvent_model_details                    MASK 
_refine.solvent_model_param_ksol                 ? 
_refine.solvent_model_param_bsol                 ? 
_refine.pdbx_solvent_vdw_probe_radii             1.20 
_refine.pdbx_solvent_ion_probe_radii             0.80 
_refine.pdbx_solvent_shrinkage_radii             0.80 
_refine.pdbx_ls_cross_valid_method               THROUGHOUT 
_refine.details                                  'HYDROGENS HAVE BEEN ADDED IN THE RIDING POSITIONS.' 
_refine.pdbx_starting_model                      'PDB ENTRY 2XTC' 
_refine.pdbx_method_to_determine_struct          'MOLECULAR REPLACEMENT' 
_refine.pdbx_isotropic_thermal_model             ? 
_refine.pdbx_stereochemistry_target_values       'MAXIMUM LIKELIHOOD' 
_refine.pdbx_stereochem_target_val_spec_case     ? 
_refine.pdbx_R_Free_selection_details            RANDOM 
_refine.pdbx_overall_ESU_R                       1.674 
_refine.pdbx_overall_ESU_R_Free                  0.566 
_refine.overall_SU_ML                            ? 
_refine.pdbx_overall_phase_error                 ? 
_refine.overall_SU_B                             ? 
_refine.overall_SU_R_Cruickshank_DPI             ? 
_refine.pdbx_overall_SU_R_free_Cruickshank_DPI   ? 
_refine.pdbx_overall_SU_R_Blow_DPI               ? 
_refine.pdbx_overall_SU_R_free_Blow_DPI          ? 
# 
_refine_hist.pdbx_refine_id                   'X-RAY DIFFRACTION' 
_refine_hist.cycle_id                         LAST 
_refine_hist.pdbx_number_atoms_protein        1014 
_refine_hist.pdbx_number_atoms_nucleic_acid   0 
_refine_hist.pdbx_number_atoms_ligand         0 
_refine_hist.number_atoms_solvent             0 
_refine_hist.number_atoms_total               1014 
_refine_hist.d_res_high                       3.20 
_refine_hist.d_res_low                        51.30 
# 
loop_
_refine_ls_restr.type 
_refine_ls_restr.dev_ideal 
_refine_ls_restr.dev_ideal_target 
_refine_ls_restr.weight 
_refine_ls_restr.number 
_refine_ls_restr.pdbx_refine_id 
_refine_ls_restr.pdbx_restraint_function 
r_bond_refined_d             0.029  0.022  ? 1034 'X-RAY DIFFRACTION' ? 
r_bond_other_d               ?      ?      ? ?    'X-RAY DIFFRACTION' ? 
r_angle_refined_deg          2.002  1.943  ? 1405 'X-RAY DIFFRACTION' ? 
r_angle_other_deg            ?      ?      ? ?    'X-RAY DIFFRACTION' ? 
r_dihedral_angle_1_deg       5.371  5.000  ? 130  'X-RAY DIFFRACTION' ? 
r_dihedral_angle_2_deg       28.783 25.319 ? 47   'X-RAY DIFFRACTION' ? 
r_dihedral_angle_3_deg       19.430 15.000 ? 162  'X-RAY DIFFRACTION' ? 
r_dihedral_angle_4_deg       4.478  15.000 ? 2    'X-RAY DIFFRACTION' ? 
r_chiral_restr               0.142  0.200  ? 164  'X-RAY DIFFRACTION' ? 
r_gen_planes_refined         0.015  0.020  ? 782  'X-RAY DIFFRACTION' ? 
r_gen_planes_other           ?      ?      ? ?    'X-RAY DIFFRACTION' ? 
r_nbd_refined                0.221  0.200  ? 485  'X-RAY DIFFRACTION' ? 
r_nbd_other                  ?      ?      ? ?    'X-RAY DIFFRACTION' ? 
r_nbtor_refined              ?      ?      ? ?    'X-RAY DIFFRACTION' ? 
r_nbtor_other                ?      ?      ? ?    'X-RAY DIFFRACTION' ? 
r_xyhbond_nbd_refined        0.278  0.200  ? 33   'X-RAY DIFFRACTION' ? 
r_xyhbond_nbd_other          ?      ?      ? ?    'X-RAY DIFFRACTION' ? 
r_metal_ion_refined          ?      ?      ? ?    'X-RAY DIFFRACTION' ? 
r_metal_ion_other            ?      ?      ? ?    'X-RAY DIFFRACTION' ? 
r_symmetry_vdw_refined       0.164  0.200  ? 37   'X-RAY DIFFRACTION' ? 
r_symmetry_vdw_other         ?      ?      ? ?    'X-RAY DIFFRACTION' ? 
r_symmetry_hbond_refined     0.242  0.200  ? 1    'X-RAY DIFFRACTION' ? 
r_symmetry_hbond_other       ?      ?      ? ?    'X-RAY DIFFRACTION' ? 
r_symmetry_metal_ion_refined ?      ?      ? ?    'X-RAY DIFFRACTION' ? 
r_symmetry_metal_ion_other   ?      ?      ? ?    'X-RAY DIFFRACTION' ? 
r_mcbond_it                  ?      ?      ? ?    'X-RAY DIFFRACTION' ? 
r_mcbond_other               ?      ?      ? ?    'X-RAY DIFFRACTION' ? 
r_mcangle_it                 ?      ?      ? ?    'X-RAY DIFFRACTION' ? 
r_mcangle_other              ?      ?      ? ?    'X-RAY DIFFRACTION' ? 
r_scbond_it                  ?      ?      ? ?    'X-RAY DIFFRACTION' ? 
r_scbond_other               ?      ?      ? ?    'X-RAY DIFFRACTION' ? 
r_scangle_it                 ?      ?      ? ?    'X-RAY DIFFRACTION' ? 
r_scangle_other              ?      ?      ? ?    'X-RAY DIFFRACTION' ? 
r_long_range_B_refined       ?      ?      ? ?    'X-RAY DIFFRACTION' ? 
r_long_range_B_other         ?      ?      ? ?    'X-RAY DIFFRACTION' ? 
r_rigid_bond_restr           ?      ?      ? ?    'X-RAY DIFFRACTION' ? 
r_sphericity_free            ?      ?      ? ?    'X-RAY DIFFRACTION' ? 
r_sphericity_bonded          ?      ?      ? ?    'X-RAY DIFFRACTION' ? 
# 
loop_
_refine_ls_restr_ncs.dom_id 
_refine_ls_restr_ncs.pdbx_auth_asym_id 
_refine_ls_restr_ncs.pdbx_number 
_refine_ls_restr_ncs.rms_dev_position 
_refine_ls_restr_ncs.weight_position 
_refine_ls_restr_ncs.pdbx_type 
_refine_ls_restr_ncs.pdbx_ens_id 
_refine_ls_restr_ncs.pdbx_ordinal 
_refine_ls_restr_ncs.pdbx_refine_id 
_refine_ls_restr_ncs.ncs_model_details 
_refine_ls_restr_ncs.rms_dev_B_iso 
_refine_ls_restr_ncs.weight_B_iso 
_refine_ls_restr_ncs.pdbx_asym_id 
_refine_ls_restr_ncs.pdbx_rms 
_refine_ls_restr_ncs.pdbx_weight 
1 A 48 0.14 0.50 'medium positional' 1 1 'X-RAY DIFFRACTION' ? ? ? ? ? ? 
2 B 48 0.14 0.50 'medium positional' 1 2 'X-RAY DIFFRACTION' ? ? ? ? ? ? 
1 A 42 0.72 5.00 'loose positional'  1 3 'X-RAY DIFFRACTION' ? ? ? ? ? ? 
2 B 42 0.72 5.00 'loose positional'  1 4 'X-RAY DIFFRACTION' ? ? ? ? ? ? 
# 
_refine_ls_shell.pdbx_refine_id                   'X-RAY DIFFRACTION' 
_refine_ls_shell.pdbx_total_number_of_bins_used   20 
_refine_ls_shell.d_res_high                       3.202 
_refine_ls_shell.d_res_low                        3.285 
_refine_ls_shell.number_reflns_R_work             218 
_refine_ls_shell.R_factor_R_work                  0.334 
_refine_ls_shell.percent_reflns_obs               100.00 
_refine_ls_shell.R_factor_R_free                  0.241 
_refine_ls_shell.R_factor_R_free_error            ? 
_refine_ls_shell.percent_reflns_R_free            ? 
_refine_ls_shell.number_reflns_R_free             13 
_refine_ls_shell.number_reflns_all                ? 
_refine_ls_shell.R_factor_all                     ? 
# 
loop_
_struct_ncs_dom.id 
_struct_ncs_dom.details 
_struct_ncs_dom.pdbx_ens_id 
1 A 1 
2 B 1 
# 
loop_
_struct_ncs_dom_lim.dom_id 
_struct_ncs_dom_lim.beg_auth_asym_id 
_struct_ncs_dom_lim.beg_auth_seq_id 
_struct_ncs_dom_lim.end_auth_asym_id 
_struct_ncs_dom_lim.end_auth_seq_id 
_struct_ncs_dom_lim.pdbx_component_id 
_struct_ncs_dom_lim.pdbx_refine_code 
_struct_ncs_dom_lim.beg_label_asym_id 
_struct_ncs_dom_lim.beg_label_comp_id 
_struct_ncs_dom_lim.beg_label_seq_id 
_struct_ncs_dom_lim.beg_label_alt_id 
_struct_ncs_dom_lim.end_label_asym_id 
_struct_ncs_dom_lim.end_label_comp_id 
_struct_ncs_dom_lim.end_label_seq_id 
_struct_ncs_dom_lim.end_label_alt_id 
_struct_ncs_dom_lim.pdbx_ens_id 
_struct_ncs_dom_lim.selection_details 
_struct_ncs_dom_lim.beg_auth_comp_id 
_struct_ncs_dom_lim.end_auth_comp_id 
1 A 53 A 119 1 5 ? ? ? ? ? ? ? ? 1 ? ? ? 
2 B 53 B 119 1 5 ? ? ? ? ? ? ? ? 1 ? ? ? 
# 
_struct_ncs_ens.id        1 
_struct_ncs_ens.details   ? 
# 
_struct.entry_id                  2XTD 
_struct.title                     'Structure of the TBL1 tetramerisation domain' 
_struct.pdbx_model_details        ? 
_struct.pdbx_CASP_flag            ? 
_struct.pdbx_model_type_details   ? 
# 
_struct_keywords.entry_id        2XTD 
_struct_keywords.pdbx_keywords   TRANSCRIPTION 
_struct_keywords.text            'TRANSCRIPTION, N-COR REPRESSOR COMPLEX, PROTEASOME' 
# 
loop_
_struct_asym.id 
_struct_asym.pdbx_blank_PDB_chainid_flag 
_struct_asym.pdbx_modified 
_struct_asym.entity_id 
_struct_asym.details 
A N N 1 ? 
B N N 1 ? 
# 
_struct_biol.id   1 
# 
loop_
_struct_conf.conf_type_id 
_struct_conf.id 
_struct_conf.pdbx_PDB_helix_id 
_struct_conf.beg_label_comp_id 
_struct_conf.beg_label_asym_id 
_struct_conf.beg_label_seq_id 
_struct_conf.pdbx_beg_PDB_ins_code 
_struct_conf.end_label_comp_id 
_struct_conf.end_label_asym_id 
_struct_conf.end_label_seq_id 
_struct_conf.pdbx_end_PDB_ins_code 
_struct_conf.beg_auth_comp_id 
_struct_conf.beg_auth_asym_id 
_struct_conf.beg_auth_seq_id 
_struct_conf.end_auth_comp_id 
_struct_conf.end_auth_asym_id 
_struct_conf.end_auth_seq_id 
_struct_conf.pdbx_PDB_helix_class 
_struct_conf.details 
_struct_conf.pdbx_PDB_helix_length 
HELX_P HELX_P1 1 THR A 4  ? SER A 19 ? THR A 4  SER A 19 1 ? 16 
HELX_P HELX_P2 2 PHE A 21 ? SER A 32 ? PHE A 21 SER A 32 1 ? 12 
HELX_P HELX_P3 3 HIS A 33 ? SER A 37 ? HIS A 33 SER A 37 5 ? 5  
HELX_P HELX_P4 4 ASN A 40 ? VAL A 44 ? ASN A 40 VAL A 44 5 ? 5  
HELX_P HELX_P5 5 ALA A 47 ? GLU A 68 ? ALA A 47 GLU A 68 1 ? 22 
HELX_P HELX_P6 6 THR B 4  ? SER B 19 ? THR B 4  SER B 19 1 ? 16 
HELX_P HELX_P7 7 PHE B 21 ? SER B 32 ? PHE B 21 SER B 32 1 ? 12 
HELX_P HELX_P8 8 ASN B 40 ? VAL B 44 ? ASN B 40 VAL B 44 5 ? 5  
HELX_P HELX_P9 9 ALA B 47 ? ILE B 64 ? ALA B 47 ILE B 64 1 ? 18 
# 
_struct_conf_type.id          HELX_P 
_struct_conf_type.criteria    ? 
_struct_conf_type.reference   ? 
# 
_atom_sites.entry_id                    2XTD 
_atom_sites.fract_transf_matrix[1][1]   0.00549700 
_atom_sites.fract_transf_matrix[1][2]   0.02097249 
_atom_sites.fract_transf_matrix[1][3]   -0.01055502 
_atom_sites.fract_transf_matrix[2][1]   0.02240684 
_atom_sites.fract_transf_matrix[2][2]   0.00397619 
_atom_sites.fract_transf_matrix[2][3]   -0.00797550 
_atom_sites.fract_transf_matrix[3][1]   -0.00161756 
_atom_sites.fract_transf_matrix[3][2]   -0.00248724 
_atom_sites.fract_transf_matrix[3][3]   -0.00578448 
_atom_sites.fract_transf_vector[1]      0.249969 
_atom_sites.fract_transf_vector[2]      -0.125457 
_atom_sites.fract_transf_vector[3]      -0.057937 
# 
loop_
_atom_type.symbol 
C 
N 
O 
# 
loop_
_atom_site.group_PDB 
_atom_site.id 
_atom_site.type_symbol 
_atom_site.label_atom_id 
_atom_site.label_alt_id 
_atom_site.label_comp_id 
_atom_site.label_asym_id 
_atom_site.label_entity_id 
_atom_site.label_seq_id 
_atom_site.pdbx_PDB_ins_code 
_atom_site.Cartn_x 
_atom_site.Cartn_y 
_atom_site.Cartn_z 
_atom_site.occupancy 
_atom_site.B_iso_or_equiv 
_atom_site.pdbx_formal_charge 
_atom_site.auth_seq_id 
_atom_site.auth_comp_id 
_atom_site.auth_asym_id 
_atom_site.auth_atom_id 
_atom_site.pdbx_PDB_model_num 
ATOM 1    N N   . MET A 1 1  ? -1.243  -2.767  -17.218 1.00 108.26 ? 1  MET A N   1 
ATOM 2    C CA  . MET A 1 1  ? -2.249  -1.904  -16.484 1.00 108.26 ? 1  MET A CA  1 
ATOM 3    C C   . MET A 1 1  ? -1.544  -0.866  -15.576 1.00 108.26 ? 1  MET A C   1 
ATOM 4    O O   . MET A 1 1  ? -1.811  -0.808  -14.359 1.00 108.26 ? 1  MET A O   1 
ATOM 5    C CB  . MET A 1 1  ? -3.255  -2.788  -15.666 1.00 108.26 ? 1  MET A CB  1 
ATOM 6    N N   . SER A 1 2  ? -0.666  -0.047  -16.189 1.00 158.72 ? 2  SER A N   1 
ATOM 7    C CA  . SER A 1 2  ? 0.166   0.963   -15.486 1.00 158.36 ? 2  SER A CA  1 
ATOM 8    C C   . SER A 1 2  ? -0.511  1.732   -14.341 1.00 157.38 ? 2  SER A C   1 
ATOM 9    O O   . SER A 1 2  ? -1.618  2.270   -14.511 1.00 158.06 ? 2  SER A O   1 
ATOM 10   C CB  . SER A 1 2  ? 0.748   1.969   -16.492 1.00 158.82 ? 2  SER A CB  1 
ATOM 11   O OG  . SER A 1 2  ? 1.965   1.491   -17.063 1.00 159.35 ? 2  SER A OG  1 
ATOM 12   N N   . ILE A 1 3  ? 0.175   1.791   -13.190 1.00 119.33 ? 3  ILE A N   1 
ATOM 13   C CA  . ILE A 1 3  ? -0.325  2.504   -12.002 1.00 117.46 ? 3  ILE A CA  1 
ATOM 14   C C   . ILE A 1 3  ? 0.417   3.831   -11.758 1.00 115.90 ? 3  ILE A C   1 
ATOM 15   O O   . ILE A 1 3  ? 1.642   3.892   -11.888 1.00 115.51 ? 3  ILE A O   1 
ATOM 16   C CB  . ILE A 1 3  ? -0.307  1.597   -10.724 1.00 117.79 ? 3  ILE A CB  1 
ATOM 17   C CG1 . ILE A 1 3  ? -1.040  2.279   -9.555  1.00 117.96 ? 3  ILE A CG1 1 
ATOM 18   C CG2 . ILE A 1 3  ? 1.127   1.182   -10.341 1.00 117.72 ? 3  ILE A CG2 1 
ATOM 19   C CD1 . ILE A 1 3  ? -1.519  1.320   -8.481  1.00 117.49 ? 3  ILE A CD1 1 
ATOM 20   N N   . THR A 1 4  ? -0.335  4.881   -11.413 1.00 85.95  ? 4  THR A N   1 
ATOM 21   C CA  . THR A 1 4  ? 0.233   6.218   -11.188 1.00 84.35  ? 4  THR A CA  1 
ATOM 22   C C   . THR A 1 4  ? 0.490   6.497   -9.713  1.00 83.04  ? 4  THR A C   1 
ATOM 23   O O   . THR A 1 4  ? -0.114  5.870   -8.845  1.00 82.66  ? 4  THR A O   1 
ATOM 24   C CB  . THR A 1 4  ? -0.661  7.356   -11.756 1.00 84.50  ? 4  THR A CB  1 
ATOM 25   O OG1 . THR A 1 4  ? -1.825  7.524   -10.934 1.00 84.12  ? 4  THR A OG1 1 
ATOM 26   C CG2 . THR A 1 4  ? -1.081  7.066   -13.196 1.00 84.28  ? 4  THR A CG2 1 
ATOM 27   N N   . SER A 1 5  ? 1.387   7.449   -9.452  1.00 98.09  ? 5  SER A N   1 
ATOM 28   C CA  . SER A 1 5  ? 1.703   7.891   -8.096  1.00 97.09  ? 5  SER A CA  1 
ATOM 29   C C   . SER A 1 5  ? 0.454   8.254   -7.309  1.00 95.64  ? 5  SER A C   1 
ATOM 30   O O   . SER A 1 5  ? 0.267   7.780   -6.187  1.00 94.50  ? 5  SER A O   1 
ATOM 31   C CB  . SER A 1 5  ? 2.657   9.088   -8.125  1.00 97.34  ? 5  SER A CB  1 
ATOM 32   O OG  . SER A 1 5  ? 4.003   8.673   -7.958  1.00 98.84  ? 5  SER A OG  1 
ATOM 33   N N   . ASP A 1 6  ? -0.398  9.087   -7.908  1.00 115.00 ? 6  ASP A N   1 
ATOM 34   C CA  . ASP A 1 6  ? -1.624  9.543   -7.258  1.00 115.10 ? 6  ASP A CA  1 
ATOM 35   C C   . ASP A 1 6  ? -2.523  8.384   -6.858  1.00 114.21 ? 6  ASP A C   1 
ATOM 36   O O   . ASP A 1 6  ? -3.181  8.438   -5.820  1.00 114.12 ? 6  ASP A O   1 
ATOM 37   C CB  . ASP A 1 6  ? -2.385  10.522  -8.155  1.00 115.38 ? 6  ASP A CB  1 
ATOM 38   C CG  . ASP A 1 6  ? -1.696  11.877  -8.260  1.00 117.26 ? 6  ASP A CG  1 
ATOM 39   O OD1 . ASP A 1 6  ? -0.746  12.151  -7.477  1.00 119.52 ? 6  ASP A OD1 1 
ATOM 40   O OD2 . ASP A 1 6  ? -2.112  12.678  -9.132  1.00 119.78 ? 6  ASP A OD2 1 
ATOM 41   N N   . GLU A 1 7  ? -2.534  7.334   -7.677  1.00 104.60 ? 7  GLU A N   1 
ATOM 42   C CA  . GLU A 1 7  ? -3.343  6.151   -7.401  1.00 104.13 ? 7  GLU A CA  1 
ATOM 43   C C   . GLU A 1 7  ? -2.913  5.466   -6.114  1.00 102.98 ? 7  GLU A C   1 
ATOM 44   O O   . GLU A 1 7  ? -3.721  5.309   -5.196  1.00 102.66 ? 7  GLU A O   1 
ATOM 45   C CB  . GLU A 1 7  ? -3.291  5.169   -8.570  1.00 104.94 ? 7  GLU A CB  1 
ATOM 46   C CG  . GLU A 1 7  ? -4.107  5.600   -9.778  1.00 107.71 ? 7  GLU A CG  1 
ATOM 47   C CD  . GLU A 1 7  ? -3.870  4.708   -10.982 1.00 112.63 ? 7  GLU A CD  1 
ATOM 48   O OE1 . GLU A 1 7  ? -4.856  4.332   -11.649 1.00 114.54 ? 7  GLU A OE1 1 
ATOM 49   O OE2 . GLU A 1 7  ? -2.699  4.371   -11.259 1.00 113.47 ? 7  GLU A OE2 1 
ATOM 50   N N   . VAL A 1 8  ? -1.642  5.074   -6.046  1.00 78.13  ? 8  VAL A N   1 
ATOM 51   C CA  . VAL A 1 8  ? -1.106  4.421   -4.849  1.00 76.92  ? 8  VAL A CA  1 
ATOM 52   C C   . VAL A 1 8  ? -1.257  5.309   -3.602  1.00 75.73  ? 8  VAL A C   1 
ATOM 53   O O   . VAL A 1 8  ? -1.615  4.819   -2.530  1.00 75.50  ? 8  VAL A O   1 
ATOM 54   C CB  . VAL A 1 8  ? 0.343   3.839   -5.056  1.00 76.94  ? 8  VAL A CB  1 
ATOM 55   C CG1 . VAL A 1 8  ? 1.086   4.553   -6.203  1.00 76.77  ? 8  VAL A CG1 1 
ATOM 56   C CG2 . VAL A 1 8  ? 1.154   3.876   -3.755  1.00 77.03  ? 8  VAL A CG2 1 
ATOM 57   N N   . ASN A 1 9  ? -1.020  6.610   -3.765  1.00 82.89  ? 9  ASN A N   1 
ATOM 58   C CA  . ASN A 1 9  ? -1.250  7.581   -2.695  1.00 82.16  ? 9  ASN A CA  1 
ATOM 59   C C   . ASN A 1 9  ? -2.681  7.566   -2.191  1.00 81.51  ? 9  ASN A C   1 
ATOM 60   O O   . ASN A 1 9  ? -2.920  7.663   -0.994  1.00 82.07  ? 9  ASN A O   1 
ATOM 61   C CB  . ASN A 1 9  ? -0.890  8.992   -3.146  1.00 81.02  ? 9  ASN A CB  1 
ATOM 62   C CG  . ASN A 1 9  ? 0.599   9.237   -3.151  1.00 80.35  ? 9  ASN A CG  1 
ATOM 63   O OD1 . ASN A 1 9  ? 1.387   8.384   -2.737  1.00 78.10  ? 9  ASN A OD1 1 
ATOM 64   N ND2 . ASN A 1 9  ? 0.995   10.412  -3.622  1.00 77.85  ? 9  ASN A ND2 1 
ATOM 65   N N   . PHE A 1 10 ? -3.629  7.438   -3.110  1.00 92.77  ? 10 PHE A N   1 
ATOM 66   C CA  . PHE A 1 10 ? -5.027  7.378   -2.726  1.00 93.03  ? 10 PHE A CA  1 
ATOM 67   C C   . PHE A 1 10 ? -5.333  6.099   -1.958  1.00 92.86  ? 10 PHE A C   1 
ATOM 68   O O   . PHE A 1 10 ? -6.050  6.130   -0.958  1.00 92.74  ? 10 PHE A O   1 
ATOM 69   C CB  . PHE A 1 10 ? -5.943  7.487   -3.942  1.00 93.72  ? 10 PHE A CB  1 
ATOM 70   C CG  . PHE A 1 10 ? -7.293  8.031   -3.614  1.00 93.44  ? 10 PHE A CG  1 
ATOM 71   C CD1 . PHE A 1 10 ? -7.547  9.397   -3.728  1.00 94.22  ? 10 PHE A CD1 1 
ATOM 72   C CD2 . PHE A 1 10 ? -8.305  7.189   -3.163  1.00 94.23  ? 10 PHE A CD2 1 
ATOM 73   C CE1 . PHE A 1 10 ? -8.791  9.915   -3.412  1.00 96.30  ? 10 PHE A CE1 1 
ATOM 74   C CE2 . PHE A 1 10 ? -9.552  7.696   -2.841  1.00 93.42  ? 10 PHE A CE2 1 
ATOM 75   C CZ  . PHE A 1 10 ? -9.795  9.065   -2.965  1.00 94.65  ? 10 PHE A CZ  1 
ATOM 76   N N   . LEU A 1 11 ? -4.786  4.986   -2.438  1.00 89.82  ? 11 LEU A N   1 
ATOM 77   C CA  . LEU A 1 11 ? -4.946  3.686   -1.794  1.00 89.57  ? 11 LEU A CA  1 
ATOM 78   C C   . LEU A 1 11 ? -4.371  3.667   -0.384  1.00 88.39  ? 11 LEU A C   1 
ATOM 79   O O   . LEU A 1 11 ? -4.994  3.128   0.535   1.00 88.52  ? 11 LEU A O   1 
ATOM 80   C CB  . LEU A 1 11 ? -4.286  2.599   -2.643  1.00 89.60  ? 11 LEU A CB  1 
ATOM 81   C CG  . LEU A 1 11 ? -5.137  1.711   -3.559  1.00 91.55  ? 11 LEU A CG  1 
ATOM 82   C CD1 . LEU A 1 11 ? -6.495  2.333   -3.896  1.00 90.71  ? 11 LEU A CD1 1 
ATOM 83   C CD2 . LEU A 1 11 ? -4.357  1.406   -4.825  1.00 90.88  ? 11 LEU A CD2 1 
ATOM 84   N N   . VAL A 1 12 ? -3.187  4.259   -0.229  1.00 87.47  ? 12 VAL A N   1 
ATOM 85   C CA  . VAL A 1 12 ? -2.532  4.389   1.073   1.00 86.19  ? 12 VAL A CA  1 
ATOM 86   C C   . VAL A 1 12 ? -3.337  5.311   1.984   1.00 85.70  ? 12 VAL A C   1 
ATOM 87   O O   . VAL A 1 12 ? -3.661  4.935   3.114   1.00 85.11  ? 12 VAL A O   1 
ATOM 88   C CB  . VAL A 1 12 ? -1.060  4.873   0.943   1.00 86.44  ? 12 VAL A CB  1 
ATOM 89   C CG1 . VAL A 1 12 ? -0.517  5.380   2.277   1.00 84.38  ? 12 VAL A CG1 1 
ATOM 90   C CG2 . VAL A 1 12 ? -0.182  3.752   0.414   1.00 84.09  ? 12 VAL A CG2 1 
ATOM 91   N N   . TYR A 1 13 ? -3.671  6.503   1.485   1.00 77.95  ? 13 TYR A N   1 
ATOM 92   C CA  . TYR A 1 13 ? -4.448  7.471   2.260   1.00 78.10  ? 13 TYR A CA  1 
ATOM 93   C C   . TYR A 1 13 ? -5.712  6.831   2.810   1.00 78.07  ? 13 TYR A C   1 
ATOM 94   O O   . TYR A 1 13 ? -5.984  6.915   4.006   1.00 77.73  ? 13 TYR A O   1 
ATOM 95   C CB  . TYR A 1 13 ? -4.798  8.700   1.421   1.00 78.51  ? 13 TYR A CB  1 
ATOM 96   C CG  . TYR A 1 13 ? -5.677  9.704   2.134   1.00 79.83  ? 13 TYR A CG  1 
ATOM 97   C CD1 . TYR A 1 13 ? -5.205  10.416  3.237   1.00 80.11  ? 13 TYR A CD1 1 
ATOM 98   C CD2 . TYR A 1 13 ? -6.977  9.954   1.699   1.00 80.50  ? 13 TYR A CD2 1 
ATOM 99   C CE1 . TYR A 1 13 ? -6.007  11.342  3.891   1.00 80.78  ? 13 TYR A CE1 1 
ATOM 100  C CE2 . TYR A 1 13 ? -7.786  10.883  2.349   1.00 81.95  ? 13 TYR A CE2 1 
ATOM 101  C CZ  . TYR A 1 13 ? -7.293  11.570  3.442   1.00 82.26  ? 13 TYR A CZ  1 
ATOM 102  O OH  . TYR A 1 13 ? -8.084  12.486  4.094   1.00 82.05  ? 13 TYR A OH  1 
ATOM 103  N N   . ARG A 1 14 ? -6.461  6.171   1.932   1.00 94.88  ? 14 ARG A N   1 
ATOM 104  C CA  . ARG A 1 14 ? -7.681  5.481   2.323   1.00 95.93  ? 14 ARG A CA  1 
ATOM 105  C C   . ARG A 1 14 ? -7.432  4.322   3.279   1.00 96.10  ? 14 ARG A C   1 
ATOM 106  O O   . ARG A 1 14 ? -8.292  4.008   4.101   1.00 97.06  ? 14 ARG A O   1 
ATOM 107  C CB  . ARG A 1 14 ? -8.455  5.018   1.091   1.00 95.28  ? 14 ARG A CB  1 
ATOM 108  C CG  . ARG A 1 14 ? -9.354  6.097   0.503   1.00 96.08  ? 14 ARG A CG  1 
ATOM 109  C CD  . ARG A 1 14 ? -10.651 6.240   1.299   1.00 96.52  ? 14 ARG A CD  1 
ATOM 110  N NE  . ARG A 1 14 ? -11.436 5.008   1.249   1.00 98.96  ? 14 ARG A NE  1 
ATOM 111  C CZ  . ARG A 1 14 ? -12.360 4.743   0.328   1.00 100.79 ? 14 ARG A CZ  1 
ATOM 112  N NH1 . ARG A 1 14 ? -12.638 5.630   -0.625  1.00 99.23  ? 14 ARG A NH1 1 
ATOM 113  N NH2 . ARG A 1 14 ? -13.011 3.586   0.361   1.00 98.72  ? 14 ARG A NH2 1 
ATOM 114  N N   . TYR A 1 15 ? -6.259  3.694   3.185   1.00 76.48  ? 15 TYR A N   1 
ATOM 115  C CA  . TYR A 1 15 ? -5.892  2.637   4.130   1.00 76.38  ? 15 TYR A CA  1 
ATOM 116  C C   . TYR A 1 15 ? -5.651  3.187   5.541   1.00 76.49  ? 15 TYR A C   1 
ATOM 117  O O   . TYR A 1 15 ? -6.089  2.590   6.530   1.00 76.99  ? 15 TYR A O   1 
ATOM 118  C CB  . TYR A 1 15 ? -4.669  1.846   3.657   1.00 76.67  ? 15 TYR A CB  1 
ATOM 119  C CG  . TYR A 1 15 ? -4.127  0.932   4.726   1.00 77.38  ? 15 TYR A CG  1 
ATOM 120  C CD1 . TYR A 1 15 ? -4.789  -0.250  5.054   1.00 78.77  ? 15 TYR A CD1 1 
ATOM 121  C CD2 . TYR A 1 15 ? -2.973  1.259   5.432   1.00 76.48  ? 15 TYR A CD2 1 
ATOM 122  C CE1 . TYR A 1 15 ? -4.307  -1.090  6.046   1.00 78.45  ? 15 TYR A CE1 1 
ATOM 123  C CE2 . TYR A 1 15 ? -2.480  0.428   6.427   1.00 78.31  ? 15 TYR A CE2 1 
ATOM 124  C CZ  . TYR A 1 15 ? -3.152  -0.746  6.731   1.00 78.34  ? 15 TYR A CZ  1 
ATOM 125  O OH  . TYR A 1 15 ? -2.671  -1.582  7.716   1.00 78.50  ? 15 TYR A OH  1 
ATOM 126  N N   . LEU A 1 16 ? -4.947  4.315   5.625   1.00 84.36  ? 16 LEU A N   1 
ATOM 127  C CA  . LEU A 1 16 ? -4.693  4.969   6.901   1.00 84.47  ? 16 LEU A CA  1 
ATOM 128  C C   . LEU A 1 16 ? -6.006  5.366   7.570   1.00 84.97  ? 16 LEU A C   1 
ATOM 129  O O   . LEU A 1 16 ? -6.200  5.113   8.760   1.00 84.58  ? 16 LEU A O   1 
ATOM 130  C CB  . LEU A 1 16 ? -3.791  6.194   6.725   1.00 84.14  ? 16 LEU A CB  1 
ATOM 131  C CG  . LEU A 1 16 ? -2.436  6.015   6.033   1.00 83.77  ? 16 LEU A CG  1 
ATOM 132  C CD1 . LEU A 1 16 ? -1.692  7.333   5.988   1.00 83.74  ? 16 LEU A CD1 1 
ATOM 133  C CD2 . LEU A 1 16 ? -1.596  4.973   6.727   1.00 81.41  ? 16 LEU A CD2 1 
ATOM 134  N N   . GLN A 1 17 ? -6.904  5.975   6.794   1.00 86.20  ? 17 GLN A N   1 
ATOM 135  C CA  . GLN A 1 17 ? -8.220  6.367   7.286   1.00 87.38  ? 17 GLN A CA  1 
ATOM 136  C C   . GLN A 1 17 ? -8.963  5.178   7.870   1.00 87.55  ? 17 GLN A C   1 
ATOM 137  O O   . GLN A 1 17 ? -9.331  5.186   9.044   1.00 88.12  ? 17 GLN A O   1 
ATOM 138  C CB  . GLN A 1 17 ? -9.061  6.975   6.167   1.00 86.96  ? 17 GLN A CB  1 
ATOM 139  C CG  . GLN A 1 17 ? -8.812  8.444   5.904   1.00 87.36  ? 17 GLN A CG  1 
ATOM 140  C CD  . GLN A 1 17 ? -9.695  8.983   4.789   1.00 88.77  ? 17 GLN A CD  1 
ATOM 141  O OE1 . GLN A 1 17 ? -10.091 8.245   3.877   1.00 90.84  ? 17 GLN A OE1 1 
ATOM 142  N NE2 . GLN A 1 17 ? -10.006 10.279  4.857   1.00 89.19  ? 17 GLN A NE2 1 
ATOM 143  N N   . GLU A 1 18 ? -9.160  4.154   7.040   1.00 87.50  ? 18 GLU A N   1 
ATOM 144  C CA  . GLU A 1 18 ? -9.962  2.987   7.397   1.00 88.42  ? 18 GLU A CA  1 
ATOM 145  C C   . GLU A 1 18 ? -9.389  2.200   8.565   1.00 88.74  ? 18 GLU A C   1 
ATOM 146  O O   . GLU A 1 18 ? -10.141 1.603   9.335   1.00 89.32  ? 18 GLU A O   1 
ATOM 147  C CB  . GLU A 1 18 ? -10.115 2.056   6.198   1.00 88.09  ? 18 GLU A CB  1 
ATOM 148  C CG  . GLU A 1 18 ? -11.039 2.571   5.116   1.00 88.73  ? 18 GLU A CG  1 
ATOM 149  C CD  . GLU A 1 18 ? -10.834 1.852   3.797   1.00 89.80  ? 18 GLU A CD  1 
ATOM 150  O OE1 . GLU A 1 18 ? -11.300 2.380   2.758   1.00 89.62  ? 18 GLU A OE1 1 
ATOM 151  O OE2 . GLU A 1 18 ? -10.201 0.763   3.797   1.00 92.11  ? 18 GLU A OE2 1 
ATOM 152  N N   . SER A 1 19 ? -8.065  2.194   8.691   1.00 79.27  ? 19 SER A N   1 
ATOM 153  C CA  . SER A 1 19 ? -7.408  1.467   9.772   1.00 78.90  ? 19 SER A CA  1 
ATOM 154  C C   . SER A 1 19 ? -7.395  2.272   11.068  1.00 79.04  ? 19 SER A C   1 
ATOM 155  O O   . SER A 1 19 ? -6.971  1.773   12.112  1.00 79.16  ? 19 SER A O   1 
ATOM 156  C CB  . SER A 1 19 ? -5.991  1.068   9.371   1.00 79.19  ? 19 SER A CB  1 
ATOM 157  O OG  . SER A 1 19 ? -5.994  0.323   8.168   1.00 79.48  ? 19 SER A OG  1 
ATOM 158  N N   . GLY A 1 20 ? -7.865  3.514   10.993  1.00 107.70 ? 20 GLY A N   1 
ATOM 159  C CA  . GLY A 1 20 ? -7.955  4.378   12.167  1.00 107.61 ? 20 GLY A CA  1 
ATOM 160  C C   . GLY A 1 20 ? -6.673  5.129   12.483  1.00 107.41 ? 20 GLY A C   1 
ATOM 161  O O   . GLY A 1 20 ? -6.513  5.649   13.591  1.00 107.41 ? 20 GLY A O   1 
ATOM 162  N N   . PHE A 1 21 ? -5.762  5.189   11.512  1.00 94.49  ? 21 PHE A N   1 
ATOM 163  C CA  . PHE A 1 21 ? -4.525  5.955   11.654  1.00 94.39  ? 21 PHE A CA  1 
ATOM 164  C C   . PHE A 1 21 ? -4.765  7.436   11.369  1.00 93.56  ? 21 PHE A C   1 
ATOM 165  O O   . PHE A 1 21 ? -4.214  8.005   10.419  1.00 92.87  ? 21 PHE A O   1 
ATOM 166  C CB  . PHE A 1 21 ? -3.422  5.371   10.775  1.00 94.73  ? 21 PHE A CB  1 
ATOM 167  C CG  . PHE A 1 21 ? -3.075  3.953   11.120  1.00 95.96  ? 21 PHE A CG  1 
ATOM 168  C CD1 . PHE A 1 21 ? -2.650  3.621   12.405  1.00 98.74  ? 21 PHE A CD1 1 
ATOM 169  C CD2 . PHE A 1 21 ? -3.171  2.951   10.169  1.00 96.24  ? 21 PHE A CD2 1 
ATOM 170  C CE1 . PHE A 1 21 ? -2.330  2.312   12.735  1.00 98.92  ? 21 PHE A CE1 1 
ATOM 171  C CE2 . PHE A 1 21 ? -2.850  1.637   10.491  1.00 95.72  ? 21 PHE A CE2 1 
ATOM 172  C CZ  . PHE A 1 21 ? -2.432  1.319   11.778  1.00 96.62  ? 21 PHE A CZ  1 
ATOM 173  N N   . SER A 1 22 ? -5.587  8.037   12.229  1.00 78.78  ? 22 SER A N   1 
ATOM 174  C CA  . SER A 1 22 ? -6.107  9.391   12.072  1.00 78.59  ? 22 SER A CA  1 
ATOM 175  C C   . SER A 1 22 ? -5.025  10.428  11.797  1.00 77.43  ? 22 SER A C   1 
ATOM 176  O O   . SER A 1 22 ? -5.189  11.282  10.926  1.00 76.61  ? 22 SER A O   1 
ATOM 177  C CB  . SER A 1 22 ? -6.912  9.779   13.319  1.00 78.62  ? 22 SER A CB  1 
ATOM 178  O OG  . SER A 1 22 ? -7.413  11.106  13.221  1.00 84.97  ? 22 SER A OG  1 
ATOM 179  N N   . HIS A 1 23 ? -3.921  10.341  12.532  1.00 73.08  ? 23 HIS A N   1 
ATOM 180  C CA  . HIS A 1 23 ? -2.877  11.353  12.461  1.00 72.76  ? 23 HIS A CA  1 
ATOM 181  C C   . HIS A 1 23 ? -2.026  11.197  11.213  1.00 72.41  ? 23 HIS A C   1 
ATOM 182  O O   . HIS A 1 23 ? -1.661  12.192  10.583  1.00 73.32  ? 23 HIS A O   1 
ATOM 183  C CB  . HIS A 1 23 ? -2.018  11.326  13.726  1.00 72.66  ? 23 HIS A CB  1 
ATOM 184  C CG  . HIS A 1 23 ? -2.807  11.484  14.988  1.00 72.87  ? 23 HIS A CG  1 
ATOM 185  N ND1 . HIS A 1 23 ? -3.529  12.624  15.276  1.00 73.99  ? 23 HIS A ND1 1 
ATOM 186  C CD2 . HIS A 1 23 ? -3.002  10.640  16.030  1.00 73.51  ? 23 HIS A CD2 1 
ATOM 187  C CE1 . HIS A 1 23 ? -4.131  12.477  16.443  1.00 72.58  ? 23 HIS A CE1 1 
ATOM 188  N NE2 . HIS A 1 23 ? -3.822  11.285  16.924  1.00 73.32  ? 23 HIS A NE2 1 
ATOM 189  N N   . SER A 1 24 ? -1.723  9.948   10.859  1.00 73.07  ? 24 SER A N   1 
ATOM 190  C CA  . SER A 1 24 ? -0.992  9.642   9.629   1.00 72.65  ? 24 SER A CA  1 
ATOM 191  C C   . SER A 1 24 ? -1.790  10.080  8.412   1.00 72.53  ? 24 SER A C   1 
ATOM 192  O O   . SER A 1 24 ? -1.263  10.762  7.534   1.00 73.11  ? 24 SER A O   1 
ATOM 193  C CB  . SER A 1 24 ? -0.678  8.151   9.534   1.00 72.81  ? 24 SER A CB  1 
ATOM 194  O OG  . SER A 1 24 ? 0.147   7.744   10.604  1.00 73.44  ? 24 SER A OG  1 
ATOM 195  N N   . ALA A 1 25 ? -3.064  9.690   8.374   1.00 81.91  ? 25 ALA A N   1 
ATOM 196  C CA  . ALA A 1 25 ? -3.968  10.091  7.307   1.00 82.27  ? 25 ALA A CA  1 
ATOM 197  C C   . ALA A 1 25 ? -3.890  11.593  7.068   1.00 82.24  ? 25 ALA A C   1 
ATOM 198  O O   . ALA A 1 25 ? -3.689  12.025  5.936   1.00 82.20  ? 25 ALA A O   1 
ATOM 199  C CB  . ALA A 1 25 ? -5.390  9.675   7.631   1.00 81.79  ? 25 ALA A CB  1 
ATOM 200  N N   . PHE A 1 26 ? -4.016  12.378  8.139   1.00 78.84  ? 26 PHE A N   1 
ATOM 201  C CA  . PHE A 1 26 ? -3.962  13.837  8.043   1.00 79.25  ? 26 PHE A CA  1 
ATOM 202  C C   . PHE A 1 26 ? -2.645  14.326  7.453   1.00 79.55  ? 26 PHE A C   1 
ATOM 203  O O   . PHE A 1 26 ? -2.636  15.145  6.532   1.00 79.20  ? 26 PHE A O   1 
ATOM 204  C CB  . PHE A 1 26 ? -4.187  14.487  9.411   1.00 79.09  ? 26 PHE A CB  1 
ATOM 205  C CG  . PHE A 1 26 ? -4.099  15.991  9.389   1.00 79.53  ? 26 PHE A CG  1 
ATOM 206  C CD1 . PHE A 1 26 ? -5.196  16.758  9.016   1.00 81.82  ? 26 PHE A CD1 1 
ATOM 207  C CD2 . PHE A 1 26 ? -2.917  16.638  9.736   1.00 80.49  ? 26 PHE A CD2 1 
ATOM 208  C CE1 . PHE A 1 26 ? -5.120  18.146  8.990   1.00 82.78  ? 26 PHE A CE1 1 
ATOM 209  C CE2 . PHE A 1 26 ? -2.831  18.027  9.710   1.00 81.66  ? 26 PHE A CE2 1 
ATOM 210  C CZ  . PHE A 1 26 ? -3.936  18.781  9.337   1.00 82.50  ? 26 PHE A CZ  1 
ATOM 211  N N   . THR A 1 27 ? -1.543  13.821  8.000   1.00 74.20  ? 27 THR A N   1 
ATOM 212  C CA  . THR A 1 27 ? -0.207  14.221  7.577   1.00 75.38  ? 27 THR A CA  1 
ATOM 213  C C   . THR A 1 27 ? 0.044   13.827  6.125   1.00 74.68  ? 27 THR A C   1 
ATOM 214  O O   . THR A 1 27 ? 0.629   14.594  5.361   1.00 75.27  ? 27 THR A O   1 
ATOM 215  C CB  . THR A 1 27 ? 0.875   13.605  8.486   1.00 75.78  ? 27 THR A CB  1 
ATOM 216  O OG1 . THR A 1 27 ? 0.576   13.900  9.858   1.00 79.06  ? 27 THR A OG1 1 
ATOM 217  C CG2 . THR A 1 27 ? 2.251   14.158  8.148   1.00 76.66  ? 27 THR A CG2 1 
ATOM 218  N N   . PHE A 1 28 ? -0.421  12.640  5.749   1.00 85.71  ? 28 PHE A N   1 
ATOM 219  C CA  . PHE A 1 28 ? -0.218  12.128  4.399   1.00 85.41  ? 28 PHE A CA  1 
ATOM 220  C C   . PHE A 1 28 ? -1.059  12.855  3.362   1.00 85.24  ? 28 PHE A C   1 
ATOM 221  O O   . PHE A 1 28 ? -0.586  13.134  2.262   1.00 85.35  ? 28 PHE A O   1 
ATOM 222  C CB  . PHE A 1 28 ? -0.487  10.627  4.343   1.00 85.32  ? 28 PHE A CB  1 
ATOM 223  C CG  . PHE A 1 28 ? -0.188  10.014  3.010   1.00 85.28  ? 28 PHE A CG  1 
ATOM 224  C CD1 . PHE A 1 28 ? 1.111   9.986   2.517   1.00 84.59  ? 28 PHE A CD1 1 
ATOM 225  C CD2 . PHE A 1 28 ? -1.204  9.459   2.246   1.00 83.64  ? 28 PHE A CD2 1 
ATOM 226  C CE1 . PHE A 1 28 ? 1.394   9.418   1.279   1.00 86.44  ? 28 PHE A CE1 1 
ATOM 227  C CE2 . PHE A 1 28 ? -0.931  8.885   1.008   1.00 85.64  ? 28 PHE A CE2 1 
ATOM 228  C CZ  . PHE A 1 28 ? 0.371   8.864   0.524   1.00 86.24  ? 28 PHE A CZ  1 
ATOM 229  N N   . GLY A 1 29 ? -2.302  13.161  3.716   1.00 82.11  ? 29 GLY A N   1 
ATOM 230  C CA  . GLY A 1 29 ? -3.184  13.918  2.839   1.00 82.44  ? 29 GLY A CA  1 
ATOM 231  C C   . GLY A 1 29 ? -2.515  15.192  2.366   1.00 83.15  ? 29 GLY A C   1 
ATOM 232  O O   . GLY A 1 29 ? -2.657  15.590  1.206   1.00 83.02  ? 29 GLY A O   1 
ATOM 233  N N   . ILE A 1 30 ? -1.765  15.817  3.273   1.00 96.06  ? 30 ILE A N   1 
ATOM 234  C CA  . ILE A 1 30 ? -1.075  17.072  2.996   1.00 96.55  ? 30 ILE A CA  1 
ATOM 235  C C   . ILE A 1 30 ? 0.194   16.840  2.181   1.00 96.74  ? 30 ILE A C   1 
ATOM 236  O O   . ILE A 1 30 ? 0.370   17.452  1.123   1.00 96.66  ? 30 ILE A O   1 
ATOM 237  C CB  . ILE A 1 30 ? -0.745  17.849  4.303   1.00 97.12  ? 30 ILE A CB  1 
ATOM 238  C CG1 . ILE A 1 30 ? -2.011  18.098  5.139   1.00 97.12  ? 30 ILE A CG1 1 
ATOM 239  C CG2 . ILE A 1 30 ? -0.001  19.149  3.999   1.00 98.24  ? 30 ILE A CG2 1 
ATOM 240  C CD1 . ILE A 1 30 ? -3.165  18.801  4.399   1.00 98.18  ? 30 ILE A CD1 1 
ATOM 241  N N   . GLU A 1 31 ? 1.064   15.957  2.674   1.00 81.58  ? 31 GLU A N   1 
ATOM 242  C CA  . GLU A 1 31 ? 2.337   15.651  2.009   1.00 82.44  ? 31 GLU A CA  1 
ATOM 243  C C   . GLU A 1 31 ? 2.154   15.142  0.577   1.00 82.95  ? 31 GLU A C   1 
ATOM 244  O O   . GLU A 1 31 ? 2.886   15.551  -0.329  1.00 83.01  ? 31 GLU A O   1 
ATOM 245  C CB  . GLU A 1 31 ? 3.164   14.651  2.828   1.00 83.13  ? 31 GLU A CB  1 
ATOM 246  C CG  . GLU A 1 31 ? 4.101   15.292  3.845   1.00 83.97  ? 31 GLU A CG  1 
ATOM 247  C CD  . GLU A 1 31 ? 5.148   14.324  4.385   1.00 85.02  ? 31 GLU A CD  1 
ATOM 248  O OE1 . GLU A 1 31 ? 4.804   13.162  4.681   1.00 86.00  ? 31 GLU A OE1 1 
ATOM 249  O OE2 . GLU A 1 31 ? 6.319   14.730  4.524   1.00 88.18  ? 31 GLU A OE2 1 
ATOM 250  N N   . SER A 1 32 ? 1.169   14.266  0.381   1.00 97.56  ? 32 SER A N   1 
ATOM 251  C CA  . SER A 1 32 ? 0.889   13.695  -0.937  1.00 98.09  ? 32 SER A CA  1 
ATOM 252  C C   . SER A 1 32 ? 0.019   14.610  -1.810  1.00 98.34  ? 32 SER A C   1 
ATOM 253  O O   . SER A 1 32 ? -0.294  14.266  -2.953  1.00 97.72  ? 32 SER A O   1 
ATOM 254  C CB  . SER A 1 32 ? 0.236   12.313  -0.798  1.00 97.89  ? 32 SER A CB  1 
ATOM 255  O OG  . SER A 1 32 ? -1.066  12.413  -0.243  1.00 97.75  ? 32 SER A OG  1 
ATOM 256  N N   . HIS A 1 33 ? -0.353  15.771  -1.264  1.00 108.46 ? 33 HIS A N   1 
ATOM 257  C CA  . HIS A 1 33 ? -1.243  16.734  -1.931  1.00 108.85 ? 33 HIS A CA  1 
ATOM 258  C C   . HIS A 1 33 ? -2.513  16.063  -2.440  1.00 109.18 ? 33 HIS A C   1 
ATOM 259  O O   . HIS A 1 33 ? -2.958  16.323  -3.563  1.00 108.92 ? 33 HIS A O   1 
ATOM 260  C CB  . HIS A 1 33 ? -0.526  17.462  -3.075  1.00 109.27 ? 33 HIS A CB  1 
ATOM 261  C CG  . HIS A 1 33 ? 0.708   18.190  -2.647  1.00 109.43 ? 33 HIS A CG  1 
ATOM 262  N ND1 . HIS A 1 33 ? 0.666   19.229  -1.690  1.00 110.72 ? 33 HIS A ND1 1 
ATOM 263  C CD2 . HIS A 1 33 ? 2.019   18.031  -3.051  1.00 110.25 ? 33 HIS A CD2 1 
ATOM 264  C CE1 . HIS A 1 33 ? 1.900   19.677  -1.518  1.00 109.98 ? 33 HIS A CE1 1 
ATOM 265  N NE2 . HIS A 1 33 ? 2.740   18.969  -2.334  1.00 109.59 ? 33 HIS A NE2 1 
ATOM 266  N N   . ILE A 1 34 ? -3.091  15.209  -1.599  1.00 91.39  ? 34 ILE A N   1 
ATOM 267  C CA  . ILE A 1 34 ? -4.225  14.373  -1.982  1.00 92.39  ? 34 ILE A CA  1 
ATOM 268  C C   . ILE A 1 34 ? -5.436  15.179  -2.485  1.00 93.67  ? 34 ILE A C   1 
ATOM 269  O O   . ILE A 1 34 ? -6.195  14.706  -3.336  1.00 92.99  ? 34 ILE A O   1 
ATOM 270  C CB  . ILE A 1 34 ? -4.612  13.390  -0.839  1.00 92.57  ? 34 ILE A CB  1 
ATOM 271  C CG1 . ILE A 1 34 ? -5.137  12.067  -1.414  1.00 92.42  ? 34 ILE A CG1 1 
ATOM 272  C CG2 . ILE A 1 34 ? -5.595  14.035  0.157   1.00 91.76  ? 34 ILE A CG2 1 
ATOM 273  C CD1 . ILE A 1 34 ? -4.063  11.191  -2.063  1.00 91.76  ? 34 ILE A CD1 1 
ATOM 274  N N   . SER A 1 35 ? -5.595  16.400  -1.970  1.00 121.10 ? 35 SER A N   1 
ATOM 275  C CA  . SER A 1 35 ? -6.640  17.313  -2.434  1.00 123.19 ? 35 SER A CA  1 
ATOM 276  C C   . SER A 1 35 ? -6.503  17.614  -3.928  1.00 125.35 ? 35 SER A C   1 
ATOM 277  O O   . SER A 1 35 ? -7.491  17.909  -4.606  1.00 125.40 ? 35 SER A O   1 
ATOM 278  C CB  . SER A 1 35 ? -6.595  18.620  -1.636  1.00 122.92 ? 35 SER A CB  1 
ATOM 279  O OG  . SER A 1 35 ? -5.390  19.336  -1.893  1.00 122.98 ? 35 SER A OG  1 
ATOM 280  N N   . GLN A 1 36 ? -5.273  17.526  -4.427  1.00 159.16 ? 36 GLN A N   1 
ATOM 281  C CA  . GLN A 1 36 ? -4.961  17.838  -5.819  1.00 162.08 ? 36 GLN A CA  1 
ATOM 282  C C   . GLN A 1 36 ? -5.014  16.603  -6.734  1.00 162.92 ? 36 GLN A C   1 
ATOM 283  O O   . GLN A 1 36 ? -4.747  16.709  -7.944  1.00 163.30 ? 36 GLN A O   1 
ATOM 284  C CB  . GLN A 1 36 ? -3.587  18.517  -5.900  1.00 162.32 ? 36 GLN A CB  1 
ATOM 285  C CG  . GLN A 1 36 ? -3.539  19.736  -6.826  1.00 166.31 ? 36 GLN A CG  1 
ATOM 286  C CD  . GLN A 1 36 ? -4.044  21.029  -6.170  1.00 170.38 ? 36 GLN A CD  1 
ATOM 287  O OE1 . GLN A 1 36 ? -3.948  22.130  -6.773  1.00 173.27 ? 36 GLN A OE1 1 
ATOM 288  N NE2 . GLN A 1 36 ? -4.582  20.898  -4.938  1.00 172.21 ? 36 GLN A NE2 1 
ATOM 289  N N   . SER A 1 37 ? -5.363  15.439  -6.159  1.00 146.75 ? 37 SER A N   1 
ATOM 290  C CA  . SER A 1 37 ? -5.487  14.207  -6.939  1.00 148.16 ? 37 SER A CA  1 
ATOM 291  C C   . SER A 1 37 ? -6.802  14.150  -7.719  1.00 148.78 ? 37 SER A C   1 
ATOM 292  O O   . SER A 1 37 ? -7.842  14.652  -7.211  1.00 149.36 ? 37 SER A O   1 
ATOM 293  C CB  . SER A 1 37 ? -5.309  12.954  -6.075  1.00 148.39 ? 37 SER A CB  1 
ATOM 294  O OG  . SER A 1 37 ? -6.562  12.405  -5.682  1.00 148.19 ? 37 SER A OG  1 
ATOM 295  N N   . ASN A 1 38 ? -6.743  13.511  -8.935  1.00 187.93 ? 38 ASN A N   1 
ATOM 296  C CA  . ASN A 1 38 ? -7.901  13.551  -9.831  1.00 187.73 ? 38 ASN A CA  1 
ATOM 297  C C   . ASN A 1 38 ? -8.824  12.332  -9.661  1.00 186.94 ? 38 ASN A C   1 
ATOM 298  O O   . ASN A 1 38 ? -9.593  11.978  -10.567 1.00 187.73 ? 38 ASN A O   1 
ATOM 299  C CB  . ASN A 1 38 ? -7.406  13.664  -11.282 1.00 188.43 ? 38 ASN A CB  1 
ATOM 300  C CG  . ASN A 1 38 ? -8.191  14.678  -12.099 1.00 189.80 ? 38 ASN A CG  1 
ATOM 301  O OD1 . ASN A 1 38 ? -8.774  15.622  -11.552 1.00 192.93 ? 38 ASN A OD1 1 
ATOM 302  N ND2 . ASN A 1 38 ? -8.194  14.493  -13.424 1.00 193.20 ? 38 ASN A ND2 1 
ATOM 303  N N   . ILE A 1 39 ? -8.753  11.706  -8.490  1.00 123.86 ? 39 ILE A N   1 
ATOM 304  C CA  . ILE A 1 39 ? -9.437  10.437  -8.257  1.00 122.46 ? 39 ILE A CA  1 
ATOM 305  C C   . ILE A 1 39 ? -10.741 10.624  -7.490  1.00 121.56 ? 39 ILE A C   1 
ATOM 306  O O   . ILE A 1 39 ? -10.832 11.440  -6.568  1.00 121.45 ? 39 ILE A O   1 
ATOM 307  C CB  . ILE A 1 39 ? -8.506  9.422   -7.543  1.00 122.51 ? 39 ILE A CB  1 
ATOM 308  C CG1 . ILE A 1 39 ? -7.310  9.098   -8.441  1.00 121.97 ? 39 ILE A CG1 1 
ATOM 309  C CG2 . ILE A 1 39 ? -9.255  8.134   -7.181  1.00 122.46 ? 39 ILE A CG2 1 
ATOM 310  C CD1 . ILE A 1 39 ? -6.016  8.873   -7.695  1.00 119.16 ? 39 ILE A CD1 1 
ATOM 311  N N   . ASN A 1 40 ? -11.749 9.857   -7.901  1.00 139.82 ? 40 ASN A N   1 
ATOM 312  C CA  . ASN A 1 40 ? -13.043 9.857   -7.248  1.00 138.46 ? 40 ASN A CA  1 
ATOM 313  C C   . ASN A 1 40 ? -13.065 8.888   -6.068  1.00 137.53 ? 40 ASN A C   1 
ATOM 314  O O   . ASN A 1 40 ? -13.102 7.665   -6.246  1.00 137.35 ? 40 ASN A O   1 
ATOM 315  C CB  . ASN A 1 40 ? -14.137 9.502   -8.255  1.00 138.49 ? 40 ASN A CB  1 
ATOM 316  C CG  . ASN A 1 40 ? -15.503 10.006  -7.829  1.00 138.12 ? 40 ASN A CG  1 
ATOM 317  O OD1 . ASN A 1 40 ? -15.920 9.883   -6.652  1.00 138.66 ? 40 ASN A OD1 1 
ATOM 318  N ND2 . ASN A 1 40 ? -16.240 10.580  -8.780  1.00 137.95 ? 40 ASN A ND2 1 
ATOM 319  N N   . GLY A 1 41 ? -13.044 9.454   -4.863  1.00 131.19 ? 41 GLY A N   1 
ATOM 320  C CA  . GLY A 1 41 ? -12.998 8.671   -3.630  1.00 129.99 ? 41 GLY A CA  1 
ATOM 321  C C   . GLY A 1 41 ? -14.208 7.792   -3.403  1.00 129.35 ? 41 GLY A C   1 
ATOM 322  O O   . GLY A 1 41 ? -14.104 6.727   -2.784  1.00 128.79 ? 41 GLY A O   1 
ATOM 323  N N   . THR A 1 42 ? -15.353 8.240   -3.915  1.00 120.87 ? 42 THR A N   1 
ATOM 324  C CA  . THR A 1 42 ? -16.614 7.532   -3.728  1.00 120.35 ? 42 THR A CA  1 
ATOM 325  C C   . THR A 1 42 ? -16.665 6.199   -4.490  1.00 119.96 ? 42 THR A C   1 
ATOM 326  O O   . THR A 1 42 ? -17.375 5.277   -4.078  1.00 120.07 ? 42 THR A O   1 
ATOM 327  C CB  . THR A 1 42 ? -17.824 8.419   -4.105  1.00 120.39 ? 42 THR A CB  1 
ATOM 328  O OG1 . THR A 1 42 ? -17.639 8.939   -5.432  1.00 120.09 ? 42 THR A OG1 1 
ATOM 329  C CG2 . THR A 1 42 ? -17.970 9.592   -3.119  1.00 119.92 ? 42 THR A CG2 1 
ATOM 330  N N   . LEU A 1 43 ? -15.901 6.098   -5.580  1.00 101.08 ? 43 LEU A N   1 
ATOM 331  C CA  . LEU A 1 43 ? -15.859 4.871   -6.392  1.00 101.10 ? 43 LEU A CA  1 
ATOM 332  C C   . LEU A 1 43 ? -14.746 3.902   -5.991  1.00 100.58 ? 43 LEU A C   1 
ATOM 333  O O   . LEU A 1 43 ? -14.575 2.848   -6.608  1.00 100.60 ? 43 LEU A O   1 
ATOM 334  C CB  . LEU A 1 43 ? -15.758 5.202   -7.886  1.00 101.36 ? 43 LEU A CB  1 
ATOM 335  C CG  . LEU A 1 43 ? -17.005 5.753   -8.586  1.00 102.62 ? 43 LEU A CG  1 
ATOM 336  C CD1 . LEU A 1 43 ? -16.727 5.922   -10.086 1.00 103.03 ? 43 LEU A CD1 1 
ATOM 337  C CD2 . LEU A 1 43 ? -18.237 4.860   -8.358  1.00 103.69 ? 43 LEU A CD2 1 
ATOM 338  N N   . VAL A 1 44 ? -13.989 4.266   -4.962  1.00 116.86 ? 44 VAL A N   1 
ATOM 339  C CA  . VAL A 1 44 ? -12.952 3.391   -4.432  1.00 115.98 ? 44 VAL A CA  1 
ATOM 340  C C   . VAL A 1 44 ? -13.528 2.592   -3.256  1.00 115.73 ? 44 VAL A C   1 
ATOM 341  O O   . VAL A 1 44 ? -13.993 3.183   -2.276  1.00 115.14 ? 44 VAL A O   1 
ATOM 342  C CB  . VAL A 1 44 ? -11.698 4.195   -4.001  1.00 116.00 ? 44 VAL A CB  1 
ATOM 343  C CG1 . VAL A 1 44 ? -10.659 3.281   -3.360  1.00 115.50 ? 44 VAL A CG1 1 
ATOM 344  C CG2 . VAL A 1 44 ? -11.098 4.942   -5.197  1.00 115.14 ? 44 VAL A CG2 1 
ATOM 345  N N   . PRO A 1 45 ? -13.512 1.246   -3.356  1.00 96.22  ? 45 PRO A N   1 
ATOM 346  C CA  . PRO A 1 45 ? -14.067 0.378   -2.307  1.00 95.98  ? 45 PRO A CA  1 
ATOM 347  C C   . PRO A 1 45 ? -13.214 0.373   -1.030  1.00 96.33  ? 45 PRO A C   1 
ATOM 348  O O   . PRO A 1 45 ? -12.033 0.728   -1.085  1.00 96.58  ? 45 PRO A O   1 
ATOM 349  C CB  . PRO A 1 45 ? -14.050 -1.010  -2.960  1.00 95.81  ? 45 PRO A CB  1 
ATOM 350  C CG  . PRO A 1 45 ? -12.944 -0.943  -3.945  1.00 96.21  ? 45 PRO A CG  1 
ATOM 351  C CD  . PRO A 1 45 ? -12.964 0.462   -4.480  1.00 96.47  ? 45 PRO A CD  1 
ATOM 352  N N   . PRO A 1 46 ? -13.813 -0.008  0.118   1.00 87.84  ? 46 PRO A N   1 
ATOM 353  C CA  . PRO A 1 46 ? -13.029 -0.205  1.337   1.00 87.63  ? 46 PRO A CA  1 
ATOM 354  C C   . PRO A 1 46 ? -11.974 -1.297  1.164   1.00 87.53  ? 46 PRO A C   1 
ATOM 355  O O   . PRO A 1 46 ? -12.109 -2.150  0.281   1.00 87.46  ? 46 PRO A O   1 
ATOM 356  C CB  . PRO A 1 46 ? -14.079 -0.648  2.363   1.00 87.97  ? 46 PRO A CB  1 
ATOM 357  C CG  . PRO A 1 46 ? -15.365 -0.112  1.840   1.00 87.73  ? 46 PRO A CG  1 
ATOM 358  C CD  . PRO A 1 46 ? -15.253 -0.250  0.353   1.00 87.75  ? 46 PRO A CD  1 
ATOM 359  N N   . ALA A 1 47 ? -10.931 -1.245  1.995   1.00 81.70  ? 47 ALA A N   1 
ATOM 360  C CA  . ALA A 1 47 ? -9.838  -2.234  2.007   1.00 80.22  ? 47 ALA A CA  1 
ATOM 361  C C   . ALA A 1 47 ? -9.239  -2.494  0.628   1.00 79.69  ? 47 ALA A C   1 
ATOM 362  O O   . ALA A 1 47 ? -8.723  -3.579  0.362   1.00 78.94  ? 47 ALA A O   1 
ATOM 363  C CB  . ALA A 1 47 ? -10.297 -3.546  2.656   1.00 80.57  ? 47 ALA A CB  1 
ATOM 364  N N   . ALA A 1 48 ? -9.309  -1.485  -0.236  1.00 79.04  ? 48 ALA A N   1 
ATOM 365  C CA  . ALA A 1 48 ? -8.826  -1.588  -1.609  1.00 78.54  ? 48 ALA A CA  1 
ATOM 366  C C   . ALA A 1 48 ? -7.341  -1.922  -1.674  1.00 78.99  ? 48 ALA A C   1 
ATOM 367  O O   . ALA A 1 48 ? -6.942  -2.832  -2.398  1.00 79.29  ? 48 ALA A O   1 
ATOM 368  C CB  . ALA A 1 48 ? -9.118  -0.310  -2.367  1.00 78.37  ? 48 ALA A CB  1 
ATOM 369  N N   . LEU A 1 49 ? -6.527  -1.194  -0.909  1.00 83.86  ? 49 LEU A N   1 
ATOM 370  C CA  . LEU A 1 49 ? -5.098  -1.472  -0.846  1.00 83.54  ? 49 LEU A CA  1 
ATOM 371  C C   . LEU A 1 49 ? -4.846  -2.892  -0.347  1.00 83.44  ? 49 LEU A C   1 
ATOM 372  O O   . LEU A 1 49 ? -3.993  -3.596  -0.882  1.00 83.12  ? 49 LEU A O   1 
ATOM 373  C CB  . LEU A 1 49 ? -4.380  -0.462  0.052   1.00 83.63  ? 49 LEU A CB  1 
ATOM 374  C CG  . LEU A 1 49 ? -2.857  -0.627  0.153   1.00 83.39  ? 49 LEU A CG  1 
ATOM 375  C CD1 . LEU A 1 49 ? -2.150  0.119   -0.965  1.00 83.28  ? 49 LEU A CD1 1 
ATOM 376  C CD2 . LEU A 1 49 ? -2.340  -0.167  1.505   1.00 82.92  ? 49 LEU A CD2 1 
ATOM 377  N N   . ILE A 1 50 ? -5.600  -3.303  0.671   1.00 80.44  ? 50 ILE A N   1 
ATOM 378  C CA  . ILE A 1 50 ? -5.489  -4.650  1.232   1.00 81.60  ? 50 ILE A CA  1 
ATOM 379  C C   . ILE A 1 50 ? -5.871  -5.704  0.186   1.00 82.00  ? 50 ILE A C   1 
ATOM 380  O O   . ILE A 1 50 ? -5.230  -6.754  0.093   1.00 82.04  ? 50 ILE A O   1 
ATOM 381  C CB  . ILE A 1 50 ? -6.356  -4.818  2.516   1.00 82.42  ? 50 ILE A CB  1 
ATOM 382  C CG1 . ILE A 1 50 ? -6.095  -3.668  3.501   1.00 82.70  ? 50 ILE A CG1 1 
ATOM 383  C CG2 . ILE A 1 50 ? -6.081  -6.168  3.186   1.00 82.67  ? 50 ILE A CG2 1 
ATOM 384  C CD1 . ILE A 1 50 ? -7.179  -3.486  4.561   1.00 84.40  ? 50 ILE A CD1 1 
ATOM 385  N N   . SER A 1 51 ? -6.901  -5.405  -0.608  1.00 98.86  ? 51 SER A N   1 
ATOM 386  C CA  . SER A 1 51 ? -7.422  -6.339  -1.609  1.00 99.42  ? 51 SER A CA  1 
ATOM 387  C C   . SER A 1 51 ? -6.446  -6.564  -2.759  1.00 99.54  ? 51 SER A C   1 
ATOM 388  O O   . SER A 1 51 ? -6.154  -7.707  -3.111  1.00 99.68  ? 51 SER A O   1 
ATOM 389  C CB  . SER A 1 51 ? -8.768  -5.855  -2.156  1.00 99.48  ? 51 SER A CB  1 
ATOM 390  O OG  . SER A 1 51 ? -9.748  -5.805  -1.135  1.00 101.42 ? 51 SER A OG  1 
ATOM 391  N N   . ILE A 1 52 ? -5.948  -5.470  -3.334  1.00 91.64  ? 52 ILE A N   1 
ATOM 392  C CA  . ILE A 1 52 ? -5.004  -5.521  -4.452  1.00 92.02  ? 52 ILE A CA  1 
ATOM 393  C C   . ILE A 1 52 ? -3.718  -6.219  -4.025  1.00 92.17  ? 52 ILE A C   1 
ATOM 394  O O   . ILE A 1 52 ? -3.174  -7.051  -4.756  1.00 92.14  ? 52 ILE A O   1 
ATOM 395  C CB  . ILE A 1 52 ? -4.684  -4.103  -4.991  1.00 92.12  ? 52 ILE A CB  1 
ATOM 396  C CG1 . ILE A 1 52 ? -5.972  -3.395  -5.416  1.00 92.98  ? 52 ILE A CG1 1 
ATOM 397  C CG2 . ILE A 1 52 ? -3.705  -4.164  -6.167  1.00 91.57  ? 52 ILE A CG2 1 
ATOM 398  C CD1 . ILE A 1 52 ? -5.872  -1.891  -5.444  1.00 92.05  ? 52 ILE A CD1 1 
ATOM 399  N N   . LEU A 1 53 ? -3.261  -5.881  -2.824  1.00 93.60  ? 53 LEU A N   1 
ATOM 400  C CA  . LEU A 1 53 ? -2.041  -6.426  -2.253  1.00 94.02  ? 53 LEU A CA  1 
ATOM 401  C C   . LEU A 1 53 ? -2.173  -7.937  -2.091  1.00 94.68  ? 53 LEU A C   1 
ATOM 402  O O   . LEU A 1 53 ? -1.239  -8.686  -2.393  1.00 94.37  ? 53 LEU A O   1 
ATOM 403  C CB  . LEU A 1 53 ? -1.783  -5.765  -0.899  1.00 93.28  ? 53 LEU A CB  1 
ATOM 404  C CG  . LEU A 1 53 ? -0.460  -5.052  -0.612  1.00 93.13  ? 53 LEU A CG  1 
ATOM 405  C CD1 . LEU A 1 53 ? -0.075  -4.067  -1.718  1.00 89.93  ? 53 LEU A CD1 1 
ATOM 406  C CD2 . LEU A 1 53 ? -0.563  -4.332  0.730   1.00 90.21  ? 53 LEU A CD2 1 
ATOM 407  N N   . GLN A 1 54 ? -3.344  -8.368  -1.623  1.00 130.47 ? 54 GLN A N   1 
ATOM 408  C CA  . GLN A 1 54 ? -3.669  -9.784  -1.480  1.00 131.51 ? 54 GLN A CA  1 
ATOM 409  C C   . GLN A 1 54 ? -3.630  -10.488 -2.833  1.00 131.61 ? 54 GLN A C   1 
ATOM 410  O O   . GLN A 1 54 ? -3.067  -11.578 -2.957  1.00 131.70 ? 54 GLN A O   1 
ATOM 411  C CB  . GLN A 1 54 ? -5.049  -9.962  -0.835  1.00 131.52 ? 54 GLN A CB  1 
ATOM 412  C CG  . GLN A 1 54 ? -5.425  -11.417 -0.554  1.00 133.94 ? 54 GLN A CG  1 
ATOM 413  C CD  . GLN A 1 54 ? -4.454  -12.103 0.404   1.00 136.59 ? 54 GLN A CD  1 
ATOM 414  O OE1 . GLN A 1 54 ? -3.915  -13.197 0.109   1.00 139.35 ? 54 GLN A OE1 1 
ATOM 415  N NE2 . GLN A 1 54 ? -4.220  -11.454 1.558   1.00 135.45 ? 54 GLN A NE2 1 
ATOM 416  N N   . LYS A 1 55 ? -4.228  -9.855  -3.840  1.00 98.06  ? 55 LYS A N   1 
ATOM 417  C CA  . LYS A 1 55 ? -4.226  -10.379 -5.204  1.00 98.26  ? 55 LYS A CA  1 
ATOM 418  C C   . LYS A 1 55 ? -2.820  -10.388 -5.806  1.00 97.76  ? 55 LYS A C   1 
ATOM 419  O O   . LYS A 1 55 ? -2.448  -11.335 -6.508  1.00 98.11  ? 55 LYS A O   1 
ATOM 420  C CB  . LYS A 1 55 ? -5.204  -9.595  -6.086  1.00 98.60  ? 55 LYS A CB  1 
ATOM 421  C CG  . LYS A 1 55 ? -6.671  -9.844  -5.737  1.00 101.17 ? 55 LYS A CG  1 
ATOM 422  C CD  . LYS A 1 55 ? -7.604  -9.052  -6.637  1.00 106.70 ? 55 LYS A CD  1 
ATOM 423  C CE  . LYS A 1 55 ? -9.045  -9.536  -6.508  1.00 109.39 ? 55 LYS A CE  1 
ATOM 424  N NZ  . LYS A 1 55 ? -9.944  -8.841  -7.485  1.00 111.78 ? 55 LYS A NZ  1 
ATOM 425  N N   . GLY A 1 56 ? -2.044  -9.344  -5.510  1.00 105.15 ? 56 GLY A N   1 
ATOM 426  C CA  . GLY A 1 56 ? -0.639  -9.268  -5.909  1.00 104.42 ? 56 GLY A CA  1 
ATOM 427  C C   . GLY A 1 56 ? 0.164   -10.465 -5.435  1.00 104.12 ? 56 GLY A C   1 
ATOM 428  O O   . GLY A 1 56 ? 0.966   -11.020 -6.187  1.00 104.06 ? 56 GLY A O   1 
ATOM 429  N N   . LEU A 1 57 ? -0.061  -10.865 -4.185  1.00 118.75 ? 57 LEU A N   1 
ATOM 430  C CA  . LEU A 1 57 ? 0.583   -12.047 -3.606  1.00 119.42 ? 57 LEU A CA  1 
ATOM 431  C C   . LEU A 1 57 ? 0.152   -13.340 -4.297  1.00 119.67 ? 57 LEU A C   1 
ATOM 432  O O   . LEU A 1 57 ? 0.996   -14.164 -4.663  1.00 119.46 ? 57 LEU A O   1 
ATOM 433  C CB  . LEU A 1 57 ? 0.301   -12.132 -2.102  1.00 118.84 ? 57 LEU A CB  1 
ATOM 434  C CG  . LEU A 1 57 ? 1.377   -11.663 -1.110  1.00 120.29 ? 57 LEU A CG  1 
ATOM 435  C CD1 . LEU A 1 57 ? 1.952   -10.292 -1.486  1.00 118.30 ? 57 LEU A CD1 1 
ATOM 436  C CD2 . LEU A 1 57 ? 0.825   -11.653 0.333   1.00 119.83 ? 57 LEU A CD2 1 
ATOM 437  N N   . GLN A 1 58 ? -1.158  -13.506 -4.473  1.00 136.53 ? 58 GLN A N   1 
ATOM 438  C CA  . GLN A 1 58 ? -1.713  -14.689 -5.126  1.00 137.76 ? 58 GLN A CA  1 
ATOM 439  C C   . GLN A 1 58 ? -1.223  -14.830 -6.561  1.00 137.51 ? 58 GLN A C   1 
ATOM 440  O O   . GLN A 1 58 ? -0.875  -15.931 -6.996  1.00 137.26 ? 58 GLN A O   1 
ATOM 441  C CB  . GLN A 1 58 ? -3.242  -14.674 -5.073  1.00 138.06 ? 58 GLN A CB  1 
ATOM 442  C CG  . GLN A 1 58 ? -3.810  -15.078 -3.712  1.00 140.44 ? 58 GLN A CG  1 
ATOM 443  C CD  . GLN A 1 58 ? -5.230  -14.577 -3.487  1.00 144.65 ? 58 GLN A CD  1 
ATOM 444  O OE1 . GLN A 1 58 ? -6.010  -14.413 -4.438  1.00 146.82 ? 58 GLN A OE1 1 
ATOM 445  N NE2 . GLN A 1 58 ? -5.573  -14.332 -2.220  1.00 144.91 ? 58 GLN A NE2 1 
ATOM 446  N N   . TYR A 1 59 ? -1.177  -13.711 -7.282  1.00 122.05 ? 59 TYR A N   1 
ATOM 447  C CA  . TYR A 1 59 ? -0.647  -13.693 -8.641  1.00 123.11 ? 59 TYR A CA  1 
ATOM 448  C C   . TYR A 1 59 ? 0.786   -14.236 -8.690  1.00 123.40 ? 59 TYR A C   1 
ATOM 449  O O   . TYR A 1 59 ? 1.103   -15.056 -9.553  1.00 123.22 ? 59 TYR A O   1 
ATOM 450  C CB  . TYR A 1 59 ? -0.717  -12.281 -9.237  1.00 124.03 ? 59 TYR A CB  1 
ATOM 451  C CG  . TYR A 1 59 ? -0.509  -12.228 -10.740 1.00 125.67 ? 59 TYR A CG  1 
ATOM 452  C CD1 . TYR A 1 59 ? -1.601  -12.095 -11.613 1.00 126.81 ? 59 TYR A CD1 1 
ATOM 453  C CD2 . TYR A 1 59 ? 0.783   -12.305 -11.290 1.00 127.62 ? 59 TYR A CD2 1 
ATOM 454  C CE1 . TYR A 1 59 ? -1.413  -12.043 -13.003 1.00 126.79 ? 59 TYR A CE1 1 
ATOM 455  C CE2 . TYR A 1 59 ? 0.981   -12.260 -12.673 1.00 127.62 ? 59 TYR A CE2 1 
ATOM 456  C CZ  . TYR A 1 59 ? -0.116  -12.128 -13.525 1.00 127.35 ? 59 TYR A CZ  1 
ATOM 457  O OH  . TYR A 1 59 ? 0.094   -12.085 -14.889 1.00 127.49 ? 59 TYR A OH  1 
ATOM 458  N N   . VAL A 1 60 ? 1.636   -13.796 -7.761  1.00 79.39  ? 60 VAL A N   1 
ATOM 459  C CA  . VAL A 1 60 ? 3.029   -14.255 -7.712  1.00 79.25  ? 60 VAL A CA  1 
ATOM 460  C C   . VAL A 1 60 ? 3.121   -15.746 -7.362  1.00 79.50  ? 60 VAL A C   1 
ATOM 461  O O   . VAL A 1 60 ? 3.978   -16.462 -7.892  1.00 78.85  ? 60 VAL A O   1 
ATOM 462  C CB  . VAL A 1 60 ? 3.895   -13.400 -6.748  1.00 79.36  ? 60 VAL A CB  1 
ATOM 463  C CG1 . VAL A 1 60 ? 5.311   -13.970 -6.616  1.00 78.22  ? 60 VAL A CG1 1 
ATOM 464  C CG2 . VAL A 1 60 ? 3.964   -11.965 -7.242  1.00 78.73  ? 60 VAL A CG2 1 
ATOM 465  N N   . GLU A 1 61 ? 2.228   -16.202 -6.482  1.00 150.59 ? 61 GLU A N   1 
ATOM 466  C CA  . GLU A 1 61 ? 2.134   -17.624 -6.122  1.00 152.57 ? 61 GLU A CA  1 
ATOM 467  C C   . GLU A 1 61 ? 1.776   -18.486 -7.337  1.00 152.24 ? 61 GLU A C   1 
ATOM 468  O O   . GLU A 1 61 ? 2.288   -19.601 -7.485  1.00 152.52 ? 61 GLU A O   1 
ATOM 469  C CB  . GLU A 1 61 ? 1.129   -17.839 -4.980  1.00 152.22 ? 61 GLU A CB  1 
ATOM 470  C CG  . GLU A 1 61 ? 1.715   -17.594 -3.588  1.00 154.71 ? 61 GLU A CG  1 
ATOM 471  C CD  . GLU A 1 61 ? 0.687   -17.119 -2.558  1.00 155.52 ? 61 GLU A CD  1 
ATOM 472  O OE1 . GLU A 1 61 ? -0.440  -16.732 -2.943  1.00 159.74 ? 61 GLU A OE1 1 
ATOM 473  O OE2 . GLU A 1 61 ? 1.017   -17.122 -1.351  1.00 159.31 ? 61 GLU A OE2 1 
ATOM 474  N N   . ALA A 1 62 ? 0.914   -17.952 -8.203  1.00 131.71 ? 62 ALA A N   1 
ATOM 475  C CA  . ALA A 1 62 ? 0.518   -18.618 -9.449  1.00 132.40 ? 62 ALA A CA  1 
ATOM 476  C C   . ALA A 1 62 ? 1.676   -18.733 -10.452 1.00 132.98 ? 62 ALA A C   1 
ATOM 477  O O   . ALA A 1 62 ? 1.800   -19.743 -11.161 1.00 133.31 ? 62 ALA A O   1 
ATOM 478  C CB  . ALA A 1 62 ? -0.676  -17.895 -10.085 1.00 132.17 ? 62 ALA A CB  1 
ATOM 479  N N   . GLU A 1 63 ? 2.517   -17.697 -10.500 1.00 120.68 ? 63 GLU A N   1 
ATOM 480  C CA  . GLU A 1 63 ? 3.660   -17.647 -11.412 1.00 121.31 ? 63 GLU A CA  1 
ATOM 481  C C   . GLU A 1 63 ? 4.723   -18.667 -11.020 1.00 120.99 ? 63 GLU A C   1 
ATOM 482  O O   . GLU A 1 63 ? 5.370   -19.257 -11.886 1.00 121.44 ? 63 GLU A O   1 
ATOM 483  C CB  . GLU A 1 63 ? 4.254   -16.234 -11.466 1.00 121.47 ? 63 GLU A CB  1 
ATOM 484  C CG  . GLU A 1 63 ? 3.325   -15.189 -12.105 1.00 122.53 ? 63 GLU A CG  1 
ATOM 485  C CD  . GLU A 1 63 ? 3.934   -13.790 -12.175 1.00 123.04 ? 63 GLU A CD  1 
ATOM 486  O OE1 . GLU A 1 63 ? 4.608   -13.375 -11.188 1.00 124.12 ? 63 GLU A OE1 1 
ATOM 487  O OE2 . GLU A 1 63 ? 3.721   -13.091 -13.217 1.00 127.11 ? 63 GLU A OE2 1 
ATOM 488  N N   . ILE A 1 64 ? 4.884   -18.877 -9.715  1.00 100.27 ? 64 ILE A N   1 
ATOM 489  C CA  . ILE A 1 64 ? 5.838   -19.857 -9.196  1.00 99.70  ? 64 ILE A CA  1 
ATOM 490  C C   . ILE A 1 64 ? 5.300   -21.296 -9.283  1.00 100.41 ? 64 ILE A C   1 
ATOM 491  O O   . ILE A 1 64 ? 6.057   -22.231 -9.595  1.00 100.38 ? 64 ILE A O   1 
ATOM 492  C CB  . ILE A 1 64 ? 6.264   -19.524 -7.739  1.00 99.48  ? 64 ILE A CB  1 
ATOM 493  C CG1 . ILE A 1 64 ? 6.869   -18.111 -7.681  1.00 98.27  ? 64 ILE A CG1 1 
ATOM 494  C CG2 . ILE A 1 64 ? 7.274   -20.571 -7.195  1.00 97.90  ? 64 ILE A CG2 1 
ATOM 495  C CD1 . ILE A 1 64 ? 7.057   -17.567 -6.271  1.00 98.80  ? 64 ILE A CD1 1 
ATOM 496  N N   . SER A 1 65 ? 4.000   -21.463 -9.021  1.00 166.72 ? 65 SER A N   1 
ATOM 497  C CA  . SER A 1 65 ? 3.377   -22.795 -8.935  1.00 167.14 ? 65 SER A CA  1 
ATOM 498  C C   . SER A 1 65 ? 3.344   -23.572 -10.263 1.00 167.12 ? 65 SER A C   1 
ATOM 499  O O   . SER A 1 65 ? 3.530   -24.798 -10.269 1.00 167.17 ? 65 SER A O   1 
ATOM 500  C CB  . SER A 1 65 ? 1.961   -22.700 -8.340  1.00 167.29 ? 65 SER A CB  1 
ATOM 501  O OG  . SER A 1 65 ? 1.082   -22.003 -9.220  1.00 168.13 ? 65 SER A OG  1 
ATOM 502  N N   . ILE A 1 66 ? 3.106   -22.862 -11.370 1.00 165.76 ? 66 ILE A N   1 
ATOM 503  C CA  . ILE A 1 66 ? 3.098   -23.472 -12.718 1.00 166.05 ? 66 ILE A CA  1 
ATOM 504  C C   . ILE A 1 66 ? 4.503   -23.913 -13.175 1.00 165.60 ? 66 ILE A C   1 
ATOM 505  O O   . ILE A 1 66 ? 4.640   -24.871 -13.950 1.00 165.46 ? 66 ILE A O   1 
ATOM 506  C CB  . ILE A 1 66 ? 2.440   -22.548 -13.810 1.00 166.37 ? 66 ILE A CB  1 
ATOM 507  C CG1 . ILE A 1 66 ? 3.137   -21.172 -13.883 1.00 166.88 ? 66 ILE A CG1 1 
ATOM 508  C CG2 . ILE A 1 66 ? 0.930   -22.415 -13.567 1.00 167.94 ? 66 ILE A CG2 1 
ATOM 509  C CD1 . ILE A 1 66 ? 3.274   -20.612 -15.303 1.00 169.59 ? 66 ILE A CD1 1 
ATOM 510  N N   . ASN A 1 67 ? 5.528   -23.200 -12.692 1.00 189.49 ? 67 ASN A N   1 
ATOM 511  C CA  . ASN A 1 67 ? 6.935   -23.534 -12.950 1.00 189.03 ? 67 ASN A CA  1 
ATOM 512  C C   . ASN A 1 67 ? 7.562   -24.325 -11.797 1.00 188.28 ? 67 ASN A C   1 
ATOM 513  O O   . ASN A 1 67 ? 8.734   -24.710 -11.863 1.00 188.11 ? 67 ASN A O   1 
ATOM 514  C CB  . ASN A 1 67 ? 7.761   -22.261 -13.230 1.00 189.22 ? 67 ASN A CB  1 
ATOM 515  C CG  . ASN A 1 67 ? 7.500   -21.666 -14.619 1.00 191.29 ? 67 ASN A CG  1 
ATOM 516  O OD1 . ASN A 1 67 ? 7.761   -20.472 -14.852 1.00 192.00 ? 67 ASN A OD1 1 
ATOM 517  N ND2 . ASN A 1 67 ? 6.998   -22.496 -15.547 1.00 191.62 ? 67 ASN A ND2 1 
ATOM 518  N N   . GLU A 1 68 ? 6.772   -24.561 -10.750 1.00 179.06 ? 68 GLU A N   1 
ATOM 519  C CA  . GLU A 1 68 ? 7.226   -25.290 -9.562  1.00 178.92 ? 68 GLU A CA  1 
ATOM 520  C C   . GLU A 1 68 ? 7.477   -26.769 -9.908  1.00 178.45 ? 68 GLU A C   1 
ATOM 521  O O   . GLU A 1 68 ? 8.491   -27.354 -9.498  1.00 177.56 ? 68 GLU A O   1 
ATOM 522  C CB  . GLU A 1 68 ? 6.164   -25.180 -8.456  1.00 179.19 ? 68 GLU A CB  1 
ATOM 523  C CG  . GLU A 1 68 ? 6.557   -25.848 -7.127  1.00 181.24 ? 68 GLU A CG  1 
ATOM 524  C CD  . GLU A 1 68 ? 5.401   -26.629 -6.491  1.00 184.11 ? 68 GLU A CD  1 
ATOM 525  O OE1 . GLU A 1 68 ? 4.222   -26.250 -6.702  1.00 187.07 ? 68 GLU A OE1 1 
ATOM 526  O OE2 . GLU A 1 68 ? 5.675   -27.630 -5.779  1.00 184.13 ? 68 GLU A OE2 1 
ATOM 527  N N   . SER B 1 2  ? -2.507  -15.152 2.623   1.00 122.05 ? 2  SER B N   1 
ATOM 528  C CA  . SER B 1 2  ? -3.219  -13.952 3.168   1.00 122.34 ? 2  SER B CA  1 
ATOM 529  C C   . SER B 1 2  ? -2.295  -13.065 4.015   1.00 121.74 ? 2  SER B C   1 
ATOM 530  O O   . SER B 1 2  ? -1.696  -13.527 5.005   1.00 121.89 ? 2  SER B O   1 
ATOM 531  C CB  . SER B 1 2  ? -4.471  -14.370 3.966   1.00 122.59 ? 2  SER B CB  1 
ATOM 532  O OG  . SER B 1 2  ? -4.131  -15.095 5.155   1.00 123.85 ? 2  SER B OG  1 
ATOM 533  N N   . ILE B 1 3  ? -2.202  -11.789 3.609   1.00 94.77  ? 3  ILE B N   1 
ATOM 534  C CA  . ILE B 1 3  ? -1.348  -10.784 4.251   1.00 93.68  ? 3  ILE B CA  1 
ATOM 535  C C   . ILE B 1 3  ? -1.892  -10.347 5.620   1.00 92.88  ? 3  ILE B C   1 
ATOM 536  O O   . ILE B 1 3  ? -3.102  -10.436 5.873   1.00 92.86  ? 3  ILE B O   1 
ATOM 537  C CB  . ILE B 1 3  ? -1.158  -9.557  3.302   1.00 93.70  ? 3  ILE B CB  1 
ATOM 538  C CG1 . ILE B 1 3  ? 0.075   -8.730  3.695   1.00 93.44  ? 3  ILE B CG1 1 
ATOM 539  C CG2 . ILE B 1 3  ? -2.444  -8.701  3.217   1.00 93.33  ? 3  ILE B CG2 1 
ATOM 540  C CD1 . ILE B 1 3  ? 0.610   -7.838  2.581   1.00 92.02  ? 3  ILE B CD1 1 
ATOM 541  N N   . THR B 1 4  ? -0.998  -9.885  6.497   1.00 107.83 ? 4  THR B N   1 
ATOM 542  C CA  . THR B 1 4  ? -1.399  -9.416  7.829   1.00 107.29 ? 4  THR B CA  1 
ATOM 543  C C   . THR B 1 4  ? -1.251  -7.900  7.990   1.00 105.99 ? 4  THR B C   1 
ATOM 544  O O   . THR B 1 4  ? -0.554  -7.249  7.206   1.00 105.20 ? 4  THR B O   1 
ATOM 545  C CB  . THR B 1 4  ? -0.654  -10.166 8.975   1.00 107.50 ? 4  THR B CB  1 
ATOM 546  O OG1 . THR B 1 4  ? -1.404  -10.047 10.193  1.00 110.14 ? 4  THR B OG1 1 
ATOM 547  C CG2 . THR B 1 4  ? 0.753   -9.614  9.194   1.00 107.70 ? 4  THR B CG2 1 
ATOM 548  N N   . SER B 1 5  ? -1.906  -7.356  9.016   1.00 106.37 ? 5  SER B N   1 
ATOM 549  C CA  . SER B 1 5  ? -1.857  -5.929  9.315   1.00 105.75 ? 5  SER B CA  1 
ATOM 550  C C   . SER B 1 5  ? -0.434  -5.390  9.398   1.00 105.06 ? 5  SER B C   1 
ATOM 551  O O   . SER B 1 5  ? -0.126  -4.359  8.799   1.00 105.25 ? 5  SER B O   1 
ATOM 552  C CB  . SER B 1 5  ? -2.603  -5.624  10.612  1.00 105.76 ? 5  SER B CB  1 
ATOM 553  O OG  . SER B 1 5  ? -3.991  -5.512  10.373  1.00 106.07 ? 5  SER B OG  1 
ATOM 554  N N   . ASP B 1 6  ? 0.426   -6.090  10.133  1.00 110.99 ? 6  ASP B N   1 
ATOM 555  C CA  . ASP B 1 6  ? 1.813   -5.660  10.309  1.00 110.36 ? 6  ASP B CA  1 
ATOM 556  C C   . ASP B 1 6  ? 2.582   -5.640  8.995   1.00 109.02 ? 6  ASP B C   1 
ATOM 557  O O   . ASP B 1 6  ? 3.359   -4.712  8.742   1.00 108.19 ? 6  ASP B O   1 
ATOM 558  C CB  . ASP B 1 6  ? 2.525   -6.533  11.341  1.00 111.06 ? 6  ASP B CB  1 
ATOM 559  C CG  . ASP B 1 6  ? 1.935   -6.380  12.734  1.00 113.29 ? 6  ASP B CG  1 
ATOM 560  O OD1 . ASP B 1 6  ? 1.630   -5.219  13.141  1.00 117.13 ? 6  ASP B OD1 1 
ATOM 561  O OD2 . ASP B 1 6  ? 1.777   -7.426  13.424  1.00 115.94 ? 6  ASP B OD2 1 
ATOM 562  N N   . GLU B 1 7  ? 2.350   -6.657  8.163   1.00 114.19 ? 7  GLU B N   1 
ATOM 563  C CA  . GLU B 1 7  ? 2.990   -6.755  6.852   1.00 113.61 ? 7  GLU B CA  1 
ATOM 564  C C   . GLU B 1 7  ? 2.595   -5.596  5.948   1.00 111.86 ? 7  GLU B C   1 
ATOM 565  O O   . GLU B 1 7  ? 3.460   -4.957  5.342   1.00 111.61 ? 7  GLU B O   1 
ATOM 566  C CB  . GLU B 1 7  ? 2.639   -8.081  6.186   1.00 113.76 ? 7  GLU B CB  1 
ATOM 567  C CG  . GLU B 1 7  ? 3.375   -9.267  6.767   1.00 115.79 ? 7  GLU B CG  1 
ATOM 568  C CD  . GLU B 1 7  ? 2.592   -10.563 6.636   1.00 116.02 ? 7  GLU B CD  1 
ATOM 569  O OE1 . GLU B 1 7  ? 1.504   -10.556 6.015   1.00 118.71 ? 7  GLU B OE1 1 
ATOM 570  O OE2 . GLU B 1 7  ? 3.060   -11.590 7.171   1.00 118.97 ? 7  GLU B OE2 1 
ATOM 571  N N   . VAL B 1 8  ? 1.292   -5.328  5.867   1.00 81.64  ? 8  VAL B N   1 
ATOM 572  C CA  . VAL B 1 8  ? 0.781   -4.184  5.112   1.00 79.84  ? 8  VAL B CA  1 
ATOM 573  C C   . VAL B 1 8  ? 1.406   -2.895  5.645   1.00 78.60  ? 8  VAL B C   1 
ATOM 574  O O   . VAL B 1 8  ? 1.931   -2.095  4.869   1.00 76.62  ? 8  VAL B O   1 
ATOM 575  C CB  . VAL B 1 8  ? -0.765  -4.088  5.167   1.00 79.76  ? 8  VAL B CB  1 
ATOM 576  C CG1 . VAL B 1 8  ? -1.256  -2.863  4.405   1.00 79.35  ? 8  VAL B CG1 1 
ATOM 577  C CG2 . VAL B 1 8  ? -1.402  -5.342  4.601   1.00 79.47  ? 8  VAL B CG2 1 
ATOM 578  N N   . ASN B 1 9  ? 1.368   -2.719  6.967   1.00 81.63  ? 9  ASN B N   1 
ATOM 579  C CA  . ASN B 1 9  ? 1.915   -1.528  7.620   1.00 81.75  ? 9  ASN B CA  1 
ATOM 580  C C   . ASN B 1 9  ? 3.369   -1.250  7.278   1.00 81.76  ? 9  ASN B C   1 
ATOM 581  O O   . ASN B 1 9  ? 3.728   -0.105  7.001   1.00 81.54  ? 9  ASN B O   1 
ATOM 582  C CB  . ASN B 1 9  ? 1.736   -1.605  9.133   1.00 81.43  ? 9  ASN B CB  1 
ATOM 583  C CG  . ASN B 1 9  ? 0.320   -1.314  9.561   1.00 81.20  ? 9  ASN B CG  1 
ATOM 584  O OD1 . ASN B 1 9  ? -0.408  -0.573  8.893   1.00 80.81  ? 9  ASN B OD1 1 
ATOM 585  N ND2 . ASN B 1 9  ? -0.084  -1.895  10.685  1.00 80.42  ? 9  ASN B ND2 1 
ATOM 586  N N   . PHE B 1 10 ? 4.193   -2.297  7.287   1.00 95.38  ? 10 PHE B N   1 
ATOM 587  C CA  . PHE B 1 10 ? 5.604   -2.157  6.936   1.00 95.80  ? 10 PHE B CA  1 
ATOM 588  C C   . PHE B 1 10 ? 5.770   -1.743  5.474   1.00 95.04  ? 10 PHE B C   1 
ATOM 589  O O   . PHE B 1 10 ? 6.619   -0.904  5.154   1.00 95.38  ? 10 PHE B O   1 
ATOM 590  C CB  . PHE B 1 10 ? 6.394   -3.438  7.236   1.00 97.42  ? 10 PHE B CB  1 
ATOM 591  C CG  . PHE B 1 10 ? 7.864   -3.195  7.491   1.00 100.47 ? 10 PHE B CG  1 
ATOM 592  C CD1 . PHE B 1 10 ? 8.313   -2.828  8.761   1.00 102.12 ? 10 PHE B CD1 1 
ATOM 593  C CD2 . PHE B 1 10 ? 8.797   -3.318  6.465   1.00 102.95 ? 10 PHE B CD2 1 
ATOM 594  C CE1 . PHE B 1 10 ? 9.669   -2.591  9.006   1.00 104.16 ? 10 PHE B CE1 1 
ATOM 595  C CE2 . PHE B 1 10 ? 10.155  -3.083  6.701   1.00 104.04 ? 10 PHE B CE2 1 
ATOM 596  C CZ  . PHE B 1 10 ? 10.590  -2.719  7.972   1.00 103.13 ? 10 PHE B CZ  1 
ATOM 597  N N   . LEU B 1 11 ? 4.944   -2.321  4.603   1.00 94.07  ? 11 LEU B N   1 
ATOM 598  C CA  . LEU B 1 11 ? 4.945   -1.979  3.185   1.00 93.13  ? 11 LEU B CA  1 
ATOM 599  C C   . LEU B 1 11 ? 4.677   -0.492  2.961   1.00 92.46  ? 11 LEU B C   1 
ATOM 600  O O   . LEU B 1 11 ? 5.455   0.185   2.279   1.00 90.83  ? 11 LEU B O   1 
ATOM 601  C CB  . LEU B 1 11 ? 3.928   -2.834  2.425   1.00 93.26  ? 11 LEU B CB  1 
ATOM 602  C CG  . LEU B 1 11 ? 4.375   -4.132  1.739   1.00 94.27  ? 11 LEU B CG  1 
ATOM 603  C CD1 . LEU B 1 11 ? 5.549   -4.850  2.463   1.00 92.85  ? 11 LEU B CD1 1 
ATOM 604  C CD2 . LEU B 1 11 ? 3.163   -5.076  1.581   1.00 94.71  ? 11 LEU B CD2 1 
ATOM 605  N N   . VAL B 1 12 ? 3.589   0.011   3.545   1.00 86.45  ? 12 VAL B N   1 
ATOM 606  C CA  . VAL B 1 12 ? 3.253   1.429   3.436   1.00 86.89  ? 12 VAL B CA  1 
ATOM 607  C C   . VAL B 1 12 ? 4.303   2.299   4.125   1.00 86.94  ? 12 VAL B C   1 
ATOM 608  O O   . VAL B 1 12 ? 4.656   3.367   3.619   1.00 87.58  ? 12 VAL B O   1 
ATOM 609  C CB  . VAL B 1 12 ? 1.783   1.760   3.887   1.00 87.04  ? 12 VAL B CB  1 
ATOM 610  C CG1 . VAL B 1 12 ? 1.193   0.636   4.772   1.00 86.20  ? 12 VAL B CG1 1 
ATOM 611  C CG2 . VAL B 1 12 ? 1.710   3.128   4.600   1.00 86.32  ? 12 VAL B CG2 1 
ATOM 612  N N   . TYR B 1 13 ? 4.820   1.822   5.254   1.00 94.59  ? 13 TYR B N   1 
ATOM 613  C CA  . TYR B 1 13 ? 5.862   2.542   5.982   1.00 95.49  ? 13 TYR B CA  1 
ATOM 614  C C   . TYR B 1 13 ? 7.114   2.728   5.133   1.00 95.50  ? 13 TYR B C   1 
ATOM 615  O O   . TYR B 1 13 ? 7.650   3.839   5.042   1.00 95.53  ? 13 TYR B O   1 
ATOM 616  C CB  . TYR B 1 13 ? 6.214   1.824   7.284   1.00 95.65  ? 13 TYR B CB  1 
ATOM 617  C CG  . TYR B 1 13 ? 7.324   2.484   8.071   1.00 97.87  ? 13 TYR B CG  1 
ATOM 618  C CD1 . TYR B 1 13 ? 7.127   3.724   8.681   1.00 97.13  ? 13 TYR B CD1 1 
ATOM 619  C CD2 . TYR B 1 13 ? 8.571   1.866   8.207   1.00 99.59  ? 13 TYR B CD2 1 
ATOM 620  C CE1 . TYR B 1 13 ? 8.142   4.337   9.399   1.00 98.48  ? 13 TYR B CE1 1 
ATOM 621  C CE2 . TYR B 1 13 ? 9.594   2.469   8.927   1.00 101.12 ? 13 TYR B CE2 1 
ATOM 622  C CZ  . TYR B 1 13 ? 9.372   3.706   9.521   1.00 99.94  ? 13 TYR B CZ  1 
ATOM 623  O OH  . TYR B 1 13 ? 10.373  4.319   10.239  1.00 98.03  ? 13 TYR B OH  1 
ATOM 624  N N   . ARG B 1 14 ? 7.568   1.637   4.515   1.00 106.54 ? 14 ARG B N   1 
ATOM 625  C CA  . ARG B 1 14 ? 8.746   1.663   3.647   1.00 106.41 ? 14 ARG B CA  1 
ATOM 626  C C   . ARG B 1 14 ? 8.511   2.581   2.461   1.00 105.46 ? 14 ARG B C   1 
ATOM 627  O O   . ARG B 1 14 ? 9.366   3.401   2.124   1.00 104.82 ? 14 ARG B O   1 
ATOM 628  C CB  . ARG B 1 14 ? 9.115   0.254   3.168   1.00 106.53 ? 14 ARG B CB  1 
ATOM 629  C CG  . ARG B 1 14 ? 9.747   -0.640  4.243   1.00 108.66 ? 14 ARG B CG  1 
ATOM 630  C CD  . ARG B 1 14 ? 11.167  -0.194  4.642   1.00 111.77 ? 14 ARG B CD  1 
ATOM 631  N NE  . ARG B 1 14 ? 12.058  -0.114  3.477   1.00 116.48 ? 14 ARG B NE  1 
ATOM 632  C CZ  . ARG B 1 14 ? 12.709  -1.154  2.960   1.00 117.99 ? 14 ARG B CZ  1 
ATOM 633  N NH1 . ARG B 1 14 ? 12.582  -2.373  3.508   1.00 117.55 ? 14 ARG B NH1 1 
ATOM 634  N NH2 . ARG B 1 14 ? 13.492  -0.976  1.892   1.00 116.63 ? 14 ARG B NH2 1 
ATOM 635  N N   . TYR B 1 15 ? 7.337   2.448   1.849   1.00 90.31  ? 15 TYR B N   1 
ATOM 636  C CA  . TYR B 1 15 ? 6.937   3.310   0.752   1.00 89.91  ? 15 TYR B CA  1 
ATOM 637  C C   . TYR B 1 15 ? 7.021   4.782   1.142   1.00 89.94  ? 15 TYR B C   1 
ATOM 638  O O   . TYR B 1 15 ? 7.546   5.590   0.381   1.00 89.61  ? 15 TYR B O   1 
ATOM 639  C CB  . TYR B 1 15 ? 5.527   2.956   0.290   1.00 89.53  ? 15 TYR B CB  1 
ATOM 640  C CG  . TYR B 1 15 ? 4.939   3.936   -0.699  1.00 88.40  ? 15 TYR B CG  1 
ATOM 641  C CD1 . TYR B 1 15 ? 5.240   3.851   -2.055  1.00 86.05  ? 15 TYR B CD1 1 
ATOM 642  C CD2 . TYR B 1 15 ? 4.074   4.944   -0.277  1.00 87.80  ? 15 TYR B CD2 1 
ATOM 643  C CE1 . TYR B 1 15 ? 4.698   4.753   -2.969  1.00 88.68  ? 15 TYR B CE1 1 
ATOM 644  C CE2 . TYR B 1 15 ? 3.527   5.850   -1.179  1.00 87.78  ? 15 TYR B CE2 1 
ATOM 645  C CZ  . TYR B 1 15 ? 3.842   5.750   -2.523  1.00 89.05  ? 15 TYR B CZ  1 
ATOM 646  O OH  . TYR B 1 15 ? 3.299   6.642   -3.423  1.00 90.30  ? 15 TYR B OH  1 
ATOM 647  N N   . LEU B 1 16 ? 6.512   5.113   2.330   1.00 86.21  ? 16 LEU B N   1 
ATOM 648  C CA  . LEU B 1 16 ? 6.520   6.487   2.847   1.00 86.35  ? 16 LEU B CA  1 
ATOM 649  C C   . LEU B 1 16 ? 7.928   7.058   2.982   1.00 86.76  ? 16 LEU B C   1 
ATOM 650  O O   . LEU B 1 16 ? 8.169   8.220   2.638   1.00 86.59  ? 16 LEU B O   1 
ATOM 651  C CB  . LEU B 1 16 ? 5.810   6.555   4.201   1.00 85.81  ? 16 LEU B CB  1 
ATOM 652  C CG  . LEU B 1 16 ? 4.285   6.427   4.234   1.00 85.07  ? 16 LEU B CG  1 
ATOM 653  C CD1 . LEU B 1 16 ? 3.800   6.280   5.665   1.00 83.10  ? 16 LEU B CD1 1 
ATOM 654  C CD2 . LEU B 1 16 ? 3.623   7.624   3.567   1.00 83.90  ? 16 LEU B CD2 1 
ATOM 655  N N   . GLN B 1 17 ? 8.842   6.231   3.492   1.00 81.97  ? 17 GLN B N   1 
ATOM 656  C CA  . GLN B 1 17 ? 10.255  6.585   3.601   1.00 82.74  ? 17 GLN B CA  1 
ATOM 657  C C   . GLN B 1 17 ? 10.875  6.796   2.222   1.00 83.18  ? 17 GLN B C   1 
ATOM 658  O O   . GLN B 1 17 ? 11.419  7.864   1.940   1.00 82.84  ? 17 GLN B O   1 
ATOM 659  C CB  . GLN B 1 17 ? 11.026  5.490   4.344   1.00 82.15  ? 17 GLN B CB  1 
ATOM 660  C CG  . GLN B 1 17 ? 10.654  5.332   5.809   1.00 84.10  ? 17 GLN B CG  1 
ATOM 661  C CD  . GLN B 1 17 ? 11.444  4.227   6.495   1.00 87.55  ? 17 GLN B CD  1 
ATOM 662  O OE1 . GLN B 1 17 ? 12.212  4.486   7.423   1.00 91.77  ? 17 GLN B OE1 1 
ATOM 663  N NE2 . GLN B 1 17 ? 11.264  2.989   6.038   1.00 86.84  ? 17 GLN B NE2 1 
ATOM 664  N N   . GLU B 1 18 ? 10.766  5.774   1.371   1.00 90.86  ? 18 GLU B N   1 
ATOM 665  C CA  . GLU B 1 18 ? 11.350  5.774   0.028   1.00 90.82  ? 18 GLU B CA  1 
ATOM 666  C C   . GLU B 1 18 ? 10.793  6.876   -0.871  1.00 90.97  ? 18 GLU B C   1 
ATOM 667  O O   . GLU B 1 18 ? 11.461  7.305   -1.813  1.00 91.13  ? 18 GLU B O   1 
ATOM 668  C CB  . GLU B 1 18 ? 11.139  4.417   -0.648  1.00 90.51  ? 18 GLU B CB  1 
ATOM 669  C CG  . GLU B 1 18 ? 11.919  3.258   -0.029  1.00 89.45  ? 18 GLU B CG  1 
ATOM 670  C CD  . GLU B 1 18 ? 11.387  1.899   -0.464  1.00 86.65  ? 18 GLU B CD  1 
ATOM 671  O OE1 . GLU B 1 18 ? 11.543  0.915   0.299   1.00 86.22  ? 18 GLU B OE1 1 
ATOM 672  O OE2 . GLU B 1 18 ? 10.803  1.814   -1.567  1.00 86.95  ? 18 GLU B OE2 1 
ATOM 673  N N   . SER B 1 19 ? 9.574   7.327   -0.583  1.00 80.23  ? 19 SER B N   1 
ATOM 674  C CA  . SER B 1 19 ? 8.932   8.356   -1.395  1.00 80.86  ? 19 SER B CA  1 
ATOM 675  C C   . SER B 1 19 ? 9.210   9.765   -0.883  1.00 80.63  ? 19 SER B C   1 
ATOM 676  O O   . SER B 1 19 ? 8.774   10.752  -1.485  1.00 81.18  ? 19 SER B O   1 
ATOM 677  C CB  . SER B 1 19 ? 7.427   8.109   -1.483  1.00 80.97  ? 19 SER B CB  1 
ATOM 678  O OG  . SER B 1 19 ? 7.156   6.793   -1.937  1.00 82.68  ? 19 SER B OG  1 
ATOM 679  N N   . GLY B 1 20 ? 9.935   9.852   0.228   1.00 79.50  ? 20 GLY B N   1 
ATOM 680  C CA  . GLY B 1 20 ? 10.327  11.138  0.789   1.00 80.12  ? 20 GLY B CA  1 
ATOM 681  C C   . GLY B 1 20 ? 9.198   11.860  1.491   1.00 80.22  ? 20 GLY B C   1 
ATOM 682  O O   . GLY B 1 20 ? 9.162   13.090  1.519   1.00 79.19  ? 20 GLY B O   1 
ATOM 683  N N   . PHE B 1 21 ? 8.268   11.091  2.053   1.00 76.92  ? 21 PHE B N   1 
ATOM 684  C CA  . PHE B 1 21 ? 7.210   11.652  2.875   1.00 76.83  ? 21 PHE B CA  1 
ATOM 685  C C   . PHE B 1 21 ? 7.644   11.604  4.335   1.00 76.55  ? 21 PHE B C   1 
ATOM 686  O O   . PHE B 1 21 ? 7.084   10.843  5.137   1.00 77.56  ? 21 PHE B O   1 
ATOM 687  C CB  . PHE B 1 21 ? 5.908   10.879  2.673   1.00 76.15  ? 21 PHE B CB  1 
ATOM 688  C CG  . PHE B 1 21 ? 5.360   10.965  1.278   1.00 76.14  ? 21 PHE B CG  1 
ATOM 689  C CD1 . PHE B 1 21 ? 5.192   12.198  0.653   1.00 76.40  ? 21 PHE B CD1 1 
ATOM 690  C CD2 . PHE B 1 21 ? 4.985   9.813   0.596   1.00 74.36  ? 21 PHE B CD2 1 
ATOM 691  C CE1 . PHE B 1 21 ? 4.676   12.279  -0.635  1.00 76.95  ? 21 PHE B CE1 1 
ATOM 692  C CE2 . PHE B 1 21 ? 4.464   9.885   -0.693  1.00 73.82  ? 21 PHE B CE2 1 
ATOM 693  C CZ  . PHE B 1 21 ? 4.312   11.121  -1.310  1.00 75.05  ? 21 PHE B CZ  1 
ATOM 694  N N   . SER B 1 22 ? 8.643   12.432  4.662   1.00 96.17  ? 22 SER B N   1 
ATOM 695  C CA  . SER B 1 22 ? 9.335   12.413  5.961   1.00 95.26  ? 22 SER B CA  1 
ATOM 696  C C   . SER B 1 22 ? 8.384   12.465  7.150   1.00 94.05  ? 22 SER B C   1 
ATOM 697  O O   . SER B 1 22 ? 8.480   11.645  8.068   1.00 93.31  ? 22 SER B O   1 
ATOM 698  C CB  . SER B 1 22 ? 10.316  13.587  6.064   1.00 95.69  ? 22 SER B CB  1 
ATOM 699  O OG  . SER B 1 22 ? 10.809  13.973  4.789   1.00 97.02  ? 22 SER B OG  1 
ATOM 700  N N   . HIS B 1 23 ? 7.470   13.434  7.116   1.00 85.79  ? 23 HIS B N   1 
ATOM 701  C CA  . HIS B 1 23 ? 6.551   13.688  8.216   1.00 85.33  ? 23 HIS B CA  1 
ATOM 702  C C   . HIS B 1 23 ? 5.484   12.612  8.343   1.00 85.51  ? 23 HIS B C   1 
ATOM 703  O O   . HIS B 1 23 ? 5.037   12.313  9.451   1.00 85.88  ? 23 HIS B O   1 
ATOM 704  C CB  . HIS B 1 23 ? 5.902   15.057  8.050   1.00 85.41  ? 23 HIS B CB  1 
ATOM 705  C CG  . HIS B 1 23 ? 6.885   16.157  7.789   1.00 84.96  ? 23 HIS B CG  1 
ATOM 706  N ND1 . HIS B 1 23 ? 7.834   16.545  8.715   1.00 85.84  ? 23 HIS B ND1 1 
ATOM 707  C CD2 . HIS B 1 23 ? 7.065   16.953  6.708   1.00 84.98  ? 23 HIS B CD2 1 
ATOM 708  C CE1 . HIS B 1 23 ? 8.556   17.532  8.217   1.00 83.98  ? 23 HIS B CE1 1 
ATOM 709  N NE2 . HIS B 1 23 ? 8.108   17.802  7.000   1.00 83.92  ? 23 HIS B NE2 1 
ATOM 710  N N   . SER B 1 24 ? 5.072   12.039  7.214   1.00 82.24  ? 24 SER B N   1 
ATOM 711  C CA  . SER B 1 24 ? 4.147   10.908  7.228   1.00 82.20  ? 24 SER B CA  1 
ATOM 712  C C   . SER B 1 24 ? 4.843   9.678   7.779   1.00 81.93  ? 24 SER B C   1 
ATOM 713  O O   . SER B 1 24 ? 4.292   8.976   8.624   1.00 81.60  ? 24 SER B O   1 
ATOM 714  C CB  . SER B 1 24 ? 3.600   10.622  5.833   1.00 81.89  ? 24 SER B CB  1 
ATOM 715  O OG  . SER B 1 24 ? 2.843   11.719  5.359   1.00 82.43  ? 24 SER B OG  1 
ATOM 716  N N   . ALA B 1 25 ? 6.060   9.433   7.299   1.00 98.04  ? 25 ALA B N   1 
ATOM 717  C CA  . ALA B 1 25 ? 6.886   8.323   7.765   1.00 98.75  ? 25 ALA B CA  1 
ATOM 718  C C   . ALA B 1 25 ? 7.074   8.366   9.281   1.00 98.90  ? 25 ALA B C   1 
ATOM 719  O O   . ALA B 1 25 ? 6.921   7.346   9.964   1.00 99.44  ? 25 ALA B O   1 
ATOM 720  C CB  . ALA B 1 25 ? 8.237   8.330   7.055   1.00 98.80  ? 25 ALA B CB  1 
ATOM 721  N N   . PHE B 1 26 ? 7.386   9.557   9.796   1.00 85.81  ? 26 PHE B N   1 
ATOM 722  C CA  . PHE B 1 26 ? 7.590   9.771   11.227  1.00 85.79  ? 26 PHE B CA  1 
ATOM 723  C C   . PHE B 1 26 ? 6.334   9.486   12.047  1.00 86.39  ? 26 PHE B C   1 
ATOM 724  O O   . PHE B 1 26 ? 6.379   8.704   12.994  1.00 86.57  ? 26 PHE B O   1 
ATOM 725  C CB  . PHE B 1 26 ? 8.081   11.198  11.495  1.00 85.67  ? 26 PHE B CB  1 
ATOM 726  C CG  . PHE B 1 26 ? 8.232   11.516  12.953  1.00 85.03  ? 26 PHE B CG  1 
ATOM 727  C CD1 . PHE B 1 26 ? 9.389   11.163  13.637  1.00 85.50  ? 26 PHE B CD1 1 
ATOM 728  C CD2 . PHE B 1 26 ? 7.213   12.163  13.646  1.00 84.54  ? 26 PHE B CD2 1 
ATOM 729  C CE1 . PHE B 1 26 ? 9.532   11.453  14.986  1.00 85.00  ? 26 PHE B CE1 1 
ATOM 730  C CE2 . PHE B 1 26 ? 7.344   12.457  14.997  1.00 84.17  ? 26 PHE B CE2 1 
ATOM 731  C CZ  . PHE B 1 26 ? 8.505   12.101  15.669  1.00 83.67  ? 26 PHE B CZ  1 
ATOM 732  N N   . THR B 1 27 ? 5.229   10.133  11.682  1.00 75.90  ? 27 THR B N   1 
ATOM 733  C CA  . THR B 1 27 ? 3.954   9.972   12.378  1.00 76.99  ? 27 THR B CA  1 
ATOM 734  C C   . THR B 1 27 ? 3.444   8.531   12.297  1.00 76.88  ? 27 THR B C   1 
ATOM 735  O O   . THR B 1 27 ? 2.997   7.979   13.303  1.00 76.70  ? 27 THR B O   1 
ATOM 736  C CB  . THR B 1 27 ? 2.882   10.966  11.847  1.00 77.09  ? 27 THR B CB  1 
ATOM 737  O OG1 . THR B 1 27 ? 3.321   12.319  12.072  1.00 79.69  ? 27 THR B OG1 1 
ATOM 738  C CG2 . THR B 1 27 ? 1.548   10.769  12.556  1.00 76.71  ? 27 THR B CG2 1 
ATOM 739  N N   . PHE B 1 28 ? 3.530   7.926   11.110  1.00 83.16  ? 28 PHE B N   1 
ATOM 740  C CA  . PHE B 1 28 ? 3.034   6.560   10.884  1.00 83.61  ? 28 PHE B CA  1 
ATOM 741  C C   . PHE B 1 28 ? 3.884   5.489   11.567  1.00 84.19  ? 28 PHE B C   1 
ATOM 742  O O   . PHE B 1 28 ? 3.365   4.445   11.958  1.00 83.77  ? 28 PHE B O   1 
ATOM 743  C CB  . PHE B 1 28 ? 2.890   6.264   9.385   1.00 83.29  ? 28 PHE B CB  1 
ATOM 744  C CG  . PHE B 1 28 ? 2.254   4.930   9.078   1.00 83.87  ? 28 PHE B CG  1 
ATOM 745  C CD1 . PHE B 1 28 ? 0.901   4.714   9.313   1.00 83.02  ? 28 PHE B CD1 1 
ATOM 746  C CD2 . PHE B 1 28 ? 3.009   3.893   8.541   1.00 82.93  ? 28 PHE B CD2 1 
ATOM 747  C CE1 . PHE B 1 28 ? 0.311   3.479   9.025   1.00 82.54  ? 28 PHE B CE1 1 
ATOM 748  C CE2 . PHE B 1 28 ? 2.427   2.657   8.250   1.00 83.44  ? 28 PHE B CE2 1 
ATOM 749  C CZ  . PHE B 1 28 ? 1.075   2.454   8.487   1.00 81.96  ? 28 PHE B CZ  1 
ATOM 750  N N   . GLY B 1 29 ? 5.182   5.747   11.710  1.00 96.79  ? 29 GLY B N   1 
ATOM 751  C CA  . GLY B 1 29 ? 6.061   4.839   12.443  1.00 98.39  ? 29 GLY B CA  1 
ATOM 752  C C   . GLY B 1 29 ? 5.577   4.643   13.869  1.00 99.24  ? 29 GLY B C   1 
ATOM 753  O O   . GLY B 1 29 ? 5.598   3.529   14.398  1.00 99.98  ? 29 GLY B O   1 
ATOM 754  N N   . ILE B 1 30 ? 5.120   5.735   14.474  1.00 87.16  ? 30 ILE B N   1 
ATOM 755  C CA  . ILE B 1 30 ? 4.636   5.743   15.850  1.00 88.23  ? 30 ILE B CA  1 
ATOM 756  C C   . ILE B 1 30 ? 3.217   5.177   15.950  1.00 88.99  ? 30 ILE B C   1 
ATOM 757  O O   . ILE B 1 30 ? 2.973   4.236   16.706  1.00 89.10  ? 30 ILE B O   1 
ATOM 758  C CB  . ILE B 1 30 ? 4.678   7.182   16.452  1.00 88.49  ? 30 ILE B CB  1 
ATOM 759  C CG1 . ILE B 1 30 ? 6.062   7.839   16.262  1.00 89.53  ? 30 ILE B CG1 1 
ATOM 760  C CG2 . ILE B 1 30 ? 4.238   7.184   17.914  1.00 87.52  ? 30 ILE B CG2 1 
ATOM 761  C CD1 . ILE B 1 30 ? 7.268   7.051   16.802  1.00 92.26  ? 30 ILE B CD1 1 
ATOM 762  N N   . GLU B 1 31 ? 2.298   5.754   15.176  1.00 82.14  ? 31 GLU B N   1 
ATOM 763  C CA  . GLU B 1 31 ? 0.880   5.389   15.207  1.00 83.16  ? 31 GLU B CA  1 
ATOM 764  C C   . GLU B 1 31 ? 0.649   3.909   14.899  1.00 84.68  ? 31 GLU B C   1 
ATOM 765  O O   . GLU B 1 31 ? -0.285  3.302   15.419  1.00 84.91  ? 31 GLU B O   1 
ATOM 766  C CB  . GLU B 1 31 ? 0.090   6.267   14.235  1.00 82.29  ? 31 GLU B CB  1 
ATOM 767  C CG  . GLU B 1 31 ? -1.391  6.464   14.626  1.00 79.71  ? 31 GLU B CG  1 
ATOM 768  C CD  . GLU B 1 31 ? -2.050  7.567   13.782  1.00 78.33  ? 31 GLU B CD  1 
ATOM 769  O OE1 . GLU B 1 31 ? -1.565  7.863   12.655  1.00 74.80  ? 31 GLU B OE1 1 
ATOM 770  O OE2 . GLU B 1 31 ? -3.067  8.137   14.243  1.00 78.67  ? 31 GLU B OE2 1 
ATOM 771  N N   . SER B 1 32 ? 1.511   3.345   14.053  1.00 111.32 ? 32 SER B N   1 
ATOM 772  C CA  . SER B 1 32 ? 1.505   1.917   13.730  1.00 113.46 ? 32 SER B CA  1 
ATOM 773  C C   . SER B 1 32 ? 2.077   1.074   14.850  1.00 115.04 ? 32 SER B C   1 
ATOM 774  O O   . SER B 1 32 ? 1.748   -0.110  14.984  1.00 114.85 ? 32 SER B O   1 
ATOM 775  C CB  . SER B 1 32 ? 2.357   1.653   12.486  1.00 113.30 ? 32 SER B CB  1 
ATOM 776  O OG  . SER B 1 32 ? 1.555   1.522   11.319  1.00 116.23 ? 32 SER B OG  1 
ATOM 777  N N   . HIS B 1 33 ? 2.943   1.697   15.647  1.00 106.09 ? 33 HIS B N   1 
ATOM 778  C CA  . HIS B 1 33 ? 3.883   0.977   16.487  1.00 108.40 ? 33 HIS B CA  1 
ATOM 779  C C   . HIS B 1 33 ? 4.740   0.133   15.546  1.00 109.58 ? 33 HIS B C   1 
ATOM 780  O O   . HIS B 1 33 ? 4.889   -1.073  15.753  1.00 110.16 ? 33 HIS B O   1 
ATOM 781  C CB  . HIS B 1 33 ? 3.167   0.093   17.528  1.00 108.48 ? 33 HIS B CB  1 
ATOM 782  C CG  . HIS B 1 33 ? 2.034   0.774   18.238  1.00 109.79 ? 33 HIS B CG  1 
ATOM 783  N ND1 . HIS B 1 33 ? 2.225   1.624   19.307  1.00 110.87 ? 33 HIS B ND1 1 
ATOM 784  C CD2 . HIS B 1 33 ? 0.696   0.719   18.037  1.00 110.78 ? 33 HIS B CD2 1 
ATOM 785  C CE1 . HIS B 1 33 ? 1.055   2.068   19.730  1.00 111.44 ? 33 HIS B CE1 1 
ATOM 786  N NE2 . HIS B 1 33 ? 0.111   1.534   18.976  1.00 111.66 ? 33 HIS B NE2 1 
ATOM 787  N N   . ILE B 1 34 ? 5.274   0.767   14.495  1.00 121.86 ? 34 ILE B N   1 
ATOM 788  C CA  . ILE B 1 34 ? 6.178   0.074   13.556  1.00 123.42 ? 34 ILE B CA  1 
ATOM 789  C C   . ILE B 1 34 ? 7.513   -0.229  14.232  1.00 124.72 ? 34 ILE B C   1 
ATOM 790  O O   . ILE B 1 34 ? 8.620   0.094   13.774  1.00 124.92 ? 34 ILE B O   1 
ATOM 791  C CB  . ILE B 1 34 ? 6.247   0.707   12.139  1.00 123.27 ? 34 ILE B CB  1 
ATOM 792  C CG1 . ILE B 1 34 ? 5.308   -0.075  11.226  1.00 123.19 ? 34 ILE B CG1 1 
ATOM 793  C CG2 . ILE B 1 34 ? 7.647   0.617   11.536  1.00 123.45 ? 34 ILE B CG2 1 
ATOM 794  C CD1 . ILE B 1 34 ? 4.883   0.661   9.995   1.00 123.29 ? 34 ILE B CD1 1 
ATOM 795  N N   . SER B 1 35 ? 7.316   -0.826  15.399  1.00 123.48 ? 35 SER B N   1 
ATOM 796  C CA  . SER B 1 35 ? 8.251   -1.748  16.039  1.00 124.62 ? 35 SER B CA  1 
ATOM 797  C C   . SER B 1 35 ? 8.691   -1.539  17.679  1.00 125.35 ? 35 SER B C   1 
ATOM 798  O O   . SER B 1 35 ? 9.875   -1.793  18.815  1.00 125.74 ? 35 SER B O   1 
ATOM 799  C CB  . SER B 1 35 ? 9.140   -2.566  15.233  1.00 124.53 ? 35 SER B CB  1 
ATOM 800  O OG  . SER B 1 35 ? 8.471   -4.334  16.262  1.00 125.24 ? 35 SER B OG  1 
ATOM 801  N N   . GLN B 1 36 ? 8.026   -2.686  17.343  1.00 142.17 ? 36 GLN B N   1 
ATOM 802  C CA  . GLN B 1 36 ? 7.280   -3.578  18.218  1.00 145.09 ? 36 GLN B CA  1 
ATOM 803  C C   . GLN B 1 36 ? 6.826   -4.785  17.320  1.00 145.93 ? 36 GLN B C   1 
ATOM 804  O O   . GLN B 1 36 ? 6.522   -5.862  17.837  1.00 146.31 ? 36 GLN B O   1 
ATOM 805  C CB  . GLN B 1 36 ? 6.032   -2.852  18.735  1.00 145.33 ? 36 GLN B CB  1 
ATOM 806  C CG  . GLN B 1 36 ? 5.452   -3.453  20.026  1.00 149.32 ? 36 GLN B CG  1 
ATOM 807  C CD  . GLN B 1 36 ? 6.349   -3.192  21.247  1.00 153.39 ? 36 GLN B CD  1 
ATOM 808  O OE1 . GLN B 1 36 ? 6.221   -3.887  22.333  1.00 156.28 ? 36 GLN B OE1 1 
ATOM 809  N NE2 . GLN B 1 36 ? 7.236   -2.162  21.094  1.00 155.22 ? 36 GLN B NE2 1 
ATOM 810  N N   . SER B 1 37 ? 6.789   -4.615  15.984  1.00 117.38 ? 37 SER B N   1 
ATOM 811  C CA  . SER B 1 37 ? 6.381   -5.702  15.061  1.00 118.79 ? 37 SER B CA  1 
ATOM 812  C C   . SER B 1 37 ? 7.544   -6.537  14.443  1.00 119.41 ? 37 SER B C   1 
ATOM 813  O O   . SER B 1 37 ? 8.744   -6.049  14.354  1.00 119.99 ? 37 SER B O   1 
ATOM 814  C CB  . SER B 1 37 ? 5.406   -5.197  13.941  1.00 119.02 ? 37 SER B CB  1 
ATOM 815  O OG  . SER B 1 37 ? 6.123   -4.804  12.735  1.00 118.82 ? 37 SER B OG  1 
ATOM 816  N N   . ASN B 1 38 ? 7.157   -7.799  13.945  1.00 150.93 ? 38 ASN B N   1 
ATOM 817  C CA  . ASN B 1 38 ? 8.290   -8.776  13.855  1.00 150.73 ? 38 ASN B CA  1 
ATOM 818  C C   . ASN B 1 38 ? 8.950   -8.930  12.477  1.00 149.94 ? 38 ASN B C   1 
ATOM 819  O O   . ASN B 1 38 ? 9.463   -10.005 12.138  1.00 150.73 ? 38 ASN B O   1 
ATOM 820  C CB  . ASN B 1 38 ? 7.797   -10.143 14.356  1.00 151.43 ? 38 ASN B CB  1 
ATOM 821  C CG  . ASN B 1 38 ? 8.698   -10.742 15.409  1.00 152.80 ? 38 ASN B CG  1 
ATOM 822  O OD1 . ASN B 1 38 ? 9.280   -10.025 16.241  1.00 155.93 ? 38 ASN B OD1 1 
ATOM 823  N ND2 . ASN B 1 38 ? 8.825   -12.117 15.403  1.00 156.20 ? 38 ASN B ND2 1 
ATOM 824  N N   . ILE B 1 39 ? 8.959   -7.853  11.698  1.00 141.47 ? 39 ILE B N   1 
ATOM 825  C CA  . ILE B 1 39 ? 9.387   -7.926  10.300  1.00 140.07 ? 39 ILE B CA  1 
ATOM 826  C C   . ILE B 1 39 ? 10.846  -7.506  10.113  1.00 139.17 ? 39 ILE B C   1 
ATOM 827  O O   . ILE B 1 39 ? 11.281  -6.473  10.637  1.00 139.06 ? 39 ILE B O   1 
ATOM 828  C CB  . ILE B 1 39 ? 8.435   -7.105  9.384   1.00 140.12 ? 39 ILE B CB  1 
ATOM 829  C CG1 . ILE B 1 39 ? 6.992   -7.627  9.538   1.00 139.58 ? 39 ILE B CG1 1 
ATOM 830  C CG2 . ILE B 1 39 ? 8.875   -7.195  7.906   1.00 140.07 ? 39 ILE B CG2 1 
ATOM 831  C CD1 . ILE B 1 39 ? 5.931   -6.552  9.430   1.00 136.77 ? 39 ILE B CD1 1 
ATOM 832  N N   . ASN B 1 40 ? 11.592  -8.332  9.371   1.00 125.87 ? 40 ASN B N   1 
ATOM 833  C CA  . ASN B 1 40 ? 12.971  -8.022  9.008   1.00 124.51 ? 40 ASN B CA  1 
ATOM 834  C C   . ASN B 1 40 ? 13.044  -7.168  7.738   1.00 123.58 ? 40 ASN B C   1 
ATOM 835  O O   . ASN B 1 40 ? 12.678  -7.621  6.639   1.00 123.40 ? 40 ASN B O   1 
ATOM 836  C CB  . ASN B 1 40 ? 13.793  -9.306  8.849   1.00 124.54 ? 40 ASN B CB  1 
ATOM 837  C CG  . ASN B 1 40 ? 15.261  -9.029  8.538   1.00 124.17 ? 40 ASN B CG  1 
ATOM 838  O OD1 . ASN B 1 40 ? 15.797  -7.951  8.941   1.00 124.71 ? 40 ASN B OD1 1 
ATOM 839  N ND2 . ASN B 1 40 ? 15.925  -10.022 7.822   1.00 124.00 ? 40 ASN B ND2 1 
ATOM 840  N N   . GLY B 1 41 ? 13.525  -5.887  7.930   1.00 123.18 ? 41 GLY B N   1 
ATOM 841  C CA  . GLY B 1 41 ? 13.641  -4.954  6.798   1.00 122.29 ? 41 GLY B CA  1 
ATOM 842  C C   . GLY B 1 41 ? 14.434  -5.470  5.608   1.00 121.76 ? 41 GLY B C   1 
ATOM 843  O O   . GLY B 1 41 ? 14.162  -5.094  4.460   1.00 121.60 ? 41 GLY B O   1 
ATOM 844  N N   . THR B 1 42 ? 15.410  -6.339  5.888   1.00 131.62 ? 42 THR B N   1 
ATOM 845  C CA  . THR B 1 42 ? 16.315  -6.880  4.866   1.00 130.94 ? 42 THR B CA  1 
ATOM 846  C C   . THR B 1 42 ? 15.574  -7.619  3.750   1.00 130.21 ? 42 THR B C   1 
ATOM 847  O O   . THR B 1 42 ? 15.883  -7.444  2.568   1.00 130.06 ? 42 THR B O   1 
ATOM 848  C CB  . THR B 1 42 ? 17.363  -7.833  5.494   1.00 131.14 ? 42 THR B CB  1 
ATOM 849  O OG1 . THR B 1 42 ? 17.964  -7.194  6.628   1.00 130.65 ? 42 THR B OG1 1 
ATOM 850  C CG2 . THR B 1 42 ? 18.455  -8.200  4.486   1.00 131.52 ? 42 THR B CG2 1 
ATOM 851  N N   . LEU B 1 43 ? 14.594  -8.435  4.136   1.00 127.23 ? 43 LEU B N   1 
ATOM 852  C CA  . LEU B 1 43 ? 13.858  -9.262  3.179   1.00 126.35 ? 43 LEU B CA  1 
ATOM 853  C C   . LEU B 1 43 ? 12.792  -8.499  2.392   1.00 126.04 ? 43 LEU B C   1 
ATOM 854  O O   . LEU B 1 43 ? 12.179  -9.053  1.473   1.00 126.07 ? 43 LEU B O   1 
ATOM 855  C CB  . LEU B 1 43 ? 13.253  -10.493 3.868   1.00 126.46 ? 43 LEU B CB  1 
ATOM 856  C CG  . LEU B 1 43 ? 14.269  -11.557 4.305   1.00 126.63 ? 43 LEU B CG  1 
ATOM 857  C CD1 . LEU B 1 43 ? 13.577  -12.695 5.065   1.00 126.78 ? 43 LEU B CD1 1 
ATOM 858  C CD2 . LEU B 1 43 ? 15.078  -12.107 3.112   1.00 125.44 ? 43 LEU B CD2 1 
ATOM 859  N N   . VAL B 1 44 ? 12.575  -7.232  2.753   1.00 106.87 ? 44 VAL B N   1 
ATOM 860  C CA  . VAL B 1 44 ? 11.685  -6.369  1.978   1.00 105.70 ? 44 VAL B CA  1 
ATOM 861  C C   . VAL B 1 44 ? 12.478  -5.312  1.192   1.00 104.60 ? 44 VAL B C   1 
ATOM 862  O O   . VAL B 1 44 ? 13.068  -4.401  1.775   1.00 104.89 ? 44 VAL B O   1 
ATOM 863  C CB  . VAL B 1 44 ? 10.528  -5.765  2.833   1.00 106.04 ? 44 VAL B CB  1 
ATOM 864  C CG1 . VAL B 1 44 ? 11.020  -5.317  4.196   1.00 106.49 ? 44 VAL B CG1 1 
ATOM 865  C CG2 . VAL B 1 44 ? 9.827   -4.623  2.093   1.00 106.11 ? 44 VAL B CG2 1 
ATOM 866  N N   . PRO B 1 45 ? 12.495  -5.453  -0.146  1.00 100.98 ? 45 PRO B N   1 
ATOM 867  C CA  . PRO B 1 45 ? 13.240  -4.616  -1.079  1.00 99.65  ? 45 PRO B CA  1 
ATOM 868  C C   . PRO B 1 45 ? 12.565  -3.266  -1.280  1.00 97.62  ? 45 PRO B C   1 
ATOM 869  O O   . PRO B 1 45 ? 11.404  -3.106  -0.893  1.00 97.17  ? 45 PRO B O   1 
ATOM 870  C CB  . PRO B 1 45 ? 13.159  -5.410  -2.377  1.00 99.75  ? 45 PRO B CB  1 
ATOM 871  C CG  . PRO B 1 45 ? 11.862  -6.117  -2.287  1.00 100.62 ? 45 PRO B CG  1 
ATOM 872  C CD  . PRO B 1 45 ? 11.719  -6.499  -0.848  1.00 101.07 ? 45 PRO B CD  1 
ATOM 873  N N   . PRO B 1 46 ? 13.284  -2.292  -1.879  1.00 102.41 ? 46 PRO B N   1 
ATOM 874  C CA  . PRO B 1 46 ? 12.645  -1.032  -2.273  1.00 101.07 ? 46 PRO B CA  1 
ATOM 875  C C   . PRO B 1 46 ? 11.458  -1.248  -3.217  1.00 99.98  ? 46 PRO B C   1 
ATOM 876  O O   . PRO B 1 46 ? 11.356  -2.315  -3.866  1.00 99.08  ? 46 PRO B O   1 
ATOM 877  C CB  . PRO B 1 46 ? 13.769  -0.263  -2.985  1.00 100.81 ? 46 PRO B CB  1 
ATOM 878  C CG  . PRO B 1 46 ? 14.827  -1.270  -3.272  1.00 101.82 ? 46 PRO B CG  1 
ATOM 879  C CD  . PRO B 1 46 ? 14.724  -2.290  -2.191  1.00 102.31 ? 46 PRO B CD  1 
ATOM 880  N N   . ALA B 1 47 ? 10.561  -0.242  -3.259  1.00 99.09  ? 47 ALA B N   1 
ATOM 881  C CA  . ALA B 1 47 ? 9.348   -0.267  -4.094  1.00 97.72  ? 47 ALA B CA  1 
ATOM 882  C C   . ALA B 1 47 ? 8.454   -1.516  -3.925  1.00 97.13  ? 47 ALA B C   1 
ATOM 883  O O   . ALA B 1 47 ? 7.563   -1.741  -4.755  1.00 96.82  ? 47 ALA B O   1 
ATOM 884  C CB  . ALA B 1 47 ? 9.710   -0.050  -5.590  1.00 97.87  ? 47 ALA B CB  1 
ATOM 885  N N   . ALA B 1 48 ? 8.669   -2.300  -2.839  1.00 81.71  ? 48 ALA B N   1 
ATOM 886  C CA  . ALA B 1 48 ? 7.881   -3.539  -2.629  1.00 80.88  ? 48 ALA B CA  1 
ATOM 887  C C   . ALA B 1 48 ? 6.374   -3.294  -2.607  1.00 80.99  ? 48 ALA B C   1 
ATOM 888  O O   . ALA B 1 48 ? 5.613   -4.087  -3.165  1.00 80.65  ? 48 ALA B O   1 
ATOM 889  C CB  . ALA B 1 48 ? 8.318   -4.274  -1.366  1.00 80.32  ? 48 ALA B CB  1 
ATOM 890  N N   . LEU B 1 49 ? 5.947   -2.202  -1.975  1.00 76.18  ? 49 LEU B N   1 
ATOM 891  C CA  . LEU B 1 49 ? 4.530   -1.856  -1.947  1.00 76.49  ? 49 LEU B CA  1 
ATOM 892  C C   . LEU B 1 49 ? 4.006   -1.649  -3.362  1.00 76.80  ? 49 LEU B C   1 
ATOM 893  O O   . LEU B 1 49 ? 3.002   -2.248  -3.751  1.00 76.80  ? 49 LEU B O   1 
ATOM 894  C CB  . LEU B 1 49 ? 4.268   -0.606  -1.102  1.00 76.26  ? 49 LEU B CB  1 
ATOM 895  C CG  . LEU B 1 49 ? 2.794   -0.178  -1.090  1.00 76.42  ? 49 LEU B CG  1 
ATOM 896  C CD1 . LEU B 1 49 ? 1.944   -1.105  -0.218  1.00 76.66  ? 49 LEU B CD1 1 
ATOM 897  C CD2 . LEU B 1 49 ? 2.634   1.263   -0.650  1.00 75.91  ? 49 LEU B CD2 1 
ATOM 898  N N   . ILE B 1 50 ? 4.702   -0.808  -4.122  1.00 77.57  ? 50 ILE B N   1 
ATOM 899  C CA  . ILE B 1 50 ? 4.362   -0.534  -5.519  1.00 78.46  ? 50 ILE B CA  1 
ATOM 900  C C   . ILE B 1 50 ? 4.351   -1.825  -6.343  1.00 78.84  ? 50 ILE B C   1 
ATOM 901  O O   . ILE B 1 50 ? 3.381   -2.105  -7.051  1.00 78.79  ? 50 ILE B O   1 
ATOM 902  C CB  . ILE B 1 50 ? 5.341   0.489   -6.150  1.00 78.96  ? 50 ILE B CB  1 
ATOM 903  C CG1 . ILE B 1 50 ? 5.524   1.697   -5.218  1.00 80.44  ? 50 ILE B CG1 1 
ATOM 904  C CG2 . ILE B 1 50 ? 4.845   0.928   -7.533  1.00 79.32  ? 50 ILE B CG2 1 
ATOM 905  C CD1 . ILE B 1 50 ? 6.855   2.422   -5.376  1.00 83.32  ? 50 ILE B CD1 1 
ATOM 906  N N   . SER B 1 51 ? 5.424   -2.608  -6.223  1.00 93.40  ? 51 SER B N   1 
ATOM 907  C CA  . SER B 1 51 ? 5.592   -3.855  -6.967  1.00 93.68  ? 51 SER B CA  1 
ATOM 908  C C   . SER B 1 51 ? 4.444   -4.831  -6.770  1.00 93.30  ? 51 SER B C   1 
ATOM 909  O O   . SER B 1 51 ? 3.902   -5.352  -7.746  1.00 93.07  ? 51 SER B O   1 
ATOM 910  C CB  . SER B 1 51 ? 6.909   -4.536  -6.594  1.00 93.49  ? 51 SER B CB  1 
ATOM 911  O OG  . SER B 1 51 ? 8.008   -3.821  -7.118  1.00 94.42  ? 51 SER B OG  1 
ATOM 912  N N   . ILE B 1 52 ? 4.073   -5.074  -5.515  1.00 77.81  ? 52 ILE B N   1 
ATOM 913  C CA  . ILE B 1 52 ? 2.992   -6.011  -5.211  1.00 78.22  ? 52 ILE B CA  1 
ATOM 914  C C   . ILE B 1 52 ? 1.659   -5.477  -5.729  1.00 79.52  ? 52 ILE B C   1 
ATOM 915  O O   . ILE B 1 52 ? 0.811   -6.249  -6.186  1.00 79.11  ? 52 ILE B O   1 
ATOM 916  C CB  . ILE B 1 52 ? 2.909   -6.341  -3.706  1.00 77.57  ? 52 ILE B CB  1 
ATOM 917  C CG1 . ILE B 1 52 ? 4.219   -6.969  -3.230  1.00 76.49  ? 52 ILE B CG1 1 
ATOM 918  C CG2 . ILE B 1 52 ? 1.737   -7.285  -3.423  1.00 76.29  ? 52 ILE B CG2 1 
ATOM 919  C CD1 . ILE B 1 52 ? 4.445   -6.885  -1.737  1.00 72.83  ? 52 ILE B CD1 1 
ATOM 920  N N   . LEU B 1 53 ? 1.486   -4.159  -5.666  1.00 95.35  ? 53 LEU B N   1 
ATOM 921  C CA  . LEU B 1 53 ? 0.295   -3.511  -6.207  1.00 96.47  ? 53 LEU B CA  1 
ATOM 922  C C   . LEU B 1 53 ? 0.225   -3.688  -7.722  1.00 97.64  ? 53 LEU B C   1 
ATOM 923  O O   . LEU B 1 53 ? -0.856  -3.900  -8.279  1.00 97.50  ? 53 LEU B O   1 
ATOM 924  C CB  . LEU B 1 53 ? 0.273   -2.021  -5.848  1.00 96.05  ? 53 LEU B CB  1 
ATOM 925  C CG  . LEU B 1 53 ? -0.136  -1.597  -4.434  1.00 95.50  ? 53 LEU B CG  1 
ATOM 926  C CD1 . LEU B 1 53 ? 0.236   -0.143  -4.200  1.00 96.80  ? 53 LEU B CD1 1 
ATOM 927  C CD2 . LEU B 1 53 ? -1.621  -1.826  -4.179  1.00 95.04  ? 53 LEU B CD2 1 
ATOM 928  N N   . GLN B 1 54 ? 1.384   -3.605  -8.374  1.00 136.16 ? 54 GLN B N   1 
ATOM 929  C CA  . GLN B 1 54 ? 1.486   -3.778  -9.823  1.00 138.13 ? 54 GLN B CA  1 
ATOM 930  C C   . GLN B 1 54 ? 0.958   -5.153  -10.226 1.00 138.92 ? 54 GLN B C   1 
ATOM 931  O O   . GLN B 1 54 ? 0.111   -5.262  -11.121 1.00 139.31 ? 54 GLN B O   1 
ATOM 932  C CB  . GLN B 1 54 ? 2.942   -3.619  -10.282 1.00 138.30 ? 54 GLN B CB  1 
ATOM 933  C CG  . GLN B 1 54 ? 3.097   -3.172  -11.730 1.00 141.10 ? 54 GLN B CG  1 
ATOM 934  C CD  . GLN B 1 54 ? 2.751   -1.699  -11.932 1.00 144.65 ? 54 GLN B CD  1 
ATOM 935  O OE1 . GLN B 1 54 ? 1.779   -1.361  -12.623 1.00 145.53 ? 54 GLN B OE1 1 
ATOM 936  N NE2 . GLN B 1 54 ? 3.544   -0.813  -11.319 1.00 145.29 ? 54 GLN B NE2 1 
ATOM 937  N N   . LYS B 1 55 ? 1.452   -6.187  -9.542  1.00 104.87 ? 55 LYS B N   1 
ATOM 938  C CA  . LYS B 1 55 ? 1.015   -7.569  -9.755  1.00 106.15 ? 55 LYS B CA  1 
ATOM 939  C C   . LYS B 1 55 ? -0.471  -7.763  -9.440  1.00 107.24 ? 55 LYS B C   1 
ATOM 940  O O   . LYS B 1 55 ? -1.130  -8.629  -10.023 1.00 107.47 ? 55 LYS B O   1 
ATOM 941  C CB  . LYS B 1 55 ? 1.854   -8.534  -8.908  1.00 105.47 ? 55 LYS B CB  1 
ATOM 942  C CG  . LYS B 1 55 ? 3.346   -8.541  -9.228  1.00 106.58 ? 55 LYS B CG  1 
ATOM 943  C CD  . LYS B 1 55 ? 3.657   -9.351  -10.475 1.00 106.82 ? 55 LYS B CD  1 
ATOM 944  C CE  . LYS B 1 55 ? 5.174   -9.415  -10.716 1.00 107.76 ? 55 LYS B CE  1 
ATOM 945  N NZ  . LYS B 1 55 ? 5.449   -10.180 -11.971 1.00 107.39 ? 55 LYS B NZ  1 
ATOM 946  N N   . GLY B 1 56 ? -0.988  -6.952  -8.519  1.00 126.11 ? 56 GLY B N   1 
ATOM 947  C CA  . GLY B 1 56 ? -2.397  -6.995  -8.137  1.00 128.23 ? 56 GLY B CA  1 
ATOM 948  C C   . GLY B 1 56 ? -3.333  -6.454  -9.204  1.00 130.05 ? 56 GLY B C   1 
ATOM 949  O O   . GLY B 1 56 ? -4.481  -6.901  -9.311  1.00 130.21 ? 56 GLY B O   1 
ATOM 950  N N   . LEU B 1 57 ? -2.848  -5.488  -9.987  1.00 122.88 ? 57 LEU B N   1 
ATOM 951  C CA  . LEU B 1 57 ? -3.631  -4.908  -11.081 1.00 124.78 ? 57 LEU B CA  1 
ATOM 952  C C   . LEU B 1 57 ? -3.643  -5.817  -12.308 1.00 126.38 ? 57 LEU B C   1 
ATOM 953  O O   . LEU B 1 57 ? -4.603  -5.819  -13.084 1.00 126.88 ? 57 LEU B O   1 
ATOM 954  C CB  . LEU B 1 57 ? -3.109  -3.518  -11.452 1.00 124.57 ? 57 LEU B CB  1 
ATOM 955  C CG  . LEU B 1 57 ? -3.204  -2.417  -10.389 1.00 124.47 ? 57 LEU B CG  1 
ATOM 956  C CD1 . LEU B 1 57 ? -2.927  -1.070  -11.028 1.00 125.02 ? 57 LEU B CD1 1 
ATOM 957  C CD2 . LEU B 1 57 ? -4.561  -2.401  -9.700  1.00 123.81 ? 57 LEU B CD2 1 
ATOM 958  N N   . GLN B 1 58 ? -2.563  -6.579  -12.467 1.00 147.68 ? 58 GLN B N   1 
ATOM 959  C CA  . GLN B 1 58 ? -2.448  -7.603  -13.498 1.00 149.45 ? 58 GLN B CA  1 
ATOM 960  C C   . GLN B 1 58 ? -3.446  -8.736  -13.236 1.00 150.49 ? 58 GLN B C   1 
ATOM 961  O O   . GLN B 1 58 ? -3.991  -9.325  -14.173 1.00 150.93 ? 58 GLN B O   1 
ATOM 962  C CB  . GLN B 1 58 ? -1.031  -8.155  -13.478 1.00 149.53 ? 58 GLN B CB  1 
ATOM 963  C CG  . GLN B 1 58 ? -0.424  -8.396  -14.835 1.00 150.71 ? 58 GLN B CG  1 
ATOM 964  C CD  . GLN B 1 58 ? 1.056   -8.756  -14.735 1.00 152.04 ? 58 GLN B CD  1 
ATOM 965  O OE1 . GLN B 1 58 ? 1.823   -8.115  -13.995 1.00 151.40 ? 58 GLN B OE1 1 
ATOM 966  N NE2 . GLN B 1 58 ? 1.465   -9.788  -15.479 1.00 152.81 ? 58 GLN B NE2 1 
ATOM 967  N N   . TYR B 1 59 ? -3.658  -9.029  -11.952 1.00 136.15 ? 59 TYR B N   1 
ATOM 968  C CA  . TYR B 1 59 ? -4.617  -10.035 -11.489 1.00 137.27 ? 59 TYR B CA  1 
ATOM 969  C C   . TYR B 1 59 ? -6.052  -9.579  -11.747 1.00 138.41 ? 59 TYR B C   1 
ATOM 970  O O   . TYR B 1 59 ? -6.886  -10.360 -12.212 1.00 138.44 ? 59 TYR B O   1 
ATOM 971  C CB  . TYR B 1 59 ? -4.408  -10.306 -9.989  1.00 136.92 ? 59 TYR B CB  1 
ATOM 972  C CG  . TYR B 1 59 ? -5.190  -11.484 -9.426  1.00 136.64 ? 59 TYR B CG  1 
ATOM 973  C CD1 . TYR B 1 59 ? -4.552  -12.704 -9.164  1.00 136.58 ? 59 TYR B CD1 1 
ATOM 974  C CD2 . TYR B 1 59 ? -6.560  -11.371 -9.135  1.00 136.14 ? 59 TYR B CD2 1 
ATOM 975  C CE1 . TYR B 1 59 ? -5.261  -13.787 -8.639  1.00 136.61 ? 59 TYR B CE1 1 
ATOM 976  C CE2 . TYR B 1 59 ? -7.279  -12.446 -8.615  1.00 136.26 ? 59 TYR B CE2 1 
ATOM 977  C CZ  . TYR B 1 59 ? -6.622  -13.649 -8.369  1.00 136.66 ? 59 TYR B CZ  1 
ATOM 978  O OH  . TYR B 1 59 ? -7.328  -14.712 -7.851  1.00 136.51 ? 59 TYR B OH  1 
ATOM 979  N N   . VAL B 1 60 ? -6.332  -8.316  -11.432 1.00 128.56 ? 60 VAL B N   1 
ATOM 980  C CA  . VAL B 1 60 ? -7.647  -7.718  -11.673 1.00 130.00 ? 60 VAL B CA  1 
ATOM 981  C C   . VAL B 1 60 ? -7.932  -7.631  -13.181 1.00 131.27 ? 60 VAL B C   1 
ATOM 982  O O   . VAL B 1 60 ? -9.064  -7.870  -13.616 1.00 131.45 ? 60 VAL B O   1 
ATOM 983  C CB  . VAL B 1 60 ? -7.789  -6.332  -10.967 1.00 129.93 ? 60 VAL B CB  1 
ATOM 984  C CG1 . VAL B 1 60 ? -8.987  -5.543  -11.493 1.00 130.08 ? 60 VAL B CG1 1 
ATOM 985  C CG2 . VAL B 1 60 ? -7.907  -6.511  -9.459  1.00 129.60 ? 60 VAL B CG2 1 
ATOM 986  N N   . GLU B 1 61 ? -6.903  -7.315  -13.968 1.00 154.53 ? 61 GLU B N   1 
ATOM 987  C CA  . GLU B 1 61 ? -7.024  -7.283  -15.429 1.00 155.92 ? 61 GLU B CA  1 
ATOM 988  C C   . GLU B 1 61 ? -7.239  -8.683  -16.012 1.00 157.06 ? 61 GLU B C   1 
ATOM 989  O O   . GLU B 1 61 ? -7.732  -8.821  -17.134 1.00 157.33 ? 61 GLU B O   1 
ATOM 990  C CB  . GLU B 1 61 ? -5.796  -6.626  -16.067 1.00 155.77 ? 61 GLU B CB  1 
ATOM 991  N N   . ALA B 1 62 ? -6.871  -9.709  -15.242 1.00 166.87 ? 62 ALA B N   1 
ATOM 992  C CA  . ALA B 1 62 ? -7.089  -11.104 -15.633 1.00 168.13 ? 62 ALA B CA  1 
ATOM 993  C C   . ALA B 1 62 ? -8.490  -11.617 -15.270 1.00 169.00 ? 62 ALA B C   1 
ATOM 994  O O   . ALA B 1 62 ? -8.969  -12.593 -15.873 1.00 169.15 ? 62 ALA B O   1 
ATOM 995  C CB  . ALA B 1 62 ? -6.009  -12.006 -15.034 1.00 168.09 ? 62 ALA B CB  1 
ATOM 996  N N   . GLU B 1 63 ? -9.136  -10.959 -14.294 1.00 186.94 ? 63 GLU B N   1 
ATOM 997  C CA  . GLU B 1 63 ? -10.502 -11.317 -13.848 1.00 188.02 ? 63 GLU B CA  1 
ATOM 998  C C   . GLU B 1 63 ? -11.629 -10.758 -14.738 1.00 188.60 ? 63 GLU B C   1 
ATOM 999  O O   . GLU B 1 63 ? -12.661 -11.420 -14.928 1.00 188.84 ? 63 GLU B O   1 
ATOM 1000 C CB  . GLU B 1 63 ? -10.745 -10.876 -12.397 1.00 187.91 ? 63 GLU B CB  1 
ATOM 1001 C CG  . GLU B 1 63 ? -10.133 -11.776 -11.323 1.00 188.11 ? 63 GLU B CG  1 
ATOM 1002 C CD  . GLU B 1 63 ? -10.682 -11.475 -9.925  1.00 188.44 ? 63 GLU B CD  1 
ATOM 1003 O OE1 . GLU B 1 63 ? -10.720 -12.474 -9.100  1.00 189.11 ? 63 GLU B OE1 1 
ATOM 1004 O OE2 . GLU B 1 63 ? -11.076 -10.249 -9.647  1.00 188.56 ? 63 GLU B OE2 1 
ATOM 1005 N N   . ILE B 1 64 ? -11.440 -9.535  -15.253 1.00 137.08 ? 64 ILE B N   1 
ATOM 1006 C CA  . ILE B 1 64 ? -12.398 -8.911  -16.183 1.00 137.77 ? 64 ILE B CA  1 
ATOM 1007 C C   . ILE B 1 64 ? -12.252 -9.494  -17.599 1.00 138.27 ? 64 ILE B C   1 
ATOM 1008 O O   . ILE B 1 64 ? -13.179 -9.393  -18.415 1.00 138.44 ? 64 ILE B O   1 
ATOM 1009 C CB  . ILE B 1 64 ? -12.231 -7.362  -16.226 1.00 137.70 ? 64 ILE B CB  1 
ATOM 1010 N N   . SER B 1 65 ? -11.085 -10.087 -17.876 1.00 164.99 ? 65 SER B N   1 
ATOM 1011 C CA  . SER B 1 65 ? -10.826 -10.802 -19.131 1.00 165.41 ? 65 SER B CA  1 
ATOM 1012 C C   . SER B 1 65 ? -11.547 -12.162 -19.114 1.00 165.76 ? 65 SER B C   1 
ATOM 1013 O O   . SER B 1 65 ? -11.349 -13.019 -19.995 1.00 166.00 ? 65 SER B O   1 
ATOM 1014 C CB  . SER B 1 65 ? -9.311  -10.987 -19.333 1.00 165.38 ? 65 SER B CB  1 
# 
loop_
_pdbx_poly_seq_scheme.asym_id 
_pdbx_poly_seq_scheme.entity_id 
_pdbx_poly_seq_scheme.seq_id 
_pdbx_poly_seq_scheme.mon_id 
_pdbx_poly_seq_scheme.ndb_seq_num 
_pdbx_poly_seq_scheme.pdb_seq_num 
_pdbx_poly_seq_scheme.auth_seq_num 
_pdbx_poly_seq_scheme.pdb_mon_id 
_pdbx_poly_seq_scheme.auth_mon_id 
_pdbx_poly_seq_scheme.pdb_strand_id 
_pdbx_poly_seq_scheme.pdb_ins_code 
_pdbx_poly_seq_scheme.hetero 
A 1 1  MET 1  1  1  MET MET A . n 
A 1 2  SER 2  2  2  SER SER A . n 
A 1 3  ILE 3  3  3  ILE ILE A . n 
A 1 4  THR 4  4  4  THR THR A . n 
A 1 5  SER 5  5  5  SER SER A . n 
A 1 6  ASP 6  6  6  ASP ASP A . n 
A 1 7  GLU 7  7  7  GLU GLU A . n 
A 1 8  VAL 8  8  8  VAL VAL A . n 
A 1 9  ASN 9  9  9  ASN ASN A . n 
A 1 10 PHE 10 10 10 PHE PHE A . n 
A 1 11 LEU 11 11 11 LEU LEU A . n 
A 1 12 VAL 12 12 12 VAL VAL A . n 
A 1 13 TYR 13 13 13 TYR TYR A . n 
A 1 14 ARG 14 14 14 ARG ARG A . n 
A 1 15 TYR 15 15 15 TYR TYR A . n 
A 1 16 LEU 16 16 16 LEU LEU A . n 
A 1 17 GLN 17 17 17 GLN GLN A . n 
A 1 18 GLU 18 18 18 GLU GLU A . n 
A 1 19 SER 19 19 19 SER SER A . n 
A 1 20 GLY 20 20 20 GLY GLY A . n 
A 1 21 PHE 21 21 21 PHE PHE A . n 
A 1 22 SER 22 22 22 SER SER A . n 
A 1 23 HIS 23 23 23 HIS HIS A . n 
A 1 24 SER 24 24 24 SER SER A . n 
A 1 25 ALA 25 25 25 ALA ALA A . n 
A 1 26 PHE 26 26 26 PHE PHE A . n 
A 1 27 THR 27 27 27 THR THR A . n 
A 1 28 PHE 28 28 28 PHE PHE A . n 
A 1 29 GLY 29 29 29 GLY GLY A . n 
A 1 30 ILE 30 30 30 ILE ILE A . n 
A 1 31 GLU 31 31 31 GLU GLU A . n 
A 1 32 SER 32 32 32 SER SER A . n 
A 1 33 HIS 33 33 33 HIS HIS A . n 
A 1 34 ILE 34 34 34 ILE ILE A . n 
A 1 35 SER 35 35 35 SER SER A . n 
A 1 36 GLN 36 36 36 GLN GLN A . n 
A 1 37 SER 37 37 37 SER SER A . n 
A 1 38 ASN 38 38 38 ASN ASN A . n 
A 1 39 ILE 39 39 39 ILE ILE A . n 
A 1 40 ASN 40 40 40 ASN ASN A . n 
A 1 41 GLY 41 41 41 GLY GLY A . n 
A 1 42 THR 42 42 42 THR THR A . n 
A 1 43 LEU 43 43 43 LEU LEU A . n 
A 1 44 VAL 44 44 44 VAL VAL A . n 
A 1 45 PRO 45 45 45 PRO PRO A . n 
A 1 46 PRO 46 46 46 PRO PRO A . n 
A 1 47 ALA 47 47 47 ALA ALA A . n 
A 1 48 ALA 48 48 48 ALA ALA A . n 
A 1 49 LEU 49 49 49 LEU LEU A . n 
A 1 50 ILE 50 50 50 ILE ILE A . n 
A 1 51 SER 51 51 51 SER SER A . n 
A 1 52 ILE 52 52 52 ILE ILE A . n 
A 1 53 LEU 53 53 53 LEU LEU A . n 
A 1 54 GLN 54 54 54 GLN GLN A . n 
A 1 55 LYS 55 55 55 LYS LYS A . n 
A 1 56 GLY 56 56 56 GLY GLY A . n 
A 1 57 LEU 57 57 57 LEU LEU A . n 
A 1 58 GLN 58 58 58 GLN GLN A . n 
A 1 59 TYR 59 59 59 TYR TYR A . n 
A 1 60 VAL 60 60 60 VAL VAL A . n 
A 1 61 GLU 61 61 61 GLU GLU A . n 
A 1 62 ALA 62 62 62 ALA ALA A . n 
A 1 63 GLU 63 63 63 GLU GLU A . n 
A 1 64 ILE 64 64 64 ILE ILE A . n 
A 1 65 SER 65 65 65 SER SER A . n 
A 1 66 ILE 66 66 66 ILE ILE A . n 
A 1 67 ASN 67 67 67 ASN ASN A . n 
A 1 68 GLU 68 68 68 GLU GLU A . n 
A 1 69 ASP 69 69 ?  ?   ?   A . n 
A 1 70 GLY 70 70 ?  ?   ?   A . n 
A 1 71 THR 71 71 ?  ?   ?   A . n 
B 1 1  MET 1  1  ?  ?   ?   B . n 
B 1 2  SER 2  2  2  SER SER B . n 
B 1 3  ILE 3  3  3  ILE ILE B . n 
B 1 4  THR 4  4  4  THR THR B . n 
B 1 5  SER 5  5  5  SER SER B . n 
B 1 6  ASP 6  6  6  ASP ASP B . n 
B 1 7  GLU 7  7  7  GLU GLU B . n 
B 1 8  VAL 8  8  8  VAL VAL B . n 
B 1 9  ASN 9  9  9  ASN ASN B . n 
B 1 10 PHE 10 10 10 PHE PHE B . n 
B 1 11 LEU 11 11 11 LEU LEU B . n 
B 1 12 VAL 12 12 12 VAL VAL B . n 
B 1 13 TYR 13 13 13 TYR TYR B . n 
B 1 14 ARG 14 14 14 ARG ARG B . n 
B 1 15 TYR 15 15 15 TYR TYR B . n 
B 1 16 LEU 16 16 16 LEU LEU B . n 
B 1 17 GLN 17 17 17 GLN GLN B . n 
B 1 18 GLU 18 18 18 GLU GLU B . n 
B 1 19 SER 19 19 19 SER SER B . n 
B 1 20 GLY 20 20 20 GLY GLY B . n 
B 1 21 PHE 21 21 21 PHE PHE B . n 
B 1 22 SER 22 22 22 SER SER B . n 
B 1 23 HIS 23 23 23 HIS HIS B . n 
B 1 24 SER 24 24 24 SER SER B . n 
B 1 25 ALA 25 25 25 ALA ALA B . n 
B 1 26 PHE 26 26 26 PHE PHE B . n 
B 1 27 THR 27 27 27 THR THR B . n 
B 1 28 PHE 28 28 28 PHE PHE B . n 
B 1 29 GLY 29 29 29 GLY GLY B . n 
B 1 30 ILE 30 30 30 ILE ILE B . n 
B 1 31 GLU 31 31 31 GLU GLU B . n 
B 1 32 SER 32 32 32 SER SER B . n 
B 1 33 HIS 33 33 33 HIS HIS B . n 
B 1 34 ILE 34 34 34 ILE ILE B . n 
B 1 35 SER 35 35 35 SER SER B . n 
B 1 36 GLN 36 36 36 GLN GLN B . n 
B 1 37 SER 37 37 37 SER SER B . n 
B 1 38 ASN 38 38 38 ASN ASN B . n 
B 1 39 ILE 39 39 39 ILE ILE B . n 
B 1 40 ASN 40 40 40 ASN ASN B . n 
B 1 41 GLY 41 41 41 GLY GLY B . n 
B 1 42 THR 42 42 42 THR THR B . n 
B 1 43 LEU 43 43 43 LEU LEU B . n 
B 1 44 VAL 44 44 44 VAL VAL B . n 
B 1 45 PRO 45 45 45 PRO PRO B . n 
B 1 46 PRO 46 46 46 PRO PRO B . n 
B 1 47 ALA 47 47 47 ALA ALA B . n 
B 1 48 ALA 48 48 48 ALA ALA B . n 
B 1 49 LEU 49 49 49 LEU LEU B . n 
B 1 50 ILE 50 50 50 ILE ILE B . n 
B 1 51 SER 51 51 51 SER SER B . n 
B 1 52 ILE 52 52 52 ILE ILE B . n 
B 1 53 LEU 53 53 53 LEU LEU B . n 
B 1 54 GLN 54 54 54 GLN GLN B . n 
B 1 55 LYS 55 55 55 LYS LYS B . n 
B 1 56 GLY 56 56 56 GLY GLY B . n 
B 1 57 LEU 57 57 57 LEU LEU B . n 
B 1 58 GLN 58 58 58 GLN GLN B . n 
B 1 59 TYR 59 59 59 TYR TYR B . n 
B 1 60 VAL 60 60 60 VAL VAL B . n 
B 1 61 GLU 61 61 61 GLU GLU B . n 
B 1 62 ALA 62 62 62 ALA ALA B . n 
B 1 63 GLU 63 63 63 GLU GLU B . n 
B 1 64 ILE 64 64 64 ILE ILE B . n 
B 1 65 SER 65 65 65 SER SER B . n 
B 1 66 ILE 66 66 ?  ?   ?   B . n 
B 1 67 ASN 67 67 ?  ?   ?   B . n 
B 1 68 GLU 68 68 ?  ?   ?   B . n 
B 1 69 ASP 69 69 ?  ?   ?   B . n 
B 1 70 GLY 70 70 ?  ?   ?   B . n 
B 1 71 THR 71 71 ?  ?   ?   B . n 
# 
_pdbx_struct_assembly.id                   1 
_pdbx_struct_assembly.details              author_and_software_defined_assembly 
_pdbx_struct_assembly.method_details       PISA 
_pdbx_struct_assembly.oligomeric_details   tetrameric 
_pdbx_struct_assembly.oligomeric_count     4 
# 
_pdbx_struct_assembly_gen.assembly_id       1 
_pdbx_struct_assembly_gen.oper_expression   1,2 
_pdbx_struct_assembly_gen.asym_id_list      A,B 
# 
loop_
_pdbx_struct_assembly_prop.biol_id 
_pdbx_struct_assembly_prop.type 
_pdbx_struct_assembly_prop.value 
_pdbx_struct_assembly_prop.details 
1 'ABSA (A^2)' 6770  ? 
1 MORE         -60.4 ? 
1 'SSA (A^2)'  14360 ? 
# 
loop_
_pdbx_struct_oper_list.id 
_pdbx_struct_oper_list.type 
_pdbx_struct_oper_list.name 
_pdbx_struct_oper_list.symmetry_operation 
_pdbx_struct_oper_list.matrix[1][1] 
_pdbx_struct_oper_list.matrix[1][2] 
_pdbx_struct_oper_list.matrix[1][3] 
_pdbx_struct_oper_list.vector[1] 
_pdbx_struct_oper_list.matrix[2][1] 
_pdbx_struct_oper_list.matrix[2][2] 
_pdbx_struct_oper_list.matrix[2][3] 
_pdbx_struct_oper_list.vector[2] 
_pdbx_struct_oper_list.matrix[3][1] 
_pdbx_struct_oper_list.matrix[3][2] 
_pdbx_struct_oper_list.matrix[3][3] 
_pdbx_struct_oper_list.vector[3] 
1 'identity operation'         1_555 x,y,z           1.0000000000 0.0000000000 0.0000000000  0.0000000000 0.0000000000 1.0000000000  0.0000000000  0.0000000000  0.0000000000  0.0000000000  1.0000000000  0.0000000000  
2 'crystal symmetry operation' 5_654 -x+y+1,y,-z-1/3 0.7268418296 0.3064352038 -0.6146530896 3.4202251613 0.3064352038 -0.9456218094 -0.1090727255 29.1038894223 -0.6146530896 -0.1090727255 -0.7812200202 24.1187173939 
# 
loop_
_pdbx_audit_revision_history.ordinal 
_pdbx_audit_revision_history.data_content_type 
_pdbx_audit_revision_history.major_revision 
_pdbx_audit_revision_history.minor_revision 
_pdbx_audit_revision_history.revision_date 
1 'Structure model' 1 0 2011-01-19 
2 'Structure model' 1 1 2011-05-08 
3 'Structure model' 1 2 2011-07-13 
4 'Structure model' 1 3 2023-12-20 
# 
_pdbx_audit_revision_details.ordinal             1 
_pdbx_audit_revision_details.revision_ordinal    1 
_pdbx_audit_revision_details.data_content_type   'Structure model' 
_pdbx_audit_revision_details.provider            repository 
_pdbx_audit_revision_details.type                'Initial release' 
_pdbx_audit_revision_details.description         ? 
_pdbx_audit_revision_details.details             ? 
# 
loop_
_pdbx_audit_revision_group.ordinal 
_pdbx_audit_revision_group.revision_ordinal 
_pdbx_audit_revision_group.data_content_type 
_pdbx_audit_revision_group.group 
1 2 'Structure model' 'Version format compliance' 
2 3 'Structure model' 'Version format compliance' 
3 4 'Structure model' 'Data collection'           
4 4 'Structure model' 'Database references'       
5 4 'Structure model' Other                       
6 4 'Structure model' 'Refinement description'    
# 
loop_
_pdbx_audit_revision_category.ordinal 
_pdbx_audit_revision_category.revision_ordinal 
_pdbx_audit_revision_category.data_content_type 
_pdbx_audit_revision_category.category 
1 4 'Structure model' chem_comp_atom                
2 4 'Structure model' chem_comp_bond                
3 4 'Structure model' database_2                    
4 4 'Structure model' pdbx_database_status          
5 4 'Structure model' pdbx_initial_refinement_model 
# 
loop_
_pdbx_audit_revision_item.ordinal 
_pdbx_audit_revision_item.revision_ordinal 
_pdbx_audit_revision_item.data_content_type 
_pdbx_audit_revision_item.item 
1 4 'Structure model' '_database_2.pdbx_DOI'                 
2 4 'Structure model' '_database_2.pdbx_database_accession'  
3 4 'Structure model' '_pdbx_database_status.status_code_sf' 
# 
loop_
_software.name 
_software.classification 
_software.version 
_software.citation_id 
_software.pdbx_ordinal 
REFMAC refinement       5.2.0019 ? 1 
MOSFLM 'data reduction' .        ? 2 
SCALA  'data scaling'   .        ? 3 
PHASER phasing          .        ? 4 
# 
_pdbx_entry_details.entry_id                 2XTD 
_pdbx_entry_details.compound_details         ? 
_pdbx_entry_details.source_details           ? 
_pdbx_entry_details.nonpolymer_details       ? 
_pdbx_entry_details.sequence_details         'TBL1X ISOFORM B, UNIPROT ISOFORM 2.' 
_pdbx_entry_details.has_ligand_of_interest   ? 
# 
loop_
_pdbx_validate_close_contact.id 
_pdbx_validate_close_contact.PDB_model_num 
_pdbx_validate_close_contact.auth_atom_id_1 
_pdbx_validate_close_contact.auth_asym_id_1 
_pdbx_validate_close_contact.auth_comp_id_1 
_pdbx_validate_close_contact.auth_seq_id_1 
_pdbx_validate_close_contact.PDB_ins_code_1 
_pdbx_validate_close_contact.label_alt_id_1 
_pdbx_validate_close_contact.auth_atom_id_2 
_pdbx_validate_close_contact.auth_asym_id_2 
_pdbx_validate_close_contact.auth_comp_id_2 
_pdbx_validate_close_contact.auth_seq_id_2 
_pdbx_validate_close_contact.PDB_ins_code_2 
_pdbx_validate_close_contact.label_alt_id_2 
_pdbx_validate_close_contact.dist 
1 1 CA B SER 35 ? ? N B GLN 36 ? ? 1.62 
2 1 OG B SER 35 ? ? N B SER 37 ? ? 1.73 
# 
loop_
_pdbx_validate_rmsd_bond.id 
_pdbx_validate_rmsd_bond.PDB_model_num 
_pdbx_validate_rmsd_bond.auth_atom_id_1 
_pdbx_validate_rmsd_bond.auth_asym_id_1 
_pdbx_validate_rmsd_bond.auth_comp_id_1 
_pdbx_validate_rmsd_bond.auth_seq_id_1 
_pdbx_validate_rmsd_bond.PDB_ins_code_1 
_pdbx_validate_rmsd_bond.label_alt_id_1 
_pdbx_validate_rmsd_bond.auth_atom_id_2 
_pdbx_validate_rmsd_bond.auth_asym_id_2 
_pdbx_validate_rmsd_bond.auth_comp_id_2 
_pdbx_validate_rmsd_bond.auth_seq_id_2 
_pdbx_validate_rmsd_bond.PDB_ins_code_2 
_pdbx_validate_rmsd_bond.label_alt_id_2 
_pdbx_validate_rmsd_bond.bond_value 
_pdbx_validate_rmsd_bond.bond_target_value 
_pdbx_validate_rmsd_bond.bond_deviation 
_pdbx_validate_rmsd_bond.bond_standard_deviation 
_pdbx_validate_rmsd_bond.linker_flag 
1 1 CB B SER 35 ? ? OG B SER 35 ? ? 2.152 1.418 0.734 0.013 N 
2 1 CA B SER 35 ? ? C  B SER 35 ? ? 1.711 1.525 0.186 0.026 N 
3 1 C  B SER 35 ? ? O  B SER 35 ? ? 1.661 1.229 0.432 0.019 N 
# 
loop_
_pdbx_validate_rmsd_angle.id 
_pdbx_validate_rmsd_angle.PDB_model_num 
_pdbx_validate_rmsd_angle.auth_atom_id_1 
_pdbx_validate_rmsd_angle.auth_asym_id_1 
_pdbx_validate_rmsd_angle.auth_comp_id_1 
_pdbx_validate_rmsd_angle.auth_seq_id_1 
_pdbx_validate_rmsd_angle.PDB_ins_code_1 
_pdbx_validate_rmsd_angle.label_alt_id_1 
_pdbx_validate_rmsd_angle.auth_atom_id_2 
_pdbx_validate_rmsd_angle.auth_asym_id_2 
_pdbx_validate_rmsd_angle.auth_comp_id_2 
_pdbx_validate_rmsd_angle.auth_seq_id_2 
_pdbx_validate_rmsd_angle.PDB_ins_code_2 
_pdbx_validate_rmsd_angle.label_alt_id_2 
_pdbx_validate_rmsd_angle.auth_atom_id_3 
_pdbx_validate_rmsd_angle.auth_asym_id_3 
_pdbx_validate_rmsd_angle.auth_comp_id_3 
_pdbx_validate_rmsd_angle.auth_seq_id_3 
_pdbx_validate_rmsd_angle.PDB_ins_code_3 
_pdbx_validate_rmsd_angle.label_alt_id_3 
_pdbx_validate_rmsd_angle.angle_value 
_pdbx_validate_rmsd_angle.angle_target_value 
_pdbx_validate_rmsd_angle.angle_deviation 
_pdbx_validate_rmsd_angle.angle_standard_deviation 
_pdbx_validate_rmsd_angle.linker_flag 
1 1 N  B SER 35 ? ? CA B SER 35 ? ? CB B SER 35 ? ? 120.31 110.50 9.81   1.50 N 
2 1 CA B SER 35 ? ? CB B SER 35 ? ? OG B SER 35 ? ? 90.40  111.20 -20.80 2.70 N 
3 1 CA B SER 35 ? ? C  B SER 35 ? ? O  B SER 35 ? ? 145.13 120.10 25.03  2.10 N 
4 1 CA B SER 35 ? ? C  B SER 35 ? ? N  B GLN 36 ? ? 62.42  117.20 -54.78 2.20 Y 
5 1 O  B SER 35 ? ? C  B SER 35 ? ? N  B GLN 36 ? ? 112.74 122.70 -9.96  1.60 Y 
# 
loop_
_pdbx_validate_torsion.id 
_pdbx_validate_torsion.PDB_model_num 
_pdbx_validate_torsion.auth_comp_id 
_pdbx_validate_torsion.auth_asym_id 
_pdbx_validate_torsion.auth_seq_id 
_pdbx_validate_torsion.PDB_ins_code 
_pdbx_validate_torsion.label_alt_id 
_pdbx_validate_torsion.phi 
_pdbx_validate_torsion.psi 
1 1 SER A 2  ? ? -39.23  130.94 
2 1 ILE B 34 ? ? -69.94  50.33  
3 1 SER B 35 ? ? 130.60  116.89 
4 1 GLN B 36 ? ? -175.67 -20.58 
5 1 ASN B 38 ? ? -97.86  31.02  
6 1 ALA B 47 ? ? 52.46   15.26  
# 
_pdbx_validate_main_chain_plane.id                       1 
_pdbx_validate_main_chain_plane.PDB_model_num            1 
_pdbx_validate_main_chain_plane.auth_comp_id             SER 
_pdbx_validate_main_chain_plane.auth_asym_id             B 
_pdbx_validate_main_chain_plane.auth_seq_id              35 
_pdbx_validate_main_chain_plane.PDB_ins_code             ? 
_pdbx_validate_main_chain_plane.label_alt_id             ? 
_pdbx_validate_main_chain_plane.improper_torsion_angle   -22.39 
# 
loop_
_pdbx_unobs_or_zero_occ_atoms.id 
_pdbx_unobs_or_zero_occ_atoms.PDB_model_num 
_pdbx_unobs_or_zero_occ_atoms.polymer_flag 
_pdbx_unobs_or_zero_occ_atoms.occupancy_flag 
_pdbx_unobs_or_zero_occ_atoms.auth_asym_id 
_pdbx_unobs_or_zero_occ_atoms.auth_comp_id 
_pdbx_unobs_or_zero_occ_atoms.auth_seq_id 
_pdbx_unobs_or_zero_occ_atoms.PDB_ins_code 
_pdbx_unobs_or_zero_occ_atoms.auth_atom_id 
_pdbx_unobs_or_zero_occ_atoms.label_alt_id 
_pdbx_unobs_or_zero_occ_atoms.label_asym_id 
_pdbx_unobs_or_zero_occ_atoms.label_comp_id 
_pdbx_unobs_or_zero_occ_atoms.label_seq_id 
_pdbx_unobs_or_zero_occ_atoms.label_atom_id 
1  1 Y 1 A MET 1  ? CG  ? A MET 1  CG  
2  1 Y 1 A MET 1  ? SD  ? A MET 1  SD  
3  1 Y 1 A MET 1  ? CE  ? A MET 1  CE  
4  1 Y 1 B GLU 61 ? CG  ? B GLU 61 CG  
5  1 Y 1 B GLU 61 ? CD  ? B GLU 61 CD  
6  1 Y 1 B GLU 61 ? OE1 ? B GLU 61 OE1 
7  1 Y 1 B GLU 61 ? OE2 ? B GLU 61 OE2 
8  1 Y 1 B ILE 64 ? CG1 ? B ILE 64 CG1 
9  1 Y 1 B ILE 64 ? CG2 ? B ILE 64 CG2 
10 1 Y 1 B ILE 64 ? CD1 ? B ILE 64 CD1 
11 1 Y 1 B SER 65 ? OG  ? B SER 65 OG  
# 
loop_
_pdbx_unobs_or_zero_occ_residues.id 
_pdbx_unobs_or_zero_occ_residues.PDB_model_num 
_pdbx_unobs_or_zero_occ_residues.polymer_flag 
_pdbx_unobs_or_zero_occ_residues.occupancy_flag 
_pdbx_unobs_or_zero_occ_residues.auth_asym_id 
_pdbx_unobs_or_zero_occ_residues.auth_comp_id 
_pdbx_unobs_or_zero_occ_residues.auth_seq_id 
_pdbx_unobs_or_zero_occ_residues.PDB_ins_code 
_pdbx_unobs_or_zero_occ_residues.label_asym_id 
_pdbx_unobs_or_zero_occ_residues.label_comp_id 
_pdbx_unobs_or_zero_occ_residues.label_seq_id 
1  1 Y 1 A ASP 69 ? A ASP 69 
2  1 Y 1 A GLY 70 ? A GLY 70 
3  1 Y 1 A THR 71 ? A THR 71 
4  1 Y 1 B MET 1  ? B MET 1  
5  1 Y 1 B ILE 66 ? B ILE 66 
6  1 Y 1 B ASN 67 ? B ASN 67 
7  1 Y 1 B GLU 68 ? B GLU 68 
8  1 Y 1 B ASP 69 ? B ASP 69 
9  1 Y 1 B GLY 70 ? B GLY 70 
10 1 Y 1 B THR 71 ? B THR 71 
# 
loop_
_chem_comp_atom.comp_id 
_chem_comp_atom.atom_id 
_chem_comp_atom.type_symbol 
_chem_comp_atom.pdbx_aromatic_flag 
_chem_comp_atom.pdbx_stereo_config 
_chem_comp_atom.pdbx_ordinal 
ALA N    N N N 1   
ALA CA   C N S 2   
ALA C    C N N 3   
ALA O    O N N 4   
ALA CB   C N N 5   
ALA OXT  O N N 6   
ALA H    H N N 7   
ALA H2   H N N 8   
ALA HA   H N N 9   
ALA HB1  H N N 10  
ALA HB2  H N N 11  
ALA HB3  H N N 12  
ALA HXT  H N N 13  
ARG N    N N N 14  
ARG CA   C N S 15  
ARG C    C N N 16  
ARG O    O N N 17  
ARG CB   C N N 18  
ARG CG   C N N 19  
ARG CD   C N N 20  
ARG NE   N N N 21  
ARG CZ   C N N 22  
ARG NH1  N N N 23  
ARG NH2  N N N 24  
ARG OXT  O N N 25  
ARG H    H N N 26  
ARG H2   H N N 27  
ARG HA   H N N 28  
ARG HB2  H N N 29  
ARG HB3  H N N 30  
ARG HG2  H N N 31  
ARG HG3  H N N 32  
ARG HD2  H N N 33  
ARG HD3  H N N 34  
ARG HE   H N N 35  
ARG HH11 H N N 36  
ARG HH12 H N N 37  
ARG HH21 H N N 38  
ARG HH22 H N N 39  
ARG HXT  H N N 40  
ASN N    N N N 41  
ASN CA   C N S 42  
ASN C    C N N 43  
ASN O    O N N 44  
ASN CB   C N N 45  
ASN CG   C N N 46  
ASN OD1  O N N 47  
ASN ND2  N N N 48  
ASN OXT  O N N 49  
ASN H    H N N 50  
ASN H2   H N N 51  
ASN HA   H N N 52  
ASN HB2  H N N 53  
ASN HB3  H N N 54  
ASN HD21 H N N 55  
ASN HD22 H N N 56  
ASN HXT  H N N 57  
ASP N    N N N 58  
ASP CA   C N S 59  
ASP C    C N N 60  
ASP O    O N N 61  
ASP CB   C N N 62  
ASP CG   C N N 63  
ASP OD1  O N N 64  
ASP OD2  O N N 65  
ASP OXT  O N N 66  
ASP H    H N N 67  
ASP H2   H N N 68  
ASP HA   H N N 69  
ASP HB2  H N N 70  
ASP HB3  H N N 71  
ASP HD2  H N N 72  
ASP HXT  H N N 73  
GLN N    N N N 74  
GLN CA   C N S 75  
GLN C    C N N 76  
GLN O    O N N 77  
GLN CB   C N N 78  
GLN CG   C N N 79  
GLN CD   C N N 80  
GLN OE1  O N N 81  
GLN NE2  N N N 82  
GLN OXT  O N N 83  
GLN H    H N N 84  
GLN H2   H N N 85  
GLN HA   H N N 86  
GLN HB2  H N N 87  
GLN HB3  H N N 88  
GLN HG2  H N N 89  
GLN HG3  H N N 90  
GLN HE21 H N N 91  
GLN HE22 H N N 92  
GLN HXT  H N N 93  
GLU N    N N N 94  
GLU CA   C N S 95  
GLU C    C N N 96  
GLU O    O N N 97  
GLU CB   C N N 98  
GLU CG   C N N 99  
GLU CD   C N N 100 
GLU OE1  O N N 101 
GLU OE2  O N N 102 
GLU OXT  O N N 103 
GLU H    H N N 104 
GLU H2   H N N 105 
GLU HA   H N N 106 
GLU HB2  H N N 107 
GLU HB3  H N N 108 
GLU HG2  H N N 109 
GLU HG3  H N N 110 
GLU HE2  H N N 111 
GLU HXT  H N N 112 
GLY N    N N N 113 
GLY CA   C N N 114 
GLY C    C N N 115 
GLY O    O N N 116 
GLY OXT  O N N 117 
GLY H    H N N 118 
GLY H2   H N N 119 
GLY HA2  H N N 120 
GLY HA3  H N N 121 
GLY HXT  H N N 122 
HIS N    N N N 123 
HIS CA   C N S 124 
HIS C    C N N 125 
HIS O    O N N 126 
HIS CB   C N N 127 
HIS CG   C Y N 128 
HIS ND1  N Y N 129 
HIS CD2  C Y N 130 
HIS CE1  C Y N 131 
HIS NE2  N Y N 132 
HIS OXT  O N N 133 
HIS H    H N N 134 
HIS H2   H N N 135 
HIS HA   H N N 136 
HIS HB2  H N N 137 
HIS HB3  H N N 138 
HIS HD1  H N N 139 
HIS HD2  H N N 140 
HIS HE1  H N N 141 
HIS HE2  H N N 142 
HIS HXT  H N N 143 
ILE N    N N N 144 
ILE CA   C N S 145 
ILE C    C N N 146 
ILE O    O N N 147 
ILE CB   C N S 148 
ILE CG1  C N N 149 
ILE CG2  C N N 150 
ILE CD1  C N N 151 
ILE OXT  O N N 152 
ILE H    H N N 153 
ILE H2   H N N 154 
ILE HA   H N N 155 
ILE HB   H N N 156 
ILE HG12 H N N 157 
ILE HG13 H N N 158 
ILE HG21 H N N 159 
ILE HG22 H N N 160 
ILE HG23 H N N 161 
ILE HD11 H N N 162 
ILE HD12 H N N 163 
ILE HD13 H N N 164 
ILE HXT  H N N 165 
LEU N    N N N 166 
LEU CA   C N S 167 
LEU C    C N N 168 
LEU O    O N N 169 
LEU CB   C N N 170 
LEU CG   C N N 171 
LEU CD1  C N N 172 
LEU CD2  C N N 173 
LEU OXT  O N N 174 
LEU H    H N N 175 
LEU H2   H N N 176 
LEU HA   H N N 177 
LEU HB2  H N N 178 
LEU HB3  H N N 179 
LEU HG   H N N 180 
LEU HD11 H N N 181 
LEU HD12 H N N 182 
LEU HD13 H N N 183 
LEU HD21 H N N 184 
LEU HD22 H N N 185 
LEU HD23 H N N 186 
LEU HXT  H N N 187 
LYS N    N N N 188 
LYS CA   C N S 189 
LYS C    C N N 190 
LYS O    O N N 191 
LYS CB   C N N 192 
LYS CG   C N N 193 
LYS CD   C N N 194 
LYS CE   C N N 195 
LYS NZ   N N N 196 
LYS OXT  O N N 197 
LYS H    H N N 198 
LYS H2   H N N 199 
LYS HA   H N N 200 
LYS HB2  H N N 201 
LYS HB3  H N N 202 
LYS HG2  H N N 203 
LYS HG3  H N N 204 
LYS HD2  H N N 205 
LYS HD3  H N N 206 
LYS HE2  H N N 207 
LYS HE3  H N N 208 
LYS HZ1  H N N 209 
LYS HZ2  H N N 210 
LYS HZ3  H N N 211 
LYS HXT  H N N 212 
MET N    N N N 213 
MET CA   C N S 214 
MET C    C N N 215 
MET O    O N N 216 
MET CB   C N N 217 
MET CG   C N N 218 
MET SD   S N N 219 
MET CE   C N N 220 
MET OXT  O N N 221 
MET H    H N N 222 
MET H2   H N N 223 
MET HA   H N N 224 
MET HB2  H N N 225 
MET HB3  H N N 226 
MET HG2  H N N 227 
MET HG3  H N N 228 
MET HE1  H N N 229 
MET HE2  H N N 230 
MET HE3  H N N 231 
MET HXT  H N N 232 
PHE N    N N N 233 
PHE CA   C N S 234 
PHE C    C N N 235 
PHE O    O N N 236 
PHE CB   C N N 237 
PHE CG   C Y N 238 
PHE CD1  C Y N 239 
PHE CD2  C Y N 240 
PHE CE1  C Y N 241 
PHE CE2  C Y N 242 
PHE CZ   C Y N 243 
PHE OXT  O N N 244 
PHE H    H N N 245 
PHE H2   H N N 246 
PHE HA   H N N 247 
PHE HB2  H N N 248 
PHE HB3  H N N 249 
PHE HD1  H N N 250 
PHE HD2  H N N 251 
PHE HE1  H N N 252 
PHE HE2  H N N 253 
PHE HZ   H N N 254 
PHE HXT  H N N 255 
PRO N    N N N 256 
PRO CA   C N S 257 
PRO C    C N N 258 
PRO O    O N N 259 
PRO CB   C N N 260 
PRO CG   C N N 261 
PRO CD   C N N 262 
PRO OXT  O N N 263 
PRO H    H N N 264 
PRO HA   H N N 265 
PRO HB2  H N N 266 
PRO HB3  H N N 267 
PRO HG2  H N N 268 
PRO HG3  H N N 269 
PRO HD2  H N N 270 
PRO HD3  H N N 271 
PRO HXT  H N N 272 
SER N    N N N 273 
SER CA   C N S 274 
SER C    C N N 275 
SER O    O N N 276 
SER CB   C N N 277 
SER OG   O N N 278 
SER OXT  O N N 279 
SER H    H N N 280 
SER H2   H N N 281 
SER HA   H N N 282 
SER HB2  H N N 283 
SER HB3  H N N 284 
SER HG   H N N 285 
SER HXT  H N N 286 
THR N    N N N 287 
THR CA   C N S 288 
THR C    C N N 289 
THR O    O N N 290 
THR CB   C N R 291 
THR OG1  O N N 292 
THR CG2  C N N 293 
THR OXT  O N N 294 
THR H    H N N 295 
THR H2   H N N 296 
THR HA   H N N 297 
THR HB   H N N 298 
THR HG1  H N N 299 
THR HG21 H N N 300 
THR HG22 H N N 301 
THR HG23 H N N 302 
THR HXT  H N N 303 
TYR N    N N N 304 
TYR CA   C N S 305 
TYR C    C N N 306 
TYR O    O N N 307 
TYR CB   C N N 308 
TYR CG   C Y N 309 
TYR CD1  C Y N 310 
TYR CD2  C Y N 311 
TYR CE1  C Y N 312 
TYR CE2  C Y N 313 
TYR CZ   C Y N 314 
TYR OH   O N N 315 
TYR OXT  O N N 316 
TYR H    H N N 317 
TYR H2   H N N 318 
TYR HA   H N N 319 
TYR HB2  H N N 320 
TYR HB3  H N N 321 
TYR HD1  H N N 322 
TYR HD2  H N N 323 
TYR HE1  H N N 324 
TYR HE2  H N N 325 
TYR HH   H N N 326 
TYR HXT  H N N 327 
VAL N    N N N 328 
VAL CA   C N S 329 
VAL C    C N N 330 
VAL O    O N N 331 
VAL CB   C N N 332 
VAL CG1  C N N 333 
VAL CG2  C N N 334 
VAL OXT  O N N 335 
VAL H    H N N 336 
VAL H2   H N N 337 
VAL HA   H N N 338 
VAL HB   H N N 339 
VAL HG11 H N N 340 
VAL HG12 H N N 341 
VAL HG13 H N N 342 
VAL HG21 H N N 343 
VAL HG22 H N N 344 
VAL HG23 H N N 345 
VAL HXT  H N N 346 
# 
loop_
_chem_comp_bond.comp_id 
_chem_comp_bond.atom_id_1 
_chem_comp_bond.atom_id_2 
_chem_comp_bond.value_order 
_chem_comp_bond.pdbx_aromatic_flag 
_chem_comp_bond.pdbx_stereo_config 
_chem_comp_bond.pdbx_ordinal 
ALA N   CA   sing N N 1   
ALA N   H    sing N N 2   
ALA N   H2   sing N N 3   
ALA CA  C    sing N N 4   
ALA CA  CB   sing N N 5   
ALA CA  HA   sing N N 6   
ALA C   O    doub N N 7   
ALA C   OXT  sing N N 8   
ALA CB  HB1  sing N N 9   
ALA CB  HB2  sing N N 10  
ALA CB  HB3  sing N N 11  
ALA OXT HXT  sing N N 12  
ARG N   CA   sing N N 13  
ARG N   H    sing N N 14  
ARG N   H2   sing N N 15  
ARG CA  C    sing N N 16  
ARG CA  CB   sing N N 17  
ARG CA  HA   sing N N 18  
ARG C   O    doub N N 19  
ARG C   OXT  sing N N 20  
ARG CB  CG   sing N N 21  
ARG CB  HB2  sing N N 22  
ARG CB  HB3  sing N N 23  
ARG CG  CD   sing N N 24  
ARG CG  HG2  sing N N 25  
ARG CG  HG3  sing N N 26  
ARG CD  NE   sing N N 27  
ARG CD  HD2  sing N N 28  
ARG CD  HD3  sing N N 29  
ARG NE  CZ   sing N N 30  
ARG NE  HE   sing N N 31  
ARG CZ  NH1  sing N N 32  
ARG CZ  NH2  doub N N 33  
ARG NH1 HH11 sing N N 34  
ARG NH1 HH12 sing N N 35  
ARG NH2 HH21 sing N N 36  
ARG NH2 HH22 sing N N 37  
ARG OXT HXT  sing N N 38  
ASN N   CA   sing N N 39  
ASN N   H    sing N N 40  
ASN N   H2   sing N N 41  
ASN CA  C    sing N N 42  
ASN CA  CB   sing N N 43  
ASN CA  HA   sing N N 44  
ASN C   O    doub N N 45  
ASN C   OXT  sing N N 46  
ASN CB  CG   sing N N 47  
ASN CB  HB2  sing N N 48  
ASN CB  HB3  sing N N 49  
ASN CG  OD1  doub N N 50  
ASN CG  ND2  sing N N 51  
ASN ND2 HD21 sing N N 52  
ASN ND2 HD22 sing N N 53  
ASN OXT HXT  sing N N 54  
ASP N   CA   sing N N 55  
ASP N   H    sing N N 56  
ASP N   H2   sing N N 57  
ASP CA  C    sing N N 58  
ASP CA  CB   sing N N 59  
ASP CA  HA   sing N N 60  
ASP C   O    doub N N 61  
ASP C   OXT  sing N N 62  
ASP CB  CG   sing N N 63  
ASP CB  HB2  sing N N 64  
ASP CB  HB3  sing N N 65  
ASP CG  OD1  doub N N 66  
ASP CG  OD2  sing N N 67  
ASP OD2 HD2  sing N N 68  
ASP OXT HXT  sing N N 69  
GLN N   CA   sing N N 70  
GLN N   H    sing N N 71  
GLN N   H2   sing N N 72  
GLN CA  C    sing N N 73  
GLN CA  CB   sing N N 74  
GLN CA  HA   sing N N 75  
GLN C   O    doub N N 76  
GLN C   OXT  sing N N 77  
GLN CB  CG   sing N N 78  
GLN CB  HB2  sing N N 79  
GLN CB  HB3  sing N N 80  
GLN CG  CD   sing N N 81  
GLN CG  HG2  sing N N 82  
GLN CG  HG3  sing N N 83  
GLN CD  OE1  doub N N 84  
GLN CD  NE2  sing N N 85  
GLN NE2 HE21 sing N N 86  
GLN NE2 HE22 sing N N 87  
GLN OXT HXT  sing N N 88  
GLU N   CA   sing N N 89  
GLU N   H    sing N N 90  
GLU N   H2   sing N N 91  
GLU CA  C    sing N N 92  
GLU CA  CB   sing N N 93  
GLU CA  HA   sing N N 94  
GLU C   O    doub N N 95  
GLU C   OXT  sing N N 96  
GLU CB  CG   sing N N 97  
GLU CB  HB2  sing N N 98  
GLU CB  HB3  sing N N 99  
GLU CG  CD   sing N N 100 
GLU CG  HG2  sing N N 101 
GLU CG  HG3  sing N N 102 
GLU CD  OE1  doub N N 103 
GLU CD  OE2  sing N N 104 
GLU OE2 HE2  sing N N 105 
GLU OXT HXT  sing N N 106 
GLY N   CA   sing N N 107 
GLY N   H    sing N N 108 
GLY N   H2   sing N N 109 
GLY CA  C    sing N N 110 
GLY CA  HA2  sing N N 111 
GLY CA  HA3  sing N N 112 
GLY C   O    doub N N 113 
GLY C   OXT  sing N N 114 
GLY OXT HXT  sing N N 115 
HIS N   CA   sing N N 116 
HIS N   H    sing N N 117 
HIS N   H2   sing N N 118 
HIS CA  C    sing N N 119 
HIS CA  CB   sing N N 120 
HIS CA  HA   sing N N 121 
HIS C   O    doub N N 122 
HIS C   OXT  sing N N 123 
HIS CB  CG   sing N N 124 
HIS CB  HB2  sing N N 125 
HIS CB  HB3  sing N N 126 
HIS CG  ND1  sing Y N 127 
HIS CG  CD2  doub Y N 128 
HIS ND1 CE1  doub Y N 129 
HIS ND1 HD1  sing N N 130 
HIS CD2 NE2  sing Y N 131 
HIS CD2 HD2  sing N N 132 
HIS CE1 NE2  sing Y N 133 
HIS CE1 HE1  sing N N 134 
HIS NE2 HE2  sing N N 135 
HIS OXT HXT  sing N N 136 
ILE N   CA   sing N N 137 
ILE N   H    sing N N 138 
ILE N   H2   sing N N 139 
ILE CA  C    sing N N 140 
ILE CA  CB   sing N N 141 
ILE CA  HA   sing N N 142 
ILE C   O    doub N N 143 
ILE C   OXT  sing N N 144 
ILE CB  CG1  sing N N 145 
ILE CB  CG2  sing N N 146 
ILE CB  HB   sing N N 147 
ILE CG1 CD1  sing N N 148 
ILE CG1 HG12 sing N N 149 
ILE CG1 HG13 sing N N 150 
ILE CG2 HG21 sing N N 151 
ILE CG2 HG22 sing N N 152 
ILE CG2 HG23 sing N N 153 
ILE CD1 HD11 sing N N 154 
ILE CD1 HD12 sing N N 155 
ILE CD1 HD13 sing N N 156 
ILE OXT HXT  sing N N 157 
LEU N   CA   sing N N 158 
LEU N   H    sing N N 159 
LEU N   H2   sing N N 160 
LEU CA  C    sing N N 161 
LEU CA  CB   sing N N 162 
LEU CA  HA   sing N N 163 
LEU C   O    doub N N 164 
LEU C   OXT  sing N N 165 
LEU CB  CG   sing N N 166 
LEU CB  HB2  sing N N 167 
LEU CB  HB3  sing N N 168 
LEU CG  CD1  sing N N 169 
LEU CG  CD2  sing N N 170 
LEU CG  HG   sing N N 171 
LEU CD1 HD11 sing N N 172 
LEU CD1 HD12 sing N N 173 
LEU CD1 HD13 sing N N 174 
LEU CD2 HD21 sing N N 175 
LEU CD2 HD22 sing N N 176 
LEU CD2 HD23 sing N N 177 
LEU OXT HXT  sing N N 178 
LYS N   CA   sing N N 179 
LYS N   H    sing N N 180 
LYS N   H2   sing N N 181 
LYS CA  C    sing N N 182 
LYS CA  CB   sing N N 183 
LYS CA  HA   sing N N 184 
LYS C   O    doub N N 185 
LYS C   OXT  sing N N 186 
LYS CB  CG   sing N N 187 
LYS CB  HB2  sing N N 188 
LYS CB  HB3  sing N N 189 
LYS CG  CD   sing N N 190 
LYS CG  HG2  sing N N 191 
LYS CG  HG3  sing N N 192 
LYS CD  CE   sing N N 193 
LYS CD  HD2  sing N N 194 
LYS CD  HD3  sing N N 195 
LYS CE  NZ   sing N N 196 
LYS CE  HE2  sing N N 197 
LYS CE  HE3  sing N N 198 
LYS NZ  HZ1  sing N N 199 
LYS NZ  HZ2  sing N N 200 
LYS NZ  HZ3  sing N N 201 
LYS OXT HXT  sing N N 202 
MET N   CA   sing N N 203 
MET N   H    sing N N 204 
MET N   H2   sing N N 205 
MET CA  C    sing N N 206 
MET CA  CB   sing N N 207 
MET CA  HA   sing N N 208 
MET C   O    doub N N 209 
MET C   OXT  sing N N 210 
MET CB  CG   sing N N 211 
MET CB  HB2  sing N N 212 
MET CB  HB3  sing N N 213 
MET CG  SD   sing N N 214 
MET CG  HG2  sing N N 215 
MET CG  HG3  sing N N 216 
MET SD  CE   sing N N 217 
MET CE  HE1  sing N N 218 
MET CE  HE2  sing N N 219 
MET CE  HE3  sing N N 220 
MET OXT HXT  sing N N 221 
PHE N   CA   sing N N 222 
PHE N   H    sing N N 223 
PHE N   H2   sing N N 224 
PHE CA  C    sing N N 225 
PHE CA  CB   sing N N 226 
PHE CA  HA   sing N N 227 
PHE C   O    doub N N 228 
PHE C   OXT  sing N N 229 
PHE CB  CG   sing N N 230 
PHE CB  HB2  sing N N 231 
PHE CB  HB3  sing N N 232 
PHE CG  CD1  doub Y N 233 
PHE CG  CD2  sing Y N 234 
PHE CD1 CE1  sing Y N 235 
PHE CD1 HD1  sing N N 236 
PHE CD2 CE2  doub Y N 237 
PHE CD2 HD2  sing N N 238 
PHE CE1 CZ   doub Y N 239 
PHE CE1 HE1  sing N N 240 
PHE CE2 CZ   sing Y N 241 
PHE CE2 HE2  sing N N 242 
PHE CZ  HZ   sing N N 243 
PHE OXT HXT  sing N N 244 
PRO N   CA   sing N N 245 
PRO N   CD   sing N N 246 
PRO N   H    sing N N 247 
PRO CA  C    sing N N 248 
PRO CA  CB   sing N N 249 
PRO CA  HA   sing N N 250 
PRO C   O    doub N N 251 
PRO C   OXT  sing N N 252 
PRO CB  CG   sing N N 253 
PRO CB  HB2  sing N N 254 
PRO CB  HB3  sing N N 255 
PRO CG  CD   sing N N 256 
PRO CG  HG2  sing N N 257 
PRO CG  HG3  sing N N 258 
PRO CD  HD2  sing N N 259 
PRO CD  HD3  sing N N 260 
PRO OXT HXT  sing N N 261 
SER N   CA   sing N N 262 
SER N   H    sing N N 263 
SER N   H2   sing N N 264 
SER CA  C    sing N N 265 
SER CA  CB   sing N N 266 
SER CA  HA   sing N N 267 
SER C   O    doub N N 268 
SER C   OXT  sing N N 269 
SER CB  OG   sing N N 270 
SER CB  HB2  sing N N 271 
SER CB  HB3  sing N N 272 
SER OG  HG   sing N N 273 
SER OXT HXT  sing N N 274 
THR N   CA   sing N N 275 
THR N   H    sing N N 276 
THR N   H2   sing N N 277 
THR CA  C    sing N N 278 
THR CA  CB   sing N N 279 
THR CA  HA   sing N N 280 
THR C   O    doub N N 281 
THR C   OXT  sing N N 282 
THR CB  OG1  sing N N 283 
THR CB  CG2  sing N N 284 
THR CB  HB   sing N N 285 
THR OG1 HG1  sing N N 286 
THR CG2 HG21 sing N N 287 
THR CG2 HG22 sing N N 288 
THR CG2 HG23 sing N N 289 
THR OXT HXT  sing N N 290 
TYR N   CA   sing N N 291 
TYR N   H    sing N N 292 
TYR N   H2   sing N N 293 
TYR CA  C    sing N N 294 
TYR CA  CB   sing N N 295 
TYR CA  HA   sing N N 296 
TYR C   O    doub N N 297 
TYR C   OXT  sing N N 298 
TYR CB  CG   sing N N 299 
TYR CB  HB2  sing N N 300 
TYR CB  HB3  sing N N 301 
TYR CG  CD1  doub Y N 302 
TYR CG  CD2  sing Y N 303 
TYR CD1 CE1  sing Y N 304 
TYR CD1 HD1  sing N N 305 
TYR CD2 CE2  doub Y N 306 
TYR CD2 HD2  sing N N 307 
TYR CE1 CZ   doub Y N 308 
TYR CE1 HE1  sing N N 309 
TYR CE2 CZ   sing Y N 310 
TYR CE2 HE2  sing N N 311 
TYR CZ  OH   sing N N 312 
TYR OH  HH   sing N N 313 
TYR OXT HXT  sing N N 314 
VAL N   CA   sing N N 315 
VAL N   H    sing N N 316 
VAL N   H2   sing N N 317 
VAL CA  C    sing N N 318 
VAL CA  CB   sing N N 319 
VAL CA  HA   sing N N 320 
VAL C   O    doub N N 321 
VAL C   OXT  sing N N 322 
VAL CB  CG1  sing N N 323 
VAL CB  CG2  sing N N 324 
VAL CB  HB   sing N N 325 
VAL CG1 HG11 sing N N 326 
VAL CG1 HG12 sing N N 327 
VAL CG1 HG13 sing N N 328 
VAL CG2 HG21 sing N N 329 
VAL CG2 HG22 sing N N 330 
VAL CG2 HG23 sing N N 331 
VAL OXT HXT  sing N N 332 
# 
_pdbx_initial_refinement_model.id               1 
_pdbx_initial_refinement_model.entity_id_list   ? 
_pdbx_initial_refinement_model.type             'experimental model' 
_pdbx_initial_refinement_model.source_name      PDB 
_pdbx_initial_refinement_model.accession_code   2XTC 
_pdbx_initial_refinement_model.details          'PDB ENTRY 2XTC' 
# 
